data_2M9Q
#
_entry.id   2M9Q
#
loop_
_entity.id
_entity.type
_entity.pdbx_description
1 polymer 'Serine protease subunit NS2B, Serine protease NS3'
2 polymer 'Serine protease inhibitor'
#
loop_
_entity_poly.entity_id
_entity_poly.type
_entity_poly.pdbx_seq_one_letter_code
_entity_poly.pdbx_strand_id
1 'polypeptide(L)'
;GSAADLELERAADVKWEDQAEISGSSPILSITISEDGSMSIKNEEEEQTLGGGGSGGGGEFAGVLWDVPSPPPVGKAELE
DGAYRIKQKGILGYSQIGAGVYKEGTFHTMWHVTRGAVLMHKGKRIEPSWADVKKDLISYGGGWKLEGEWKEGEEVQVLA
LEPGKNPRAVQTKPGLFKTNAGTIGAVSLDFSPGTSGSPIIDKKGKVVGLYGNGVVTRSGAYVSAIAQTEKSIEDNPEIE
;
A
2 'polypeptide(L)' (BEZ)(NLE)KR(M9P) B
#
# COMPACT_ATOMS: atom_id res chain seq x y z
N GLY A 1 -11.20 -17.79 10.93
CA GLY A 1 -10.50 -16.48 11.00
C GLY A 1 -10.69 -15.66 9.72
N SER A 2 -9.66 -15.65 8.88
CA SER A 2 -9.59 -14.80 7.67
C SER A 2 -9.09 -15.63 6.48
N ALA A 3 -8.63 -14.96 5.40
CA ALA A 3 -8.11 -15.59 4.17
C ALA A 3 -9.21 -16.38 3.44
N ALA A 4 -10.44 -15.81 3.46
CA ALA A 4 -11.63 -16.45 2.88
C ALA A 4 -12.52 -15.46 2.10
N ASP A 5 -12.16 -14.15 2.13
CA ASP A 5 -12.94 -13.08 1.46
C ASP A 5 -12.19 -11.75 1.58
N LEU A 6 -11.36 -11.48 0.58
CA LEU A 6 -10.51 -10.31 0.44
C LEU A 6 -10.66 -9.77 -0.99
N GLU A 7 -11.55 -8.79 -1.18
CA GLU A 7 -11.95 -8.29 -2.52
C GLU A 7 -11.18 -7.01 -2.92
N LEU A 8 -10.83 -6.99 -4.22
CA LEU A 8 -10.19 -5.83 -4.92
C LEU A 8 -11.22 -4.79 -5.45
N GLU A 9 -10.84 -3.49 -5.49
CA GLU A 9 -11.65 -2.43 -6.17
C GLU A 9 -10.71 -1.36 -6.77
N ARG A 10 -10.60 -1.25 -8.09
CA ARG A 10 -9.84 -0.14 -8.71
C ARG A 10 -10.49 1.21 -8.36
N ALA A 11 -9.64 2.20 -8.02
CA ALA A 11 -10.10 3.57 -7.69
C ALA A 11 -9.38 4.59 -8.59
N ALA A 12 -8.16 4.24 -9.01
CA ALA A 12 -7.27 5.12 -9.78
C ALA A 12 -6.19 4.28 -10.47
N ASP A 13 -5.18 4.95 -11.04
CA ASP A 13 -4.00 4.29 -11.63
C ASP A 13 -2.77 4.55 -10.74
N VAL A 14 -1.80 3.61 -10.76
CA VAL A 14 -0.52 3.83 -10.06
C VAL A 14 0.30 4.80 -10.91
N LYS A 15 0.26 6.08 -10.54
CA LYS A 15 0.85 7.18 -11.31
C LYS A 15 0.75 8.45 -10.46
N TRP A 16 1.57 9.47 -10.79
CA TRP A 16 1.44 10.78 -10.17
C TRP A 16 0.08 11.41 -10.53
N GLU A 17 -0.67 11.82 -9.51
CA GLU A 17 -1.92 12.58 -9.67
C GLU A 17 -1.61 14.08 -9.52
N ASP A 18 -2.32 14.92 -10.30
CA ASP A 18 -2.13 16.38 -10.32
C ASP A 18 -2.55 17.08 -9.03
N GLN A 19 -3.11 16.32 -8.06
CA GLN A 19 -3.51 16.85 -6.73
C GLN A 19 -2.28 16.91 -5.77
N ALA A 20 -1.10 17.24 -6.34
CA ALA A 20 0.19 17.33 -5.63
C ALA A 20 0.16 18.40 -4.53
N GLU A 21 0.23 17.96 -3.26
CA GLU A 21 0.15 18.84 -2.07
C GLU A 21 1.40 18.64 -1.18
N ILE A 22 2.17 19.72 -0.97
CA ILE A 22 3.38 19.67 -0.14
C ILE A 22 2.98 19.64 1.36
N SER A 23 3.29 18.51 2.02
CA SER A 23 2.91 18.26 3.43
C SER A 23 3.99 17.46 4.18
N GLY A 24 4.82 16.68 3.43
CA GLY A 24 5.96 15.94 4.00
C GLY A 24 7.08 16.84 4.54
N SER A 25 8.34 16.37 4.39
CA SER A 25 9.56 17.10 4.84
C SER A 25 9.60 17.27 6.38
N SER A 26 8.81 16.46 7.11
CA SER A 26 8.67 16.56 8.57
C SER A 26 10.02 16.22 9.26
N PRO A 27 10.62 17.18 10.05
CA PRO A 27 12.06 17.14 10.43
C PRO A 27 12.45 15.95 11.34
N ILE A 28 12.51 16.16 12.68
CA ILE A 28 12.89 15.10 13.63
C ILE A 28 11.70 14.73 14.51
N LEU A 29 11.27 13.46 14.44
CA LEU A 29 10.23 12.91 15.33
C LEU A 29 10.84 11.90 16.32
N SER A 30 10.08 11.57 17.38
CA SER A 30 10.45 10.52 18.34
C SER A 30 9.42 9.38 18.26
N ILE A 31 9.87 8.22 17.74
CA ILE A 31 9.03 7.01 17.58
C ILE A 31 9.58 5.91 18.51
N THR A 32 8.67 5.10 19.10
CA THR A 32 9.05 4.09 20.10
C THR A 32 9.34 2.76 19.36
N ILE A 33 10.64 2.41 19.32
CA ILE A 33 11.16 1.25 18.60
C ILE A 33 10.93 -0.03 19.43
N SER A 34 10.31 -1.05 18.82
CA SER A 34 9.99 -2.32 19.49
C SER A 34 11.04 -3.40 19.10
N GLU A 35 12.06 -3.55 19.98
CA GLU A 35 13.12 -4.59 19.89
C GLU A 35 13.90 -4.53 18.54
N ASP A 36 13.95 -3.29 17.96
CA ASP A 36 14.73 -2.96 16.73
C ASP A 36 14.06 -3.46 15.43
N GLY A 37 13.54 -4.71 15.44
CA GLY A 37 12.84 -5.27 14.29
C GLY A 37 11.56 -4.51 13.96
N SER A 38 10.79 -4.15 15.00
CA SER A 38 9.55 -3.39 14.85
C SER A 38 9.74 -1.93 15.30
N MET A 39 8.81 -1.06 14.85
CA MET A 39 8.80 0.38 15.20
C MET A 39 7.35 0.88 15.18
N SER A 40 6.96 1.69 16.19
CA SER A 40 5.58 2.21 16.32
C SER A 40 5.52 3.38 17.29
N ILE A 41 4.33 3.97 17.44
CA ILE A 41 4.04 4.95 18.50
C ILE A 41 3.23 4.18 19.58
N LYS A 42 3.41 4.53 20.86
CA LYS A 42 2.62 3.93 21.94
C LYS A 42 1.35 4.78 22.19
N ASN A 43 0.46 4.70 21.21
CA ASN A 43 -0.86 5.31 21.20
C ASN A 43 -1.72 4.50 20.24
N GLU A 44 -2.76 3.83 20.79
CA GLU A 44 -3.69 3.03 20.00
C GLU A 44 -4.54 3.93 19.08
N GLU A 45 -4.18 3.93 17.80
CA GLU A 45 -4.96 4.57 16.71
C GLU A 45 -6.09 3.61 16.24
N GLU A 46 -7.08 4.15 15.51
CA GLU A 46 -8.17 3.36 14.86
C GLU A 46 -8.79 4.21 13.75
N GLU A 47 -8.67 3.72 12.49
CA GLU A 47 -8.98 4.51 11.27
C GLU A 47 -9.22 3.62 10.02
N GLN A 48 -9.95 2.49 10.20
CA GLN A 48 -10.32 1.57 9.08
C GLN A 48 -11.45 2.18 8.18
N THR A 49 -11.10 3.16 7.29
CA THR A 49 -12.08 3.84 6.40
C THR A 49 -11.38 4.42 5.13
N LEU A 50 -11.82 3.97 3.92
CA LEU A 50 -11.28 4.39 2.59
C LEU A 50 -12.30 4.09 1.47
N GLY A 51 -12.47 2.79 1.16
CA GLY A 51 -13.44 2.33 0.17
C GLY A 51 -14.88 2.64 0.57
N GLY A 52 -15.75 2.81 -0.44
CA GLY A 52 -17.10 3.29 -0.25
C GLY A 52 -17.10 4.79 0.09
N GLY A 53 -17.85 5.16 1.16
CA GLY A 53 -17.94 6.56 1.60
C GLY A 53 -18.65 7.45 0.59
N GLY A 54 -19.60 6.85 -0.16
CA GLY A 54 -20.32 7.53 -1.23
C GLY A 54 -20.65 6.57 -2.37
N SER A 55 -21.63 6.95 -3.19
CA SER A 55 -22.06 6.16 -4.36
C SER A 55 -21.11 6.45 -5.55
N GLY A 56 -19.92 5.83 -5.49
CA GLY A 56 -18.86 6.07 -6.48
C GLY A 56 -18.66 4.91 -7.44
N GLY A 57 -19.78 4.30 -7.87
CA GLY A 57 -19.75 3.12 -8.74
C GLY A 57 -19.38 1.86 -7.98
N GLY A 58 -18.10 1.79 -7.58
CA GLY A 58 -17.62 0.71 -6.74
C GLY A 58 -18.21 0.77 -5.34
N GLY A 59 -18.82 -0.33 -4.93
CA GLY A 59 -19.45 -0.45 -3.63
C GLY A 59 -20.42 -1.60 -3.57
N GLU A 60 -21.17 -1.68 -2.46
CA GLU A 60 -22.22 -2.68 -2.25
C GLU A 60 -22.95 -2.39 -0.94
N PHE A 61 -22.15 -2.20 0.13
CA PHE A 61 -22.65 -1.99 1.51
C PHE A 61 -23.48 -3.22 1.96
N ALA A 62 -22.80 -4.36 2.06
CA ALA A 62 -23.37 -5.65 2.50
C ALA A 62 -22.22 -6.61 2.77
N GLY A 63 -21.44 -6.87 1.71
CA GLY A 63 -20.21 -7.64 1.80
C GLY A 63 -19.01 -6.73 1.67
N VAL A 64 -18.56 -6.47 0.40
CA VAL A 64 -17.34 -5.67 0.17
C VAL A 64 -17.66 -4.52 -0.83
N LEU A 65 -16.94 -4.46 -1.96
CA LEU A 65 -16.89 -3.33 -2.88
C LEU A 65 -15.96 -3.71 -4.03
N TRP A 66 -16.24 -3.32 -5.28
CA TRP A 66 -15.39 -3.75 -6.42
C TRP A 66 -15.26 -2.76 -7.58
N ASP A 67 -14.44 -3.22 -8.53
CA ASP A 67 -14.14 -2.61 -9.83
C ASP A 67 -13.14 -3.56 -10.50
N VAL A 68 -13.61 -4.77 -10.83
CA VAL A 68 -12.76 -5.85 -11.38
C VAL A 68 -13.40 -6.37 -12.72
N PRO A 69 -12.67 -6.25 -13.88
CA PRO A 69 -13.21 -6.55 -15.21
C PRO A 69 -12.71 -7.87 -15.85
N SER A 70 -12.38 -8.88 -15.01
CA SER A 70 -11.97 -10.21 -15.50
C SER A 70 -13.13 -10.87 -16.32
N PRO A 71 -13.03 -10.93 -17.69
CA PRO A 71 -14.14 -11.36 -18.55
C PRO A 71 -14.12 -12.89 -18.82
N PRO A 72 -15.31 -13.58 -18.77
CA PRO A 72 -15.44 -14.99 -19.22
C PRO A 72 -14.84 -15.27 -20.64
N PRO A 73 -15.07 -14.42 -21.71
CA PRO A 73 -14.35 -14.57 -22.99
C PRO A 73 -12.89 -14.05 -22.87
N VAL A 74 -11.93 -15.00 -22.73
CA VAL A 74 -10.47 -14.73 -22.65
C VAL A 74 -10.12 -13.77 -21.47
N GLY A 75 -9.74 -14.37 -20.32
CA GLY A 75 -9.44 -13.60 -19.10
C GLY A 75 -8.51 -14.35 -18.17
N LYS A 76 -9.05 -15.41 -17.55
CA LYS A 76 -8.35 -16.29 -16.59
C LYS A 76 -7.95 -15.55 -15.29
N ALA A 77 -6.91 -14.70 -15.35
CA ALA A 77 -6.39 -13.94 -14.19
C ALA A 77 -7.21 -12.65 -13.97
N GLU A 78 -6.95 -11.97 -12.84
CA GLU A 78 -7.61 -10.70 -12.49
C GLU A 78 -6.66 -9.53 -12.80
N LEU A 79 -7.21 -8.45 -13.40
CA LEU A 79 -6.45 -7.24 -13.76
C LEU A 79 -7.42 -6.07 -13.99
N GLU A 80 -7.51 -5.18 -13.00
CA GLU A 80 -8.32 -3.94 -13.05
C GLU A 80 -7.44 -2.79 -13.52
N ASP A 81 -6.12 -2.98 -13.29
CA ASP A 81 -5.02 -2.14 -13.80
C ASP A 81 -4.96 -0.78 -13.09
N GLY A 82 -4.01 -0.66 -12.14
CA GLY A 82 -3.76 0.61 -11.44
C GLY A 82 -3.80 0.51 -9.92
N ALA A 83 -4.17 1.64 -9.29
CA ALA A 83 -4.23 1.80 -7.83
C ALA A 83 -5.64 1.48 -7.34
N TYR A 84 -5.73 0.49 -6.47
CA TYR A 84 -7.00 -0.07 -6.02
C TYR A 84 -7.32 0.38 -4.61
N ARG A 85 -8.61 0.61 -4.30
CA ARG A 85 -9.15 0.50 -2.94
C ARG A 85 -9.44 -0.98 -2.68
N ILE A 86 -9.01 -1.54 -1.55
CA ILE A 86 -9.18 -2.96 -1.26
C ILE A 86 -9.73 -3.13 0.16
N LYS A 87 -10.63 -4.13 0.33
CA LYS A 87 -11.42 -4.36 1.57
C LYS A 87 -11.70 -5.87 1.74
N GLN A 88 -11.52 -6.41 2.98
CA GLN A 88 -11.90 -7.82 3.30
C GLN A 88 -13.10 -7.90 4.24
N LYS A 89 -13.77 -9.07 4.21
CA LYS A 89 -14.58 -9.55 5.35
C LYS A 89 -13.72 -10.60 6.09
N GLY A 90 -12.98 -10.11 7.09
CA GLY A 90 -12.06 -10.93 7.90
C GLY A 90 -11.59 -10.19 9.15
N ILE A 91 -10.83 -10.87 10.03
CA ILE A 91 -10.16 -10.27 11.23
C ILE A 91 -11.18 -9.62 12.21
N LEU A 92 -11.63 -8.39 11.87
CA LEU A 92 -12.57 -7.61 12.70
C LEU A 92 -13.77 -7.15 11.82
N GLY A 93 -14.08 -7.97 10.80
CA GLY A 93 -15.27 -7.77 9.95
C GLY A 93 -14.95 -7.12 8.61
N TYR A 94 -15.87 -6.26 8.15
CA TYR A 94 -15.81 -5.64 6.82
C TYR A 94 -14.96 -4.37 6.90
N SER A 95 -13.64 -4.41 6.56
CA SER A 95 -12.81 -3.19 6.64
C SER A 95 -11.82 -3.10 5.46
N GLN A 96 -11.56 -1.85 5.04
CA GLN A 96 -10.74 -1.48 3.87
C GLN A 96 -9.31 -1.00 4.25
N ILE A 97 -8.28 -1.56 3.57
CA ILE A 97 -6.87 -1.13 3.73
C ILE A 97 -6.55 -0.04 2.73
N GLY A 98 -7.23 -0.09 1.59
CA GLY A 98 -7.04 0.88 0.54
C GLY A 98 -6.16 0.37 -0.57
N ALA A 99 -4.82 0.48 -0.51
CA ALA A 99 -4.08 0.61 -1.77
C ALA A 99 -3.49 -0.72 -2.22
N GLY A 100 -3.95 -1.13 -3.42
CA GLY A 100 -3.50 -2.33 -4.11
C GLY A 100 -2.88 -1.93 -5.43
N VAL A 101 -1.63 -2.31 -5.64
CA VAL A 101 -0.80 -1.78 -6.71
C VAL A 101 -0.58 -2.83 -7.79
N TYR A 102 -1.25 -2.69 -8.96
CA TYR A 102 -1.06 -3.60 -10.11
C TYR A 102 -0.64 -2.80 -11.33
N LYS A 103 0.57 -3.09 -11.80
CA LYS A 103 1.18 -2.45 -12.98
C LYS A 103 1.55 -3.54 -13.99
N GLU A 104 1.08 -3.37 -15.23
CA GLU A 104 1.39 -4.26 -16.38
C GLU A 104 0.78 -5.67 -16.17
N GLY A 105 1.46 -6.51 -15.37
CA GLY A 105 0.97 -7.86 -15.07
C GLY A 105 1.26 -8.30 -13.64
N THR A 106 1.89 -7.42 -12.84
CA THR A 106 2.35 -7.74 -11.47
C THR A 106 1.63 -6.87 -10.44
N PHE A 107 1.02 -7.53 -9.44
CA PHE A 107 0.39 -6.87 -8.28
C PHE A 107 1.36 -6.93 -7.10
N HIS A 108 1.90 -5.79 -6.71
CA HIS A 108 2.92 -5.72 -5.64
C HIS A 108 2.55 -4.66 -4.60
N THR A 109 2.27 -5.10 -3.36
CA THR A 109 1.75 -4.27 -2.27
C THR A 109 2.53 -4.57 -0.97
N MET A 110 2.06 -4.01 0.17
CA MET A 110 2.67 -4.23 1.50
C MET A 110 2.39 -5.64 2.03
N TRP A 111 3.22 -6.08 3.00
CA TRP A 111 2.98 -7.31 3.75
C TRP A 111 2.06 -7.06 4.94
N HIS A 112 2.33 -5.94 5.67
CA HIS A 112 1.66 -5.61 6.97
C HIS A 112 0.14 -5.45 6.84
N VAL A 113 -0.33 -5.33 5.60
CA VAL A 113 -1.78 -5.34 5.28
C VAL A 113 -2.45 -6.67 5.75
N THR A 114 -1.65 -7.73 5.87
CA THR A 114 -2.09 -9.09 6.20
C THR A 114 -0.93 -9.88 6.84
N ARG A 115 -1.06 -11.22 6.95
CA ARG A 115 0.05 -12.12 7.31
C ARG A 115 0.35 -13.10 6.15
N GLY A 116 -0.15 -12.75 4.94
CA GLY A 116 0.01 -13.55 3.73
C GLY A 116 -1.30 -14.23 3.33
N ALA A 117 -2.38 -13.44 3.18
CA ALA A 117 -3.72 -13.96 2.82
C ALA A 117 -3.93 -13.99 1.29
N VAL A 118 -4.92 -14.81 0.89
CA VAL A 118 -5.33 -14.98 -0.52
C VAL A 118 -6.28 -13.83 -0.94
N LEU A 119 -6.43 -13.56 -2.26
CA LEU A 119 -7.30 -12.46 -2.77
C LEU A 119 -8.50 -13.00 -3.54
N MET A 120 -9.44 -12.09 -3.92
CA MET A 120 -10.65 -12.47 -4.67
C MET A 120 -11.50 -11.27 -5.18
N HIS A 121 -12.55 -11.70 -5.89
CA HIS A 121 -13.73 -10.93 -6.27
C HIS A 121 -14.97 -11.53 -5.56
N LYS A 122 -15.40 -10.88 -4.44
CA LYS A 122 -16.49 -11.32 -3.48
C LYS A 122 -17.13 -12.71 -3.84
N GLY A 123 -16.36 -13.80 -3.60
CA GLY A 123 -16.81 -15.17 -3.91
C GLY A 123 -16.24 -15.77 -5.22
N LYS A 124 -15.12 -15.21 -5.73
CA LYS A 124 -14.32 -15.82 -6.83
C LYS A 124 -12.82 -15.61 -6.50
N ARG A 125 -12.08 -16.69 -6.19
CA ARG A 125 -10.78 -16.61 -5.49
C ARG A 125 -9.56 -16.70 -6.45
N ILE A 126 -8.52 -15.87 -6.14
CA ILE A 126 -7.23 -15.78 -6.85
C ILE A 126 -6.05 -15.76 -5.82
N GLU A 127 -5.03 -16.61 -6.01
CA GLU A 127 -3.89 -16.75 -5.06
C GLU A 127 -2.72 -15.80 -5.40
N PRO A 128 -2.08 -15.13 -4.38
CA PRO A 128 -0.79 -14.40 -4.58
C PRO A 128 0.38 -15.36 -4.85
N SER A 129 1.44 -14.85 -5.50
CA SER A 129 2.61 -15.65 -5.92
C SER A 129 3.78 -15.51 -4.93
N TRP A 130 3.74 -14.47 -4.09
CA TRP A 130 4.84 -14.14 -3.16
C TRP A 130 4.30 -13.42 -1.91
N ALA A 131 4.99 -13.63 -0.77
CA ALA A 131 4.79 -12.87 0.48
C ALA A 131 6.14 -12.80 1.24
N ASP A 132 6.64 -11.58 1.54
CA ASP A 132 7.90 -11.38 2.32
C ASP A 132 7.70 -10.38 3.46
N VAL A 133 7.89 -10.88 4.69
CA VAL A 133 7.75 -10.12 5.93
C VAL A 133 8.95 -9.17 6.17
N LYS A 134 10.14 -9.57 5.64
CA LYS A 134 11.42 -8.90 5.94
C LYS A 134 11.47 -7.46 5.40
N LYS A 135 11.24 -7.32 4.09
CA LYS A 135 11.15 -6.02 3.42
C LYS A 135 9.76 -5.40 3.65
N ASP A 136 8.77 -6.31 3.93
CA ASP A 136 7.34 -5.99 4.12
C ASP A 136 6.65 -5.82 2.73
N LEU A 137 6.94 -6.73 1.78
CA LEU A 137 6.43 -6.65 0.38
C LEU A 137 5.83 -8.01 -0.08
N ILE A 138 4.59 -7.97 -0.63
CA ILE A 138 3.84 -9.14 -1.20
C ILE A 138 3.65 -8.98 -2.72
N SER A 139 3.70 -10.10 -3.49
CA SER A 139 3.47 -10.07 -4.97
C SER A 139 2.38 -11.07 -5.38
N TYR A 140 1.75 -10.78 -6.52
CA TYR A 140 0.73 -11.60 -7.18
C TYR A 140 1.03 -11.62 -8.69
N GLY A 141 0.89 -12.81 -9.32
CA GLY A 141 1.18 -12.99 -10.75
C GLY A 141 2.54 -13.63 -10.96
N GLY A 142 3.53 -13.12 -10.22
CA GLY A 142 4.90 -13.61 -10.28
C GLY A 142 5.82 -12.76 -9.41
N GLY A 143 7.14 -12.91 -9.60
CA GLY A 143 8.14 -12.08 -8.93
C GLY A 143 8.06 -10.63 -9.41
N TRP A 144 8.11 -9.66 -8.48
CA TRP A 144 7.95 -8.24 -8.82
C TRP A 144 9.16 -7.72 -9.60
N LYS A 145 8.90 -6.86 -10.58
CA LYS A 145 9.93 -6.27 -11.41
C LYS A 145 9.43 -4.89 -11.88
N LEU A 146 10.10 -3.83 -11.43
CA LEU A 146 9.88 -2.47 -11.91
C LEU A 146 11.23 -1.93 -12.43
N GLU A 147 11.98 -1.25 -11.55
CA GLU A 147 13.23 -0.55 -11.90
C GLU A 147 13.63 0.34 -10.72
N GLY A 148 12.82 1.38 -10.50
CA GLY A 148 13.18 2.48 -9.63
C GLY A 148 13.05 2.16 -8.17
N GLU A 149 13.83 2.87 -7.38
CA GLU A 149 13.89 2.69 -5.94
C GLU A 149 14.14 4.06 -5.29
N TRP A 150 13.22 4.46 -4.41
CA TRP A 150 13.38 5.69 -3.62
C TRP A 150 14.08 5.37 -2.29
N LYS A 151 14.86 6.34 -1.80
CA LYS A 151 15.50 6.29 -0.49
C LYS A 151 15.71 7.73 0.00
N GLU A 152 15.90 7.91 1.32
CA GLU A 152 16.05 9.22 1.95
C GLU A 152 17.32 9.96 1.42
N GLY A 153 17.09 10.78 0.39
CA GLY A 153 18.13 11.55 -0.29
C GLY A 153 17.54 12.40 -1.39
N GLU A 154 16.68 11.77 -2.20
CA GLU A 154 15.87 12.43 -3.25
C GLU A 154 14.49 12.79 -2.66
N GLU A 155 13.77 13.74 -3.29
CA GLU A 155 12.35 14.04 -2.94
C GLU A 155 11.41 13.23 -3.85
N VAL A 156 10.24 12.81 -3.31
CA VAL A 156 9.24 12.02 -4.09
C VAL A 156 7.81 12.47 -3.73
N GLN A 157 6.77 11.78 -4.26
CA GLN A 157 5.40 11.93 -3.78
C GLN A 157 4.81 10.55 -3.40
N VAL A 158 3.92 10.53 -2.41
CA VAL A 158 3.17 9.32 -2.02
C VAL A 158 1.74 9.41 -2.62
N LEU A 159 1.32 8.39 -3.36
CA LEU A 159 0.00 8.35 -4.02
C LEU A 159 -0.98 7.65 -3.07
N ALA A 160 -1.61 8.45 -2.19
CA ALA A 160 -2.52 7.95 -1.16
C ALA A 160 -3.98 8.21 -1.56
N LEU A 161 -4.74 7.13 -1.83
CA LEU A 161 -6.18 7.22 -2.15
C LEU A 161 -6.94 7.69 -0.90
N GLU A 162 -7.73 8.77 -1.04
CA GLU A 162 -8.55 9.32 0.07
C GLU A 162 -9.87 8.53 0.23
N PRO A 163 -10.50 8.55 1.47
CA PRO A 163 -11.82 7.91 1.70
C PRO A 163 -12.96 8.63 0.93
N GLY A 164 -13.55 7.91 -0.05
CA GLY A 164 -14.64 8.41 -0.89
C GLY A 164 -14.24 9.52 -1.87
N LYS A 165 -12.90 9.82 -1.96
CA LYS A 165 -12.37 10.99 -2.71
C LYS A 165 -11.22 10.58 -3.66
N ASN A 166 -10.56 11.59 -4.25
CA ASN A 166 -9.51 11.41 -5.27
C ASN A 166 -8.16 10.94 -4.67
N PRO A 167 -7.27 10.29 -5.49
CA PRO A 167 -5.88 9.96 -5.07
C PRO A 167 -5.07 11.21 -4.69
N ARG A 168 -4.86 11.39 -3.38
CA ARG A 168 -4.06 12.49 -2.84
C ARG A 168 -2.58 12.18 -3.07
N ALA A 169 -2.02 12.77 -4.14
CA ALA A 169 -0.58 12.76 -4.37
C ALA A 169 0.02 13.83 -3.45
N VAL A 170 0.67 13.38 -2.37
CA VAL A 170 1.29 14.28 -1.39
C VAL A 170 2.79 14.32 -1.64
N GLN A 171 3.35 15.53 -1.77
CA GLN A 171 4.79 15.71 -2.04
C GLN A 171 5.57 15.51 -0.73
N THR A 172 6.27 14.37 -0.67
CA THR A 172 6.99 13.91 0.50
C THR A 172 8.50 13.85 0.21
N LYS A 173 9.22 14.84 0.76
CA LYS A 173 10.68 14.88 0.76
C LYS A 173 11.22 14.02 1.95
N PRO A 174 12.55 13.64 1.97
CA PRO A 174 13.14 12.78 3.04
C PRO A 174 12.86 13.30 4.47
N GLY A 175 12.56 12.36 5.37
CA GLY A 175 12.42 12.66 6.79
C GLY A 175 13.16 11.63 7.61
N LEU A 176 13.17 11.81 8.93
CA LEU A 176 13.87 10.90 9.83
C LEU A 176 13.40 11.10 11.26
N PHE A 177 13.57 10.06 12.07
CA PHE A 177 13.14 10.06 13.47
C PHE A 177 14.19 9.40 14.34
N LYS A 178 14.24 9.83 15.61
CA LYS A 178 15.27 9.43 16.56
C LYS A 178 14.98 8.01 17.05
N THR A 179 16.05 7.26 17.25
CA THR A 179 16.02 5.82 17.46
C THR A 179 17.03 5.46 18.56
N ASN A 180 16.90 4.26 19.16
CA ASN A 180 17.91 3.73 20.10
C ASN A 180 19.26 3.56 19.39
N ALA A 181 19.19 3.20 18.09
CA ALA A 181 20.35 3.10 17.20
C ALA A 181 20.80 4.47 16.64
N GLY A 182 20.20 5.56 17.14
CA GLY A 182 20.58 6.92 16.73
C GLY A 182 19.44 7.61 16.00
N THR A 183 19.27 7.27 14.72
CA THR A 183 18.17 7.77 13.88
C THR A 183 17.92 6.80 12.71
N ILE A 184 16.65 6.63 12.34
CA ILE A 184 16.23 5.93 11.12
C ILE A 184 15.78 6.99 10.11
N GLY A 185 16.19 6.80 8.85
CA GLY A 185 15.78 7.67 7.75
C GLY A 185 14.67 7.00 6.96
N ALA A 186 13.58 7.74 6.75
CA ALA A 186 12.32 7.19 6.21
C ALA A 186 11.49 8.31 5.55
N VAL A 187 10.22 8.01 5.23
CA VAL A 187 9.29 9.02 4.71
C VAL A 187 8.49 9.61 5.89
N SER A 188 8.83 10.84 6.29
CA SER A 188 8.21 11.53 7.41
C SER A 188 7.22 12.58 6.87
N LEU A 189 5.93 12.34 7.16
CA LEU A 189 4.81 13.12 6.60
C LEU A 189 3.89 13.63 7.71
N ASP A 190 3.61 14.96 7.74
CA ASP A 190 2.51 15.54 8.53
C ASP A 190 1.23 15.50 7.69
N PHE A 191 0.35 14.53 8.00
CA PHE A 191 -0.90 14.29 7.26
C PHE A 191 -1.67 13.15 7.97
N SER A 192 -2.93 12.96 7.56
CA SER A 192 -3.77 11.82 7.98
C SER A 192 -3.12 10.48 7.56
N PRO A 193 -3.35 9.36 8.33
CA PRO A 193 -2.89 8.01 7.98
C PRO A 193 -3.14 7.65 6.49
N GLY A 194 -2.05 7.70 5.69
CA GLY A 194 -2.07 7.30 4.29
C GLY A 194 -2.39 5.83 4.11
N THR A 195 -3.04 5.50 2.99
CA THR A 195 -3.55 4.15 2.71
C THR A 195 -2.43 3.10 2.65
N SER A 196 -2.70 1.91 3.25
CA SER A 196 -1.72 0.82 3.29
C SER A 196 -1.57 0.19 1.90
N GLY A 197 -0.33 0.24 1.36
CA GLY A 197 -0.02 -0.12 0.00
C GLY A 197 0.29 1.09 -0.88
N SER A 198 0.16 2.34 -0.32
CA SER A 198 0.46 3.61 -1.06
C SER A 198 1.78 3.54 -1.86
N PRO A 199 1.73 3.66 -3.23
CA PRO A 199 2.94 3.60 -4.06
C PRO A 199 3.77 4.90 -3.99
N ILE A 200 5.09 4.75 -3.85
CA ILE A 200 6.05 5.88 -3.83
C ILE A 200 6.39 6.26 -5.29
N ILE A 201 5.70 7.31 -5.78
CA ILE A 201 5.74 7.73 -7.18
C ILE A 201 6.31 9.15 -7.28
N ASP A 202 7.23 9.36 -8.22
CA ASP A 202 7.77 10.68 -8.55
C ASP A 202 6.78 11.43 -9.47
N LYS A 203 6.95 12.75 -9.60
CA LYS A 203 6.10 13.59 -10.47
C LYS A 203 6.15 13.12 -11.94
N LYS A 204 7.32 12.57 -12.36
CA LYS A 204 7.53 12.04 -13.72
C LYS A 204 7.17 10.55 -13.81
N GLY A 205 6.46 10.04 -12.78
CA GLY A 205 6.04 8.63 -12.70
C GLY A 205 7.19 7.67 -12.51
N LYS A 206 8.29 8.17 -11.93
CA LYS A 206 9.53 7.41 -11.69
C LYS A 206 9.47 6.71 -10.30
N VAL A 207 10.34 5.70 -10.11
CA VAL A 207 10.52 4.88 -8.89
C VAL A 207 9.32 3.97 -8.59
N VAL A 208 8.11 4.53 -8.31
CA VAL A 208 6.81 3.77 -8.28
C VAL A 208 6.87 2.58 -7.29
N GLY A 209 7.63 2.81 -6.21
CA GLY A 209 7.84 1.83 -5.14
C GLY A 209 6.65 1.74 -4.22
N LEU A 210 6.89 1.52 -2.92
CA LEU A 210 5.82 1.33 -1.91
C LEU A 210 6.19 2.07 -0.63
N TYR A 211 5.20 2.60 0.09
CA TYR A 211 5.45 3.17 1.41
C TYR A 211 5.68 1.95 2.35
N GLY A 212 6.72 1.98 3.19
CA GLY A 212 7.07 0.83 4.05
C GLY A 212 6.12 0.63 5.22
N ASN A 213 6.62 0.01 6.30
CA ASN A 213 5.85 -0.18 7.55
C ASN A 213 6.15 0.96 8.55
N GLY A 214 5.07 1.56 9.09
CA GLY A 214 5.18 2.64 10.07
C GLY A 214 3.94 2.78 10.92
N VAL A 215 3.56 4.03 11.26
CA VAL A 215 2.51 4.31 12.26
C VAL A 215 2.06 5.79 12.19
N VAL A 216 0.86 6.09 12.74
CA VAL A 216 0.45 7.46 13.04
C VAL A 216 1.20 7.89 14.30
N THR A 217 2.11 8.82 14.12
CA THR A 217 2.98 9.34 15.19
C THR A 217 2.48 10.73 15.60
N ARG A 218 2.77 11.13 16.85
CA ARG A 218 2.26 12.40 17.46
C ARG A 218 0.71 12.40 17.55
N SER A 219 0.07 11.21 17.33
CA SER A 219 -1.39 11.05 17.23
C SER A 219 -1.98 11.96 16.12
N GLY A 220 -1.15 12.36 15.14
CA GLY A 220 -1.50 13.36 14.13
C GLY A 220 -0.74 13.17 12.83
N ALA A 221 0.59 13.05 12.92
CA ALA A 221 1.46 12.85 11.75
C ALA A 221 1.47 11.38 11.35
N TYR A 222 1.82 11.08 10.10
CA TYR A 222 1.97 9.70 9.62
C TYR A 222 3.39 9.48 9.10
N VAL A 223 4.21 8.70 9.84
CA VAL A 223 5.61 8.41 9.44
C VAL A 223 5.79 6.91 9.30
N SER A 224 6.45 6.51 8.20
CA SER A 224 6.60 5.12 7.81
C SER A 224 7.95 4.93 7.13
N ALA A 225 8.43 3.69 7.10
CA ALA A 225 9.65 3.33 6.37
C ALA A 225 9.50 3.58 4.85
N ILE A 226 10.62 3.54 4.13
CA ILE A 226 10.63 3.59 2.66
C ILE A 226 10.79 2.16 2.10
N ALA A 227 9.83 1.69 1.27
CA ALA A 227 9.92 0.40 0.58
C ALA A 227 10.10 0.65 -0.92
N GLN A 228 10.90 -0.19 -1.57
CA GLN A 228 11.27 0.03 -2.97
C GLN A 228 11.47 -1.29 -3.69
N THR A 229 11.56 -1.24 -5.03
CA THR A 229 11.75 -2.42 -5.86
C THR A 229 13.25 -2.64 -6.09
N GLU A 230 13.79 -3.70 -5.47
CA GLU A 230 15.16 -4.19 -5.70
C GLU A 230 15.17 -5.18 -6.88
N LYS A 231 13.98 -5.42 -7.49
CA LYS A 231 13.74 -6.49 -8.49
C LYS A 231 13.85 -7.87 -7.81
N SER A 232 12.84 -8.73 -8.02
CA SER A 232 12.74 -10.05 -7.37
C SER A 232 13.98 -10.90 -7.64
N ILE A 233 14.67 -11.32 -6.55
CA ILE A 233 15.86 -12.16 -6.64
C ILE A 233 15.46 -13.58 -7.13
N GLU A 234 15.44 -13.75 -8.46
CA GLU A 234 15.22 -15.04 -9.10
C GLU A 234 16.58 -15.69 -9.36
N ASP A 235 17.20 -16.19 -8.28
CA ASP A 235 18.47 -16.94 -8.33
C ASP A 235 18.23 -18.32 -8.96
N ASN A 236 17.03 -18.87 -8.69
CA ASN A 236 16.59 -20.16 -9.24
C ASN A 236 16.22 -19.99 -10.74
N PRO A 237 16.47 -21.03 -11.59
CA PRO A 237 15.95 -21.03 -12.99
C PRO A 237 14.40 -20.99 -13.02
N GLU A 238 13.85 -20.09 -13.85
CA GLU A 238 12.39 -19.86 -13.97
C GLU A 238 11.63 -21.10 -14.51
N ILE A 239 12.37 -22.03 -15.15
CA ILE A 239 11.77 -23.23 -15.77
C ILE A 239 12.80 -24.39 -15.80
N GLU A 240 13.98 -24.14 -16.35
CA GLU A 240 15.01 -25.17 -16.57
C GLU A 240 16.40 -24.49 -16.50
N LYS B 3 -8.18 -4.53 4.85
CA LYS B 3 -8.61 -4.56 6.29
C LYS B 3 -8.43 -3.16 6.94
N ARG B 4 -7.23 -2.84 7.46
CA ARG B 4 -7.01 -1.61 8.24
C ARG B 4 -6.32 -0.52 7.41
N GLY A 1 -15.13 -16.25 7.42
CA GLY A 1 -13.94 -16.57 8.24
C GLY A 1 -12.91 -15.45 8.18
N SER A 2 -11.65 -15.79 7.85
CA SER A 2 -10.54 -14.83 7.78
C SER A 2 -9.51 -15.30 6.75
N ALA A 3 -8.72 -14.32 6.23
CA ALA A 3 -7.59 -14.58 5.30
C ALA A 3 -8.02 -15.35 4.03
N ALA A 4 -9.30 -15.20 3.67
CA ALA A 4 -9.96 -15.97 2.61
C ALA A 4 -11.10 -15.13 2.01
N ASP A 5 -10.90 -13.79 2.02
CA ASP A 5 -11.89 -12.81 1.56
C ASP A 5 -11.16 -11.47 1.41
N LEU A 6 -10.14 -11.44 0.51
CA LEU A 6 -9.37 -10.22 0.20
C LEU A 6 -9.86 -9.59 -1.14
N GLU A 7 -10.79 -8.64 -1.07
CA GLU A 7 -11.47 -8.07 -2.25
C GLU A 7 -10.78 -6.74 -2.74
N LEU A 8 -10.50 -6.64 -4.08
CA LEU A 8 -9.87 -5.40 -4.69
C LEU A 8 -10.91 -4.45 -5.35
N GLU A 9 -10.70 -3.10 -5.23
CA GLU A 9 -11.35 -2.06 -6.10
C GLU A 9 -10.28 -1.06 -6.56
N ARG A 10 -10.39 -0.57 -7.82
CA ARG A 10 -9.42 0.41 -8.34
C ARG A 10 -9.85 1.83 -7.99
N ALA A 11 -8.90 2.58 -7.41
CA ALA A 11 -9.07 4.00 -7.10
C ALA A 11 -8.71 4.83 -8.33
N ALA A 12 -7.50 4.55 -8.85
CA ALA A 12 -6.87 5.34 -9.90
C ALA A 12 -5.72 4.54 -10.54
N ASP A 13 -4.85 5.23 -11.28
CA ASP A 13 -3.62 4.65 -11.85
C ASP A 13 -2.41 5.20 -11.10
N VAL A 14 -1.36 4.37 -10.93
CA VAL A 14 -0.09 4.81 -10.36
C VAL A 14 0.69 5.65 -11.39
N LYS A 15 0.61 6.99 -11.22
CA LYS A 15 1.19 7.99 -12.12
C LYS A 15 1.03 9.38 -11.46
N TRP A 16 2.15 10.06 -11.15
CA TRP A 16 2.12 11.33 -10.38
C TRP A 16 1.94 12.55 -11.30
N GLU A 17 0.68 12.96 -11.53
CA GLU A 17 0.34 14.33 -11.93
C GLU A 17 -1.14 14.58 -11.59
N ASP A 18 -1.47 14.60 -10.29
CA ASP A 18 -2.84 14.92 -9.83
C ASP A 18 -3.00 16.45 -9.71
N GLN A 19 -2.19 17.04 -8.82
CA GLN A 19 -2.13 18.50 -8.56
C GLN A 19 -0.71 18.87 -8.10
N ALA A 20 0.29 18.13 -8.65
CA ALA A 20 1.69 18.05 -8.15
C ALA A 20 1.88 18.61 -6.73
N GLU A 21 1.37 17.85 -5.75
CA GLU A 21 1.33 18.27 -4.33
C GLU A 21 2.71 18.16 -3.68
N ILE A 22 2.88 18.85 -2.55
CA ILE A 22 4.15 18.84 -1.79
C ILE A 22 3.81 18.98 -0.27
N SER A 23 4.18 17.95 0.52
CA SER A 23 3.88 17.89 1.97
C SER A 23 4.99 17.16 2.73
N GLY A 24 5.36 15.95 2.25
CA GLY A 24 6.37 15.12 2.90
C GLY A 24 7.74 15.78 3.01
N SER A 25 8.09 16.22 4.25
CA SER A 25 9.41 16.82 4.59
C SER A 25 9.45 17.21 6.09
N SER A 26 8.78 16.40 6.93
CA SER A 26 8.67 16.65 8.39
C SER A 26 10.07 16.57 9.06
N PRO A 27 10.41 17.51 10.02
CA PRO A 27 11.76 17.55 10.68
C PRO A 27 12.14 16.25 11.45
N ILE A 28 13.36 16.24 12.03
CA ILE A 28 13.90 15.07 12.75
C ILE A 28 12.98 14.69 13.94
N LEU A 29 12.38 13.51 13.85
CA LEU A 29 11.28 13.07 14.74
C LEU A 29 11.77 11.92 15.64
N SER A 30 11.08 11.70 16.77
CA SER A 30 11.33 10.56 17.67
C SER A 30 10.14 9.60 17.63
N ILE A 31 10.39 8.35 17.22
CA ILE A 31 9.39 7.27 17.11
C ILE A 31 9.73 6.17 18.14
N THR A 32 8.70 5.56 18.77
CA THR A 32 8.91 4.60 19.86
C THR A 32 9.07 3.19 19.23
N ILE A 33 10.30 2.67 19.31
CA ILE A 33 10.65 1.32 18.83
C ILE A 33 10.06 0.28 19.80
N SER A 34 9.61 -0.85 19.26
CA SER A 34 8.92 -1.88 20.04
C SER A 34 9.29 -3.27 19.49
N GLU A 35 9.72 -4.18 20.38
CA GLU A 35 10.10 -5.58 20.05
C GLU A 35 11.22 -5.62 18.95
N ASP A 36 11.94 -4.49 18.82
CA ASP A 36 13.02 -4.22 17.84
C ASP A 36 12.46 -4.01 16.42
N GLY A 37 11.89 -5.09 15.83
CA GLY A 37 11.39 -5.08 14.45
C GLY A 37 10.12 -4.28 14.23
N SER A 38 9.43 -3.87 15.32
CA SER A 38 8.22 -3.03 15.21
C SER A 38 8.57 -1.59 15.61
N MET A 39 7.78 -0.62 15.13
CA MET A 39 7.99 0.82 15.38
C MET A 39 6.68 1.58 15.18
N SER A 40 6.41 2.54 16.08
CA SER A 40 5.17 3.34 16.08
C SER A 40 5.28 4.47 17.12
N ILE A 41 4.27 5.35 17.20
CA ILE A 41 4.15 6.30 18.34
C ILE A 41 3.15 5.67 19.32
N LYS A 42 3.73 4.95 20.32
CA LYS A 42 3.00 4.18 21.35
C LYS A 42 1.91 3.24 20.76
N ASN A 43 2.16 2.79 19.51
CA ASN A 43 1.27 1.91 18.72
C ASN A 43 -0.16 2.46 18.58
N GLU A 44 -0.28 3.80 18.51
CA GLU A 44 -1.56 4.46 18.23
C GLU A 44 -1.87 4.32 16.72
N GLU A 45 -2.63 3.26 16.42
CA GLU A 45 -3.05 2.90 15.06
C GLU A 45 -4.56 3.13 14.92
N GLU A 46 -5.03 3.31 13.67
CA GLU A 46 -6.46 3.43 13.36
C GLU A 46 -6.72 3.09 11.89
N GLU A 47 -7.79 2.31 11.62
CA GLU A 47 -8.22 1.97 10.25
C GLU A 47 -9.44 2.83 9.83
N GLN A 48 -9.66 2.97 8.50
CA GLN A 48 -10.56 4.02 7.93
C GLN A 48 -10.88 3.70 6.44
N THR A 49 -12.14 3.96 6.02
CA THR A 49 -12.64 3.63 4.67
C THR A 49 -12.35 4.75 3.64
N LEU A 50 -11.94 4.32 2.42
CA LEU A 50 -11.56 5.24 1.31
C LEU A 50 -12.66 5.26 0.23
N GLY A 51 -13.16 4.07 -0.12
CA GLY A 51 -14.31 3.95 -1.05
C GLY A 51 -15.61 3.78 -0.27
N GLY A 52 -16.74 3.82 -0.99
CA GLY A 52 -18.08 3.83 -0.37
C GLY A 52 -18.51 5.24 0.02
N GLY A 53 -17.89 6.25 -0.64
CA GLY A 53 -18.19 7.67 -0.40
C GLY A 53 -19.58 8.05 -0.92
N GLY A 54 -20.31 8.87 -0.14
CA GLY A 54 -21.69 9.24 -0.44
C GLY A 54 -22.67 8.52 0.47
N SER A 55 -23.94 8.43 0.05
CA SER A 55 -25.01 7.75 0.82
C SER A 55 -24.99 6.23 0.58
N GLY A 56 -24.50 5.83 -0.61
CA GLY A 56 -24.50 4.43 -1.04
C GLY A 56 -25.89 3.97 -1.45
N GLY A 57 -26.71 3.60 -0.44
CA GLY A 57 -28.13 3.28 -0.61
C GLY A 57 -28.36 2.06 -1.51
N GLY A 58 -29.13 2.28 -2.61
CA GLY A 58 -29.53 1.22 -3.54
C GLY A 58 -30.53 0.26 -2.90
N GLY A 59 -30.00 -0.64 -2.07
CA GLY A 59 -30.79 -1.61 -1.31
C GLY A 59 -29.89 -2.48 -0.45
N GLU A 60 -28.93 -3.13 -1.12
CA GLU A 60 -27.98 -4.07 -0.46
C GLU A 60 -26.94 -3.31 0.35
N PHE A 61 -26.40 -2.21 -0.26
CA PHE A 61 -25.26 -1.42 0.28
C PHE A 61 -23.99 -2.31 0.34
N ALA A 62 -23.92 -3.30 -0.57
CA ALA A 62 -22.82 -4.27 -0.62
C ALA A 62 -21.59 -3.70 -1.37
N GLY A 63 -20.93 -2.72 -0.73
CA GLY A 63 -19.70 -2.13 -1.25
C GLY A 63 -18.48 -2.98 -0.89
N VAL A 64 -18.43 -4.20 -1.45
CA VAL A 64 -17.40 -5.20 -1.15
C VAL A 64 -16.47 -5.36 -2.40
N LEU A 65 -16.48 -4.28 -3.21
CA LEU A 65 -15.42 -3.89 -4.18
C LEU A 65 -15.43 -4.60 -5.55
N TRP A 66 -15.42 -3.77 -6.62
CA TRP A 66 -15.44 -4.22 -8.04
C TRP A 66 -14.26 -3.64 -8.85
N ASP A 67 -13.10 -4.35 -8.83
CA ASP A 67 -12.03 -4.25 -9.88
C ASP A 67 -10.79 -5.09 -9.50
N VAL A 68 -10.60 -6.25 -10.15
CA VAL A 68 -9.48 -7.20 -9.89
C VAL A 68 -8.79 -7.64 -11.22
N PRO A 69 -7.66 -8.44 -11.19
CA PRO A 69 -7.19 -9.19 -12.36
C PRO A 69 -7.77 -10.64 -12.36
N SER A 70 -8.64 -10.92 -13.35
CA SER A 70 -9.30 -12.23 -13.49
C SER A 70 -8.26 -13.35 -13.78
N PRO A 71 -8.04 -14.33 -12.83
CA PRO A 71 -7.06 -15.43 -13.00
C PRO A 71 -7.30 -16.35 -14.24
N PRO A 72 -8.56 -16.78 -14.60
CA PRO A 72 -8.81 -17.48 -15.89
C PRO A 72 -8.81 -16.47 -17.08
N PRO A 73 -7.87 -16.61 -18.07
CA PRO A 73 -7.85 -15.77 -19.31
C PRO A 73 -9.18 -15.85 -20.10
N VAL A 74 -10.11 -14.93 -19.78
CA VAL A 74 -11.45 -14.87 -20.40
C VAL A 74 -11.55 -13.63 -21.33
N GLY A 75 -10.87 -12.53 -20.96
CA GLY A 75 -10.83 -11.30 -21.77
C GLY A 75 -11.97 -10.35 -21.46
N LYS A 76 -13.21 -10.89 -21.48
CA LYS A 76 -14.41 -10.15 -21.09
C LYS A 76 -14.51 -10.12 -19.55
N ALA A 77 -13.67 -9.27 -18.95
CA ALA A 77 -13.55 -9.06 -17.50
C ALA A 77 -12.55 -7.91 -17.27
N GLU A 78 -12.22 -7.65 -16.01
CA GLU A 78 -11.18 -6.67 -15.63
C GLU A 78 -9.88 -7.43 -15.39
N LEU A 79 -8.78 -6.88 -15.92
CA LEU A 79 -7.42 -7.35 -15.62
C LEU A 79 -6.71 -6.32 -14.71
N GLU A 80 -7.43 -5.20 -14.41
CA GLU A 80 -7.00 -4.04 -13.57
C GLU A 80 -5.63 -3.44 -13.99
N ASP A 81 -5.30 -2.25 -13.43
CA ASP A 81 -3.99 -1.59 -13.62
C ASP A 81 -3.95 -0.25 -12.85
N GLY A 82 -3.12 -0.17 -11.79
CA GLY A 82 -2.82 1.09 -11.12
C GLY A 82 -2.79 1.02 -9.59
N ALA A 83 -3.49 1.99 -8.94
CA ALA A 83 -3.61 2.10 -7.47
C ALA A 83 -5.04 1.74 -7.03
N TYR A 84 -5.16 1.01 -5.90
CA TYR A 84 -6.43 0.37 -5.49
C TYR A 84 -6.83 0.77 -4.08
N ARG A 85 -8.14 0.87 -3.86
CA ARG A 85 -8.75 0.90 -2.52
C ARG A 85 -9.22 -0.51 -2.23
N ILE A 86 -8.77 -1.09 -1.12
CA ILE A 86 -8.92 -2.56 -0.89
C ILE A 86 -9.51 -2.90 0.50
N LYS A 87 -10.45 -3.93 0.50
CA LYS A 87 -11.19 -4.39 1.70
C LYS A 87 -11.03 -5.87 1.92
N GLN A 88 -11.11 -6.31 3.18
CA GLN A 88 -11.26 -7.74 3.47
C GLN A 88 -12.21 -8.03 4.62
N LYS A 89 -12.79 -9.26 4.59
CA LYS A 89 -13.55 -9.82 5.71
C LYS A 89 -12.68 -10.89 6.40
N GLY A 90 -11.92 -10.43 7.38
CA GLY A 90 -11.03 -11.26 8.17
C GLY A 90 -10.47 -10.50 9.35
N ILE A 91 -9.68 -11.20 10.19
CA ILE A 91 -8.81 -10.56 11.21
C ILE A 91 -9.69 -9.71 12.19
N LEU A 92 -10.89 -10.27 12.50
CA LEU A 92 -11.92 -9.68 13.38
C LEU A 92 -12.49 -8.37 12.78
N GLY A 93 -12.59 -8.29 11.43
CA GLY A 93 -13.13 -7.11 10.76
C GLY A 93 -13.64 -7.37 9.35
N TYR A 94 -14.53 -6.48 8.90
CA TYR A 94 -15.06 -6.41 7.54
C TYR A 94 -14.89 -4.95 7.10
N SER A 95 -13.72 -4.58 6.54
CA SER A 95 -13.45 -3.13 6.27
C SER A 95 -12.58 -2.89 5.03
N GLN A 96 -12.88 -1.75 4.35
CA GLN A 96 -12.08 -1.21 3.23
C GLN A 96 -11.12 -0.19 3.78
N ILE A 97 -9.81 -0.48 3.79
CA ILE A 97 -8.85 0.38 4.51
C ILE A 97 -7.57 0.67 3.69
N GLY A 98 -7.11 -0.29 2.87
CA GLY A 98 -5.73 -0.26 2.38
C GLY A 98 -5.57 0.29 1.00
N ALA A 99 -4.30 0.39 0.55
CA ALA A 99 -3.96 0.77 -0.83
C ALA A 99 -3.19 -0.38 -1.51
N GLY A 100 -3.71 -0.85 -2.66
CA GLY A 100 -3.06 -1.88 -3.45
C GLY A 100 -2.33 -1.30 -4.63
N VAL A 101 -1.40 -2.08 -5.22
CA VAL A 101 -0.60 -1.67 -6.38
C VAL A 101 -0.48 -2.84 -7.37
N TYR A 102 -0.72 -2.57 -8.66
CA TYR A 102 -0.54 -3.54 -9.77
C TYR A 102 -0.16 -2.76 -11.02
N LYS A 103 0.85 -3.27 -11.74
CA LYS A 103 1.32 -2.66 -12.99
C LYS A 103 1.63 -3.79 -13.97
N GLU A 104 1.15 -3.64 -15.22
CA GLU A 104 1.44 -4.54 -16.35
C GLU A 104 0.85 -5.95 -16.14
N GLY A 105 1.54 -6.78 -15.33
CA GLY A 105 1.12 -8.15 -15.03
C GLY A 105 1.64 -8.64 -13.70
N THR A 106 2.02 -7.70 -12.81
CA THR A 106 2.58 -8.01 -11.47
C THR A 106 1.95 -7.08 -10.41
N PHE A 107 1.40 -7.72 -9.35
CA PHE A 107 0.78 -7.03 -8.20
C PHE A 107 1.77 -7.04 -7.02
N HIS A 108 1.89 -5.92 -6.30
CA HIS A 108 2.79 -5.78 -5.14
C HIS A 108 2.04 -5.14 -3.95
N THR A 109 1.99 -5.86 -2.82
CA THR A 109 1.33 -5.41 -1.59
C THR A 109 2.24 -5.70 -0.35
N MET A 110 1.64 -5.83 0.85
CA MET A 110 2.31 -5.68 2.14
C MET A 110 1.88 -6.78 3.14
N TRP A 111 2.75 -7.12 4.12
CA TRP A 111 2.50 -8.25 5.06
C TRP A 111 1.63 -7.87 6.29
N HIS A 112 1.92 -6.73 6.97
CA HIS A 112 1.24 -6.38 8.27
C HIS A 112 -0.26 -6.10 8.09
N VAL A 113 -0.66 -5.87 6.83
CA VAL A 113 -2.06 -5.66 6.45
C VAL A 113 -2.84 -7.00 6.31
N THR A 114 -2.21 -8.07 5.77
CA THR A 114 -2.79 -9.46 5.78
C THR A 114 -1.66 -10.51 5.66
N ARG A 115 -1.89 -11.72 6.23
CA ARG A 115 -0.87 -12.77 6.47
C ARG A 115 -0.36 -13.54 5.19
N GLY A 116 -0.42 -12.92 4.00
CA GLY A 116 0.01 -13.59 2.75
C GLY A 116 -1.09 -14.46 2.19
N ALA A 117 -2.33 -13.96 2.30
CA ALA A 117 -3.56 -14.73 2.05
C ALA A 117 -3.97 -14.69 0.56
N VAL A 118 -5.22 -15.12 0.30
CA VAL A 118 -5.76 -15.25 -1.06
C VAL A 118 -6.73 -14.10 -1.41
N LEU A 119 -6.59 -13.56 -2.64
CA LEU A 119 -7.35 -12.40 -3.16
C LEU A 119 -8.69 -12.83 -3.79
N MET A 120 -9.54 -11.81 -4.12
CA MET A 120 -10.88 -12.03 -4.71
C MET A 120 -11.60 -10.73 -5.19
N HIS A 121 -12.76 -10.98 -5.86
CA HIS A 121 -13.68 -9.96 -6.41
C HIS A 121 -15.13 -10.31 -6.00
N LYS A 122 -15.64 -9.67 -4.92
CA LYS A 122 -16.97 -9.97 -4.30
C LYS A 122 -17.27 -11.50 -4.28
N GLY A 123 -16.21 -12.29 -3.99
CA GLY A 123 -16.29 -13.75 -3.98
C GLY A 123 -15.75 -14.47 -5.23
N LYS A 124 -14.88 -13.81 -6.04
CA LYS A 124 -14.18 -14.49 -7.18
C LYS A 124 -12.66 -14.52 -6.93
N ARG A 125 -12.11 -15.73 -6.71
CA ARG A 125 -10.82 -15.95 -6.03
C ARG A 125 -9.59 -15.74 -6.96
N ILE A 126 -8.46 -15.28 -6.37
CA ILE A 126 -7.18 -14.96 -7.04
C ILE A 126 -6.04 -15.46 -6.12
N GLU A 127 -5.13 -16.29 -6.64
CA GLU A 127 -4.14 -17.04 -5.82
C GLU A 127 -2.78 -16.28 -5.69
N PRO A 128 -2.05 -16.43 -4.53
CA PRO A 128 -0.71 -15.80 -4.31
C PRO A 128 0.47 -16.53 -4.99
N SER A 129 1.61 -15.80 -5.11
CA SER A 129 2.88 -16.35 -5.67
C SER A 129 4.06 -16.12 -4.70
N TRP A 130 4.00 -15.05 -3.89
CA TRP A 130 5.07 -14.70 -2.93
C TRP A 130 4.47 -14.02 -1.68
N ALA A 131 5.12 -14.23 -0.50
CA ALA A 131 4.90 -13.44 0.74
C ALA A 131 6.22 -13.37 1.55
N ASP A 132 6.53 -12.22 2.17
CA ASP A 132 7.79 -12.00 2.96
C ASP A 132 7.48 -11.29 4.29
N VAL A 133 7.71 -12.04 5.39
CA VAL A 133 7.48 -11.58 6.78
C VAL A 133 8.53 -10.55 7.24
N LYS A 134 9.74 -10.58 6.67
CA LYS A 134 10.91 -9.86 7.21
C LYS A 134 10.84 -8.36 6.91
N LYS A 135 10.81 -8.03 5.61
CA LYS A 135 10.72 -6.63 5.12
C LYS A 135 9.27 -6.27 4.79
N ASP A 136 8.36 -7.22 5.11
CA ASP A 136 6.91 -6.96 5.22
C ASP A 136 6.29 -6.65 3.84
N LEU A 137 6.57 -7.54 2.85
CA LEU A 137 6.12 -7.34 1.44
C LEU A 137 5.64 -8.67 0.82
N ILE A 138 4.58 -8.57 0.00
CA ILE A 138 3.92 -9.73 -0.65
C ILE A 138 3.80 -9.45 -2.17
N SER A 139 3.80 -10.52 -3.01
CA SER A 139 3.73 -10.35 -4.48
C SER A 139 2.79 -11.40 -5.11
N TYR A 140 2.07 -10.97 -6.17
CA TYR A 140 1.08 -11.78 -6.91
C TYR A 140 1.39 -11.70 -8.41
N GLY A 141 1.17 -12.82 -9.14
CA GLY A 141 1.46 -12.91 -10.57
C GLY A 141 2.88 -13.39 -10.86
N GLY A 142 3.70 -13.49 -9.80
CA GLY A 142 5.09 -13.94 -9.90
C GLY A 142 5.96 -13.26 -8.87
N GLY A 143 7.27 -13.16 -9.15
CA GLY A 143 8.17 -12.31 -8.36
C GLY A 143 8.16 -10.89 -8.92
N TRP A 144 8.02 -9.89 -8.04
CA TRP A 144 7.91 -8.48 -8.47
C TRP A 144 9.32 -7.93 -8.79
N LYS A 145 9.45 -7.28 -9.97
CA LYS A 145 10.76 -6.85 -10.49
C LYS A 145 10.63 -5.58 -11.33
N LEU A 146 11.26 -4.48 -10.87
CA LEU A 146 11.36 -3.23 -11.63
C LEU A 146 12.78 -2.66 -11.47
N GLU A 147 13.01 -2.00 -10.32
CA GLU A 147 14.15 -1.06 -10.06
C GLU A 147 13.79 -0.14 -8.88
N GLY A 148 12.61 -0.37 -8.28
CA GLY A 148 12.05 0.47 -7.23
C GLY A 148 12.95 0.63 -6.04
N GLU A 149 13.75 1.67 -6.10
CA GLU A 149 14.67 2.08 -5.05
C GLU A 149 14.52 3.59 -4.90
N TRP A 150 13.68 4.02 -3.93
CA TRP A 150 13.71 5.43 -3.43
C TRP A 150 15.18 5.82 -3.17
N LYS A 151 15.65 6.88 -3.84
CA LYS A 151 17.03 7.32 -3.77
C LYS A 151 17.21 8.16 -2.50
N GLU A 152 18.05 7.64 -1.58
CA GLU A 152 18.27 8.23 -0.25
C GLU A 152 18.95 9.61 -0.40
N GLY A 153 18.19 10.68 -0.13
CA GLY A 153 18.63 12.06 -0.35
C GLY A 153 17.70 12.79 -1.30
N GLU A 154 17.21 12.06 -2.32
CA GLU A 154 16.28 12.58 -3.33
C GLU A 154 14.82 12.24 -2.93
N GLU A 155 13.88 13.11 -3.30
CA GLU A 155 12.45 12.97 -2.99
C GLU A 155 11.74 12.19 -4.11
N VAL A 156 10.81 11.29 -3.70
CA VAL A 156 10.08 10.37 -4.61
C VAL A 156 8.57 10.46 -4.27
N GLN A 157 7.69 10.06 -5.21
CA GLN A 157 6.27 10.43 -5.21
C GLN A 157 5.40 9.38 -4.50
N VAL A 158 4.18 9.79 -4.08
CA VAL A 158 3.20 8.88 -3.45
C VAL A 158 1.77 9.19 -3.94
N LEU A 159 0.87 8.17 -3.93
CA LEU A 159 -0.58 8.37 -4.05
C LEU A 159 -1.21 8.20 -2.66
N ALA A 160 -1.36 9.33 -1.95
CA ALA A 160 -2.09 9.38 -0.68
C ALA A 160 -3.60 9.36 -0.97
N LEU A 161 -4.21 8.16 -0.87
CA LEU A 161 -5.65 7.98 -1.15
C LEU A 161 -6.45 8.56 0.03
N GLU A 162 -7.05 9.74 -0.21
CA GLU A 162 -7.88 10.43 0.81
C GLU A 162 -9.22 9.66 1.03
N PRO A 163 -9.71 9.57 2.31
CA PRO A 163 -10.99 8.88 2.65
C PRO A 163 -12.21 9.55 1.99
N GLY A 164 -12.90 8.78 1.13
CA GLY A 164 -14.11 9.24 0.41
C GLY A 164 -13.82 10.33 -0.61
N LYS A 165 -12.56 10.41 -1.09
CA LYS A 165 -12.09 11.52 -1.97
C LYS A 165 -11.13 11.01 -3.06
N ASN A 166 -10.58 11.99 -3.79
CA ASN A 166 -9.53 11.83 -4.82
C ASN A 166 -8.17 11.35 -4.24
N PRO A 167 -7.26 10.76 -5.10
CA PRO A 167 -5.86 10.46 -4.72
C PRO A 167 -4.98 11.74 -4.74
N ARG A 168 -4.44 12.11 -3.58
CA ARG A 168 -3.41 13.14 -3.49
C ARG A 168 -2.07 12.59 -3.96
N ALA A 169 -1.70 12.88 -5.22
CA ALA A 169 -0.36 12.58 -5.70
C ALA A 169 0.59 13.63 -5.11
N VAL A 170 1.31 13.24 -4.04
CA VAL A 170 2.17 14.14 -3.25
C VAL A 170 3.63 13.79 -3.49
N GLN A 171 4.48 14.82 -3.56
CA GLN A 171 5.93 14.67 -3.64
C GLN A 171 6.47 14.65 -2.21
N THR A 172 7.18 13.56 -1.84
CA THR A 172 7.62 13.32 -0.45
C THR A 172 9.14 13.10 -0.39
N LYS A 173 9.77 13.81 0.55
CA LYS A 173 11.24 13.80 0.82
C LYS A 173 11.58 12.74 1.90
N PRO A 174 12.82 12.13 1.85
CA PRO A 174 13.27 11.17 2.87
C PRO A 174 13.78 11.88 4.15
N GLY A 175 13.22 11.48 5.31
CA GLY A 175 13.66 11.97 6.62
C GLY A 175 14.32 10.86 7.42
N LEU A 176 14.63 11.14 8.69
CA LEU A 176 15.31 10.19 9.58
C LEU A 176 14.93 10.48 11.04
N PHE A 177 14.73 9.38 11.81
CA PHE A 177 14.07 9.41 13.13
C PHE A 177 14.92 8.69 14.17
N LYS A 178 14.80 9.14 15.45
CA LYS A 178 15.50 8.53 16.60
C LYS A 178 15.09 7.06 16.78
N THR A 179 16.10 6.18 16.85
CA THR A 179 15.92 4.73 16.92
C THR A 179 16.76 4.17 18.09
N ASN A 180 16.38 2.99 18.60
CA ASN A 180 17.18 2.23 19.58
C ASN A 180 18.22 1.36 18.81
N ALA A 181 19.00 2.07 17.97
CA ALA A 181 19.98 1.50 17.03
C ALA A 181 20.78 2.66 16.38
N GLY A 182 20.16 3.86 16.40
CA GLY A 182 20.77 5.08 15.87
C GLY A 182 19.70 6.01 15.32
N THR A 183 19.63 6.11 13.98
CA THR A 183 18.58 6.84 13.27
C THR A 183 18.17 6.05 12.02
N ILE A 184 16.86 5.89 11.80
CA ILE A 184 16.32 5.16 10.62
C ILE A 184 15.78 6.16 9.59
N GLY A 185 16.08 5.90 8.32
CA GLY A 185 15.77 6.83 7.23
C GLY A 185 14.53 6.38 6.48
N ALA A 186 13.44 7.14 6.65
CA ALA A 186 12.11 6.80 6.12
C ALA A 186 11.32 8.07 5.81
N VAL A 187 10.20 7.91 5.10
CA VAL A 187 9.40 9.06 4.62
C VAL A 187 8.76 9.82 5.80
N SER A 188 8.96 11.13 5.80
CA SER A 188 8.42 12.05 6.80
C SER A 188 7.23 12.82 6.20
N LEU A 189 6.06 12.18 6.16
CA LEU A 189 4.85 12.78 5.55
C LEU A 189 3.87 13.23 6.65
N ASP A 190 3.81 14.56 6.87
CA ASP A 190 2.80 15.18 7.71
C ASP A 190 1.56 15.47 6.85
N PHE A 191 0.54 14.63 7.04
CA PHE A 191 -0.71 14.61 6.26
C PHE A 191 -1.61 13.52 6.86
N SER A 192 -2.89 13.47 6.48
CA SER A 192 -3.81 12.40 6.91
C SER A 192 -4.33 11.56 5.70
N PRO A 193 -3.48 10.65 5.09
CA PRO A 193 -3.98 9.56 4.26
C PRO A 193 -4.28 8.32 5.13
N GLY A 194 -3.22 7.82 5.82
CA GLY A 194 -3.30 6.65 6.70
C GLY A 194 -3.11 5.33 5.95
N THR A 195 -3.50 5.32 4.65
CA THR A 195 -3.68 4.10 3.85
C THR A 195 -2.38 3.29 3.68
N SER A 196 -2.27 2.23 4.50
CA SER A 196 -1.16 1.30 4.46
C SER A 196 -1.13 0.56 3.11
N GLY A 197 0.01 0.69 2.41
CA GLY A 197 0.14 0.26 1.01
C GLY A 197 0.20 1.43 0.04
N SER A 198 0.24 2.68 0.57
CA SER A 198 0.55 3.90 -0.23
C SER A 198 1.77 3.69 -1.19
N PRO A 199 1.54 3.74 -2.55
CA PRO A 199 2.60 3.48 -3.57
C PRO A 199 3.64 4.64 -3.72
N ILE A 200 4.91 4.32 -3.45
CA ILE A 200 6.05 5.20 -3.73
C ILE A 200 6.40 5.11 -5.24
N ILE A 201 5.84 6.01 -6.04
CA ILE A 201 5.98 5.99 -7.50
C ILE A 201 6.84 7.16 -8.00
N ASP A 202 7.02 7.16 -9.32
CA ASP A 202 7.55 8.28 -10.09
C ASP A 202 6.36 8.84 -10.92
N LYS A 203 6.57 9.96 -11.63
CA LYS A 203 5.56 10.53 -12.53
C LYS A 203 5.16 9.54 -13.64
N LYS A 204 6.11 8.70 -14.07
CA LYS A 204 5.88 7.69 -15.13
C LYS A 204 5.22 6.41 -14.59
N GLY A 205 5.01 6.36 -13.26
CA GLY A 205 4.46 5.16 -12.58
C GLY A 205 5.54 4.11 -12.33
N LYS A 206 6.79 4.58 -12.23
CA LYS A 206 7.99 3.75 -11.99
C LYS A 206 8.38 3.84 -10.48
N VAL A 207 9.27 2.94 -10.01
CA VAL A 207 9.72 2.82 -8.60
C VAL A 207 8.75 1.92 -7.83
N VAL A 208 7.51 2.42 -7.58
CA VAL A 208 6.33 1.60 -7.12
C VAL A 208 6.60 0.89 -5.77
N GLY A 209 7.45 1.53 -4.94
CA GLY A 209 7.68 1.09 -3.56
C GLY A 209 6.41 1.25 -2.72
N LEU A 210 6.52 1.10 -1.41
CA LEU A 210 5.34 1.12 -0.51
C LEU A 210 5.69 1.76 0.83
N TYR A 211 4.68 2.41 1.45
CA TYR A 211 4.76 2.83 2.86
C TYR A 211 4.61 1.57 3.73
N GLY A 212 5.74 1.14 4.34
CA GLY A 212 5.88 -0.17 4.98
C GLY A 212 5.35 -0.23 6.41
N ASN A 213 6.11 -0.92 7.29
CA ASN A 213 5.77 -1.05 8.72
C ASN A 213 5.99 0.32 9.42
N GLY A 214 4.94 1.16 9.39
CA GLY A 214 4.94 2.45 10.07
C GLY A 214 3.63 2.70 10.82
N VAL A 215 3.23 3.98 10.89
CA VAL A 215 2.16 4.45 11.77
C VAL A 215 1.74 5.88 11.37
N VAL A 216 0.60 6.38 11.89
CA VAL A 216 0.29 7.80 11.81
C VAL A 216 0.83 8.46 13.10
N THR A 217 1.88 9.29 12.94
CA THR A 217 2.48 10.07 14.03
C THR A 217 1.54 11.20 14.45
N ARG A 218 1.45 11.47 15.78
CA ARG A 218 0.64 12.57 16.34
C ARG A 218 -0.88 12.45 15.96
N SER A 219 -1.27 11.26 15.43
CA SER A 219 -2.62 10.97 14.89
C SER A 219 -2.97 11.87 13.68
N GLY A 220 -1.94 12.48 13.03
CA GLY A 220 -2.16 13.44 11.92
C GLY A 220 -1.01 13.54 10.94
N ALA A 221 0.01 12.66 11.08
CA ALA A 221 1.21 12.68 10.22
C ALA A 221 1.63 11.26 9.86
N TYR A 222 1.14 10.71 8.72
CA TYR A 222 1.39 9.31 8.35
C TYR A 222 2.87 9.11 7.93
N VAL A 223 3.65 8.55 8.87
CA VAL A 223 5.10 8.32 8.74
C VAL A 223 5.37 6.81 8.78
N SER A 224 6.03 6.30 7.72
CA SER A 224 6.21 4.86 7.53
C SER A 224 7.59 4.56 6.91
N ALA A 225 8.05 3.30 7.09
CA ALA A 225 9.34 2.83 6.54
C ALA A 225 9.28 2.76 5.01
N ILE A 226 10.41 3.05 4.33
CA ILE A 226 10.47 3.00 2.87
C ILE A 226 10.68 1.54 2.39
N ALA A 227 9.58 0.89 1.99
CA ALA A 227 9.61 -0.44 1.36
C ALA A 227 9.94 -0.26 -0.13
N GLN A 228 10.85 -1.10 -0.64
CA GLN A 228 11.41 -0.99 -2.00
C GLN A 228 11.31 -2.34 -2.73
N THR A 229 11.38 -2.29 -4.08
CA THR A 229 11.34 -3.50 -4.90
C THR A 229 12.75 -4.12 -4.97
N GLU A 230 12.89 -5.32 -4.38
CA GLU A 230 14.15 -6.04 -4.33
C GLU A 230 13.89 -7.56 -4.42
N LYS A 231 14.10 -8.11 -5.63
CA LYS A 231 14.06 -9.56 -5.85
C LYS A 231 14.83 -9.92 -7.11
N SER A 232 14.34 -9.42 -8.26
CA SER A 232 14.90 -9.71 -9.58
C SER A 232 15.39 -8.41 -10.24
N ILE A 233 16.71 -8.20 -10.20
CA ILE A 233 17.39 -7.04 -10.84
C ILE A 233 18.25 -7.53 -12.02
N GLU A 234 18.74 -8.76 -11.89
CA GLU A 234 19.72 -9.38 -12.78
C GLU A 234 19.06 -10.58 -13.50
N ASP A 235 19.67 -11.01 -14.63
CA ASP A 235 19.23 -12.20 -15.41
C ASP A 235 19.39 -13.51 -14.57
N ASN A 236 20.21 -13.43 -13.51
CA ASN A 236 20.37 -14.50 -12.47
C ASN A 236 19.01 -14.81 -11.78
N PRO A 237 18.79 -16.10 -11.28
CA PRO A 237 17.49 -16.65 -10.76
C PRO A 237 16.43 -15.62 -10.29
N GLU A 238 15.55 -15.26 -11.24
CA GLU A 238 14.48 -14.26 -11.03
C GLU A 238 13.17 -14.93 -10.56
N ILE A 239 12.86 -16.10 -11.15
CA ILE A 239 11.64 -16.88 -10.84
C ILE A 239 11.97 -17.84 -9.66
N GLU A 240 12.41 -17.25 -8.54
CA GLU A 240 12.81 -17.97 -7.34
C GLU A 240 12.63 -17.02 -6.13
N LYS B 3 -6.38 -5.30 5.66
CA LYS B 3 -6.93 -5.05 7.03
C LYS B 3 -5.85 -4.35 7.87
N ARG B 4 -6.22 -3.28 8.61
CA ARG B 4 -5.28 -2.43 9.40
C ARG B 4 -4.42 -1.57 8.43
N GLY A 1 -15.47 -14.79 7.45
CA GLY A 1 -15.27 -13.96 8.66
C GLY A 1 -13.82 -13.65 8.96
N SER A 2 -12.88 -14.37 8.30
CA SER A 2 -11.43 -14.08 8.39
C SER A 2 -10.65 -14.93 7.37
N ALA A 3 -9.50 -14.38 6.89
CA ALA A 3 -8.54 -15.03 5.98
C ALA A 3 -9.04 -15.12 4.52
N ALA A 4 -10.19 -15.73 4.32
CA ALA A 4 -10.72 -16.09 3.00
C ALA A 4 -11.84 -15.11 2.65
N ASP A 5 -11.56 -13.83 2.89
CA ASP A 5 -12.53 -12.72 2.75
C ASP A 5 -11.81 -11.44 2.28
N LEU A 6 -10.67 -11.62 1.56
CA LEU A 6 -9.83 -10.51 1.07
C LEU A 6 -10.27 -10.08 -0.36
N GLU A 7 -11.15 -9.09 -0.45
CA GLU A 7 -11.66 -8.55 -1.74
C GLU A 7 -10.86 -7.32 -2.20
N LEU A 8 -10.40 -7.29 -3.48
CA LEU A 8 -9.54 -6.15 -3.97
C LEU A 8 -10.23 -5.31 -5.07
N GLU A 9 -10.23 -3.95 -4.92
CA GLU A 9 -10.82 -3.02 -5.95
C GLU A 9 -9.77 -2.02 -6.43
N ARG A 10 -9.60 -1.88 -7.75
CA ARG A 10 -8.67 -0.91 -8.37
C ARG A 10 -9.25 0.51 -8.28
N ALA A 11 -8.46 1.45 -7.75
CA ALA A 11 -8.82 2.87 -7.67
C ALA A 11 -8.22 3.65 -8.85
N ALA A 12 -6.88 3.57 -8.97
CA ALA A 12 -6.11 4.38 -9.94
C ALA A 12 -4.92 3.58 -10.48
N ASP A 13 -4.06 4.24 -11.29
CA ASP A 13 -2.82 3.64 -11.85
C ASP A 13 -1.63 3.95 -10.93
N VAL A 14 -0.65 3.02 -10.84
CA VAL A 14 0.61 3.28 -10.13
C VAL A 14 1.52 4.11 -11.07
N LYS A 15 1.50 5.42 -10.87
CA LYS A 15 2.30 6.39 -11.63
C LYS A 15 2.12 7.78 -11.00
N TRP A 16 2.84 8.78 -11.52
CA TRP A 16 2.71 10.16 -11.06
C TRP A 16 1.39 10.77 -11.56
N GLU A 17 0.70 11.49 -10.66
CA GLU A 17 -0.49 12.29 -10.98
C GLU A 17 -0.18 13.78 -10.80
N ASP A 18 -0.77 14.62 -11.68
CA ASP A 18 -0.62 16.10 -11.66
C ASP A 18 -1.23 16.74 -10.40
N GLN A 19 -1.91 15.91 -9.57
CA GLN A 19 -2.46 16.31 -8.25
C GLN A 19 -1.33 16.54 -7.21
N ALA A 20 -0.07 16.28 -7.64
CA ALA A 20 1.17 16.44 -6.85
C ALA A 20 1.17 17.63 -5.88
N GLU A 21 0.91 17.33 -4.60
CA GLU A 21 0.89 18.32 -3.50
C GLU A 21 2.27 18.35 -2.82
N ILE A 22 2.66 19.51 -2.28
CA ILE A 22 3.87 19.64 -1.47
C ILE A 22 3.44 19.73 0.00
N SER A 23 3.62 18.62 0.75
CA SER A 23 3.30 18.57 2.20
C SER A 23 4.29 17.68 2.95
N GLY A 24 4.97 16.78 2.22
CA GLY A 24 6.03 15.94 2.78
C GLY A 24 7.29 16.72 3.11
N SER A 25 8.36 16.00 3.51
CA SER A 25 9.63 16.58 4.00
C SER A 25 9.41 17.17 5.42
N SER A 26 8.58 16.47 6.22
CA SER A 26 8.22 16.91 7.59
C SER A 26 9.45 16.88 8.53
N PRO A 27 9.58 17.86 9.49
CA PRO A 27 10.77 17.96 10.41
C PRO A 27 10.88 16.77 11.41
N ILE A 28 11.88 16.87 12.32
CA ILE A 28 12.28 15.76 13.23
C ILE A 28 11.12 15.33 14.15
N LEU A 29 10.74 14.05 14.03
CA LEU A 29 9.66 13.43 14.84
C LEU A 29 10.25 12.44 15.85
N SER A 30 9.45 12.08 16.85
CA SER A 30 9.82 11.08 17.86
C SER A 30 8.81 9.91 17.81
N ILE A 31 9.32 8.68 17.58
CA ILE A 31 8.50 7.46 17.41
C ILE A 31 8.98 6.35 18.38
N THR A 32 8.05 5.49 18.83
CA THR A 32 8.33 4.39 19.78
C THR A 32 8.54 3.05 19.01
N ILE A 33 9.73 2.45 19.14
CA ILE A 33 9.98 1.08 18.64
C ILE A 33 9.16 0.08 19.50
N SER A 34 8.19 -0.56 18.86
CA SER A 34 7.38 -1.62 19.48
C SER A 34 8.19 -2.94 19.46
N GLU A 35 8.18 -3.65 20.62
CA GLU A 35 9.05 -4.83 20.89
C GLU A 35 8.71 -6.08 20.04
N ASP A 36 7.76 -5.95 19.11
CA ASP A 36 7.48 -6.96 18.07
C ASP A 36 8.55 -6.91 16.96
N GLY A 37 9.35 -5.83 16.94
CA GLY A 37 10.22 -5.49 15.82
C GLY A 37 9.57 -4.43 14.94
N SER A 38 8.56 -3.76 15.48
CA SER A 38 7.77 -2.75 14.75
C SER A 38 8.16 -1.34 15.23
N MET A 39 7.77 -0.32 14.46
CA MET A 39 7.87 1.09 14.90
C MET A 39 6.50 1.77 14.72
N SER A 40 6.10 2.55 15.75
CA SER A 40 4.79 3.23 15.79
C SER A 40 4.73 4.19 16.98
N ILE A 41 3.65 4.97 17.05
CA ILE A 41 3.24 5.65 18.29
C ILE A 41 2.31 4.67 19.00
N LYS A 42 2.50 4.48 20.32
CA LYS A 42 1.72 3.52 21.12
C LYS A 42 0.23 3.90 21.12
N ASN A 43 -0.50 3.37 20.13
CA ASN A 43 -1.96 3.56 19.97
C ASN A 43 -2.52 2.39 19.14
N GLU A 44 -3.83 2.14 19.30
CA GLU A 44 -4.55 1.14 18.50
C GLU A 44 -5.64 1.83 17.69
N GLU A 45 -5.23 2.52 16.62
CA GLU A 45 -6.16 3.16 15.67
C GLU A 45 -6.03 2.47 14.31
N GLU A 46 -7.18 2.25 13.67
CA GLU A 46 -7.28 1.52 12.40
C GLU A 46 -8.54 2.01 11.65
N GLU A 47 -8.57 1.73 10.35
CA GLU A 47 -9.77 1.79 9.49
C GLU A 47 -10.07 3.18 8.95
N GLN A 48 -10.44 3.22 7.64
CA GLN A 48 -10.89 4.42 6.91
C GLN A 48 -11.48 4.00 5.54
N THR A 49 -12.65 4.57 5.18
CA THR A 49 -13.43 4.20 3.98
C THR A 49 -12.82 4.83 2.71
N LEU A 50 -12.09 4.00 1.94
CA LEU A 50 -11.48 4.41 0.65
C LEU A 50 -12.03 3.51 -0.46
N GLY A 51 -13.06 4.02 -1.16
CA GLY A 51 -13.63 3.34 -2.33
C GLY A 51 -14.49 4.23 -3.17
N GLY A 52 -14.19 4.29 -4.49
CA GLY A 52 -14.88 5.20 -5.42
C GLY A 52 -14.38 6.63 -5.26
N GLY A 53 -14.75 7.26 -4.13
CA GLY A 53 -14.32 8.61 -3.80
C GLY A 53 -15.14 9.66 -4.50
N GLY A 54 -14.80 9.90 -5.77
CA GLY A 54 -15.49 10.88 -6.61
C GLY A 54 -16.91 10.45 -6.93
N SER A 55 -17.87 10.93 -6.11
CA SER A 55 -19.31 10.58 -6.21
C SER A 55 -19.56 9.12 -5.79
N GLY A 56 -18.63 8.56 -4.99
CA GLY A 56 -18.70 7.16 -4.54
C GLY A 56 -18.42 7.06 -3.04
N GLY A 57 -19.48 7.10 -2.23
CA GLY A 57 -19.39 6.91 -0.78
C GLY A 57 -19.67 5.47 -0.35
N GLY A 58 -20.39 4.73 -1.22
CA GLY A 58 -20.72 3.33 -0.98
C GLY A 58 -22.06 3.16 -0.28
N GLY A 59 -22.08 3.41 1.04
CA GLY A 59 -23.30 3.27 1.86
C GLY A 59 -23.57 1.83 2.26
N GLU A 60 -23.82 0.98 1.25
CA GLU A 60 -24.04 -0.46 1.41
C GLU A 60 -22.72 -1.23 1.72
N PHE A 61 -21.58 -0.48 1.81
CA PHE A 61 -20.21 -1.03 2.00
C PHE A 61 -19.74 -1.79 0.73
N ALA A 62 -20.53 -1.65 -0.36
CA ALA A 62 -20.39 -2.40 -1.62
C ALA A 62 -20.43 -3.93 -1.39
N GLY A 63 -20.96 -4.35 -0.22
CA GLY A 63 -20.90 -5.74 0.22
C GLY A 63 -19.48 -6.23 0.45
N VAL A 64 -18.80 -6.57 -0.67
CA VAL A 64 -17.39 -7.00 -0.70
C VAL A 64 -16.75 -6.52 -2.01
N LEU A 65 -16.57 -5.21 -2.09
CA LEU A 65 -16.07 -4.45 -3.27
C LEU A 65 -14.96 -5.14 -4.11
N TRP A 66 -14.85 -4.72 -5.38
CA TRP A 66 -13.91 -5.31 -6.35
C TRP A 66 -13.74 -4.43 -7.59
N ASP A 67 -12.63 -4.69 -8.24
CA ASP A 67 -12.39 -4.47 -9.66
C ASP A 67 -11.28 -5.49 -9.98
N VAL A 68 -11.69 -6.73 -9.74
CA VAL A 68 -10.92 -7.93 -10.01
C VAL A 68 -11.91 -9.00 -10.55
N PRO A 69 -12.07 -9.14 -11.90
CA PRO A 69 -13.02 -10.09 -12.50
C PRO A 69 -12.37 -11.49 -12.64
N SER A 70 -12.79 -12.44 -11.77
CA SER A 70 -12.29 -13.82 -11.76
C SER A 70 -12.44 -14.48 -13.17
N PRO A 71 -11.29 -14.63 -13.93
CA PRO A 71 -11.20 -14.79 -15.41
C PRO A 71 -12.50 -15.16 -16.19
N PRO A 72 -13.35 -14.14 -16.55
CA PRO A 72 -14.52 -14.32 -17.43
C PRO A 72 -14.23 -13.87 -18.90
N PRO A 73 -14.87 -14.53 -19.92
CA PRO A 73 -14.75 -14.14 -21.34
C PRO A 73 -15.74 -13.00 -21.73
N VAL A 74 -15.94 -12.05 -20.80
CA VAL A 74 -16.87 -10.91 -21.00
C VAL A 74 -16.08 -9.62 -21.35
N GLY A 75 -14.82 -9.53 -20.84
CA GLY A 75 -13.96 -8.37 -21.09
C GLY A 75 -12.58 -8.55 -20.49
N LYS A 76 -12.43 -8.17 -19.21
CA LYS A 76 -11.16 -8.29 -18.47
C LYS A 76 -11.06 -9.64 -17.75
N ALA A 77 -9.91 -9.84 -17.07
CA ALA A 77 -9.56 -11.05 -16.32
C ALA A 77 -8.32 -10.72 -15.48
N GLU A 78 -8.54 -9.95 -14.39
CA GLU A 78 -7.49 -9.19 -13.68
C GLU A 78 -6.76 -8.24 -14.66
N LEU A 79 -5.61 -7.69 -14.20
CA LEU A 79 -4.75 -6.79 -14.99
C LEU A 79 -5.41 -5.41 -15.18
N GLU A 80 -6.31 -5.03 -14.23
CA GLU A 80 -6.89 -3.66 -14.17
C GLU A 80 -5.76 -2.65 -13.96
N ASP A 81 -4.70 -3.13 -13.25
CA ASP A 81 -3.37 -2.51 -13.19
C ASP A 81 -3.41 -1.12 -12.53
N GLY A 82 -2.80 -1.05 -11.35
CA GLY A 82 -2.72 0.20 -10.63
C GLY A 82 -2.85 0.04 -9.14
N ALA A 83 -3.04 1.20 -8.48
CA ALA A 83 -3.22 1.27 -7.04
C ALA A 83 -4.66 0.86 -6.71
N TYR A 84 -4.80 -0.32 -6.10
CA TYR A 84 -6.08 -0.82 -5.59
C TYR A 84 -6.28 -0.30 -4.17
N ARG A 85 -7.54 -0.04 -3.82
CA ARG A 85 -7.99 0.06 -2.42
C ARG A 85 -8.69 -1.26 -2.09
N ILE A 86 -8.41 -1.81 -0.90
CA ILE A 86 -8.72 -3.23 -0.62
C ILE A 86 -9.43 -3.43 0.74
N LYS A 87 -10.38 -4.40 0.73
CA LYS A 87 -11.31 -4.73 1.84
C LYS A 87 -11.18 -6.19 2.26
N GLN A 88 -11.29 -6.46 3.57
CA GLN A 88 -11.44 -7.85 4.08
C GLN A 88 -12.51 -7.91 5.16
N LYS A 89 -13.18 -9.07 5.26
CA LYS A 89 -13.94 -9.41 6.48
C LYS A 89 -13.02 -10.28 7.34
N GLY A 90 -12.24 -9.67 8.25
CA GLY A 90 -11.23 -10.42 9.01
C GLY A 90 -10.60 -9.67 10.15
N ILE A 91 -9.84 -10.42 10.98
CA ILE A 91 -8.84 -9.88 11.95
C ILE A 91 -9.51 -9.09 13.09
N LEU A 92 -9.93 -7.85 12.80
CA LEU A 92 -10.47 -6.90 13.79
C LEU A 92 -11.73 -6.20 13.22
N GLY A 93 -11.93 -6.31 11.88
CA GLY A 93 -13.04 -5.62 11.20
C GLY A 93 -13.64 -6.43 10.05
N TYR A 94 -14.35 -5.70 9.17
CA TYR A 94 -15.27 -6.29 8.16
C TYR A 94 -15.32 -5.35 6.94
N SER A 95 -14.17 -4.68 6.65
CA SER A 95 -14.22 -3.39 5.91
C SER A 95 -12.97 -3.08 5.05
N GLN A 96 -13.10 -1.96 4.26
CA GLN A 96 -12.10 -1.45 3.29
C GLN A 96 -11.10 -0.52 3.97
N ILE A 97 -9.80 -0.88 3.94
CA ILE A 97 -8.76 -0.11 4.64
C ILE A 97 -7.47 0.14 3.81
N GLY A 98 -7.04 -0.84 2.99
CA GLY A 98 -5.63 -0.85 2.54
C GLY A 98 -5.43 -0.44 1.10
N ALA A 99 -4.17 -0.59 0.62
CA ALA A 99 -3.81 -0.33 -0.78
C ALA A 99 -3.00 -1.53 -1.35
N GLY A 100 -3.47 -2.09 -2.47
CA GLY A 100 -2.83 -3.21 -3.14
C GLY A 100 -2.30 -2.82 -4.51
N VAL A 101 -0.99 -2.78 -4.66
CA VAL A 101 -0.32 -2.25 -5.86
C VAL A 101 -0.13 -3.36 -6.92
N TYR A 102 -0.99 -3.36 -7.95
CA TYR A 102 -0.89 -4.32 -9.06
C TYR A 102 -0.03 -3.68 -10.16
N LYS A 103 1.18 -4.21 -10.35
CA LYS A 103 2.18 -3.62 -11.25
C LYS A 103 2.99 -4.74 -11.94
N GLU A 104 3.35 -4.50 -13.22
CA GLU A 104 4.20 -5.40 -14.05
C GLU A 104 3.52 -6.77 -14.33
N GLY A 105 2.20 -6.84 -14.09
CA GLY A 105 1.42 -8.07 -14.27
C GLY A 105 1.26 -8.87 -12.97
N THR A 106 1.91 -8.41 -11.90
CA THR A 106 1.92 -9.09 -10.60
C THR A 106 1.36 -8.15 -9.50
N PHE A 107 0.54 -8.68 -8.61
CA PHE A 107 -0.03 -7.92 -7.47
C PHE A 107 1.00 -7.84 -6.33
N HIS A 108 1.14 -6.65 -5.72
CA HIS A 108 2.18 -6.35 -4.70
C HIS A 108 1.56 -5.62 -3.50
N THR A 109 1.64 -6.22 -2.31
CA THR A 109 1.13 -5.64 -1.06
C THR A 109 2.11 -5.88 0.11
N MET A 110 1.80 -5.34 1.29
CA MET A 110 2.58 -5.54 2.53
C MET A 110 2.18 -6.86 3.23
N TRP A 111 2.93 -7.29 4.27
CA TRP A 111 2.55 -8.48 5.07
C TRP A 111 1.62 -8.12 6.24
N HIS A 112 2.06 -7.16 7.09
CA HIS A 112 1.40 -6.86 8.40
C HIS A 112 -0.08 -6.49 8.26
N VAL A 113 -0.50 -6.21 7.03
CA VAL A 113 -1.89 -5.96 6.66
C VAL A 113 -2.83 -7.20 6.89
N THR A 114 -2.39 -8.41 6.47
CA THR A 114 -3.04 -9.71 6.76
C THR A 114 -1.95 -10.81 6.66
N ARG A 115 -2.08 -11.90 7.45
CA ARG A 115 -1.01 -12.90 7.67
C ARG A 115 -0.63 -13.79 6.43
N GLY A 116 -1.09 -13.41 5.22
CA GLY A 116 -0.77 -14.17 4.00
C GLY A 116 -1.89 -15.12 3.63
N ALA A 117 -3.07 -14.54 3.34
CA ALA A 117 -4.31 -15.30 3.14
C ALA A 117 -4.86 -15.13 1.69
N VAL A 118 -6.13 -15.51 1.48
CA VAL A 118 -6.72 -15.77 0.15
C VAL A 118 -7.40 -14.52 -0.44
N LEU A 119 -7.06 -14.18 -1.72
CA LEU A 119 -7.58 -12.95 -2.38
C LEU A 119 -8.86 -13.29 -3.14
N MET A 120 -9.74 -12.29 -3.43
CA MET A 120 -11.08 -12.58 -4.01
C MET A 120 -11.91 -11.34 -4.45
N HIS A 121 -13.13 -11.69 -4.97
CA HIS A 121 -14.20 -10.78 -5.44
C HIS A 121 -15.58 -11.44 -5.17
N LYS A 122 -16.37 -10.85 -4.23
CA LYS A 122 -17.76 -11.30 -3.91
C LYS A 122 -17.86 -12.83 -3.67
N GLY A 123 -16.80 -13.43 -3.08
CA GLY A 123 -16.76 -14.87 -2.78
C GLY A 123 -15.98 -15.69 -3.80
N LYS A 124 -15.79 -15.14 -5.01
CA LYS A 124 -14.98 -15.78 -6.09
C LYS A 124 -13.49 -15.71 -5.72
N ARG A 125 -12.90 -16.90 -5.52
CA ARG A 125 -11.58 -17.09 -4.86
C ARG A 125 -10.39 -16.89 -5.84
N ILE A 126 -9.26 -16.40 -5.29
CA ILE A 126 -7.99 -16.15 -6.02
C ILE A 126 -6.80 -16.54 -5.11
N GLU A 127 -5.83 -17.27 -5.71
CA GLU A 127 -4.69 -17.88 -5.00
C GLU A 127 -3.49 -16.92 -4.95
N PRO A 128 -3.02 -16.47 -3.74
CA PRO A 128 -1.76 -15.69 -3.60
C PRO A 128 -0.51 -16.56 -3.93
N SER A 129 0.52 -15.95 -4.53
CA SER A 129 1.73 -16.68 -4.98
C SER A 129 2.89 -16.55 -3.97
N TRP A 130 2.81 -15.55 -3.08
CA TRP A 130 3.85 -15.32 -2.05
C TRP A 130 3.28 -14.54 -0.84
N ALA A 131 3.94 -14.74 0.33
CA ALA A 131 3.72 -13.97 1.58
C ALA A 131 4.95 -14.16 2.51
N ASP A 132 5.63 -13.04 2.92
CA ASP A 132 6.81 -13.10 3.83
C ASP A 132 6.78 -11.98 4.87
N VAL A 133 7.09 -12.37 6.12
CA VAL A 133 6.97 -11.51 7.31
C VAL A 133 8.13 -10.50 7.36
N LYS A 134 9.34 -10.99 7.04
CA LYS A 134 10.60 -10.25 7.27
C LYS A 134 10.75 -9.08 6.29
N LYS A 135 10.54 -9.35 5.00
CA LYS A 135 10.50 -8.30 3.97
C LYS A 135 9.20 -7.48 4.09
N ASP A 136 8.22 -8.06 4.81
CA ASP A 136 6.91 -7.44 5.08
C ASP A 136 6.15 -7.25 3.75
N LEU A 137 6.18 -8.30 2.91
CA LEU A 137 5.66 -8.22 1.53
C LEU A 137 4.94 -9.52 1.11
N ILE A 138 3.73 -9.35 0.59
CA ILE A 138 2.89 -10.41 -0.01
C ILE A 138 2.70 -10.08 -1.50
N SER A 139 2.43 -11.10 -2.34
CA SER A 139 2.26 -10.88 -3.78
C SER A 139 1.43 -12.01 -4.44
N TYR A 140 0.73 -11.64 -5.53
CA TYR A 140 -0.08 -12.56 -6.37
C TYR A 140 0.46 -12.55 -7.81
N GLY A 141 0.32 -13.71 -8.49
CA GLY A 141 0.78 -13.89 -9.86
C GLY A 141 1.98 -14.83 -9.87
N GLY A 142 3.14 -14.26 -9.52
CA GLY A 142 4.35 -15.02 -9.26
C GLY A 142 5.58 -14.24 -9.67
N GLY A 143 6.06 -13.40 -8.74
CA GLY A 143 7.31 -12.67 -8.90
C GLY A 143 7.26 -11.34 -8.17
N TRP A 144 8.33 -11.02 -7.42
CA TRP A 144 8.55 -9.66 -6.91
C TRP A 144 9.54 -8.97 -7.83
N LYS A 145 9.03 -8.04 -8.65
CA LYS A 145 9.84 -7.20 -9.53
C LYS A 145 8.95 -6.06 -10.04
N LEU A 146 9.40 -4.82 -9.81
CA LEU A 146 8.72 -3.62 -10.31
C LEU A 146 9.73 -2.82 -11.13
N GLU A 147 10.80 -2.34 -10.43
CA GLU A 147 12.01 -1.77 -11.08
C GLU A 147 13.01 -1.27 -10.01
N GLY A 148 12.72 -0.08 -9.44
CA GLY A 148 13.74 0.75 -8.80
C GLY A 148 13.71 0.79 -7.29
N GLU A 149 14.54 1.68 -6.74
CA GLU A 149 14.94 1.66 -5.32
C GLU A 149 14.72 3.05 -4.69
N TRP A 150 14.50 3.09 -3.37
CA TRP A 150 14.59 4.33 -2.60
C TRP A 150 16.04 4.81 -2.57
N LYS A 151 16.30 5.87 -3.34
CA LYS A 151 17.59 6.54 -3.36
C LYS A 151 17.51 7.74 -2.41
N GLU A 152 18.04 7.55 -1.19
CA GLU A 152 18.08 8.57 -0.13
C GLU A 152 18.63 9.93 -0.65
N GLY A 153 17.73 10.92 -0.72
CA GLY A 153 18.02 12.25 -1.28
C GLY A 153 16.96 12.66 -2.28
N GLU A 154 16.54 11.69 -3.12
CA GLU A 154 15.48 11.84 -4.13
C GLU A 154 14.14 12.22 -3.46
N GLU A 155 13.58 13.38 -3.86
CA GLU A 155 12.27 13.84 -3.41
C GLU A 155 11.19 13.13 -4.25
N VAL A 156 10.63 12.08 -3.65
CA VAL A 156 9.77 11.10 -4.31
C VAL A 156 8.29 11.50 -4.21
N GLN A 157 7.45 10.76 -4.92
CA GLN A 157 5.98 10.89 -4.86
C GLN A 157 5.39 9.67 -4.14
N VAL A 158 4.21 9.82 -3.55
CA VAL A 158 3.41 8.69 -3.04
C VAL A 158 1.92 8.94 -3.37
N LEU A 159 1.22 7.90 -3.84
CA LEU A 159 -0.24 7.96 -4.01
C LEU A 159 -0.91 7.63 -2.67
N ALA A 160 -1.12 8.66 -1.86
CA ALA A 160 -1.90 8.55 -0.63
C ALA A 160 -3.38 8.48 -1.02
N LEU A 161 -3.95 7.26 -1.01
CA LEU A 161 -5.37 7.05 -1.37
C LEU A 161 -6.24 7.69 -0.29
N GLU A 162 -6.68 8.95 -0.55
CA GLU A 162 -7.50 9.73 0.37
C GLU A 162 -8.85 9.00 0.62
N PRO A 163 -9.10 8.53 1.88
CA PRO A 163 -10.36 7.87 2.22
C PRO A 163 -11.57 8.81 2.05
N GLY A 164 -12.44 8.45 1.09
CA GLY A 164 -13.66 9.19 0.79
C GLY A 164 -13.54 10.06 -0.45
N LYS A 165 -12.31 10.27 -0.95
CA LYS A 165 -12.03 11.08 -2.15
C LYS A 165 -11.13 10.32 -3.13
N ASN A 166 -10.71 11.03 -4.18
CA ASN A 166 -9.75 10.57 -5.19
C ASN A 166 -8.35 10.26 -4.59
N PRO A 167 -7.48 9.49 -5.33
CA PRO A 167 -6.03 9.32 -4.99
C PRO A 167 -5.30 10.67 -4.93
N ARG A 168 -4.40 10.83 -3.96
CA ARG A 168 -3.63 12.07 -3.76
C ARG A 168 -2.14 11.79 -3.99
N ALA A 169 -1.64 12.18 -5.17
CA ALA A 169 -0.20 12.22 -5.44
C ALA A 169 0.40 13.36 -4.64
N VAL A 170 1.33 13.05 -3.74
CA VAL A 170 2.00 14.07 -2.91
C VAL A 170 3.50 13.78 -2.84
N GLN A 171 4.31 14.83 -3.03
CA GLN A 171 5.76 14.76 -3.02
C GLN A 171 6.33 14.92 -1.59
N THR A 172 7.40 14.17 -1.31
CA THR A 172 8.10 14.16 -0.04
C THR A 172 9.60 13.92 -0.31
N LYS A 173 10.43 14.72 0.34
CA LYS A 173 11.88 14.51 0.40
C LYS A 173 12.16 13.70 1.69
N PRO A 174 13.10 12.70 1.69
CA PRO A 174 13.38 11.85 2.88
C PRO A 174 13.49 12.63 4.21
N GLY A 175 12.66 12.25 5.18
CA GLY A 175 12.66 12.80 6.52
C GLY A 175 13.32 11.82 7.49
N LEU A 176 13.27 12.13 8.79
CA LEU A 176 13.88 11.26 9.81
C LEU A 176 13.21 11.50 11.16
N PHE A 177 12.86 10.38 11.80
CA PHE A 177 12.21 10.36 13.11
C PHE A 177 13.16 9.69 14.11
N LYS A 178 13.48 10.44 15.17
CA LYS A 178 14.37 10.00 16.24
C LYS A 178 13.60 9.10 17.23
N THR A 179 14.33 8.23 17.89
CA THR A 179 13.83 7.33 18.94
C THR A 179 14.85 7.32 20.10
N ASN A 180 14.41 6.87 21.28
CA ASN A 180 15.29 6.62 22.44
C ASN A 180 16.38 5.56 22.11
N ALA A 181 16.08 4.71 21.12
CA ALA A 181 17.00 3.66 20.62
C ALA A 181 18.02 4.22 19.62
N GLY A 182 17.60 5.18 18.77
CA GLY A 182 18.45 5.74 17.72
C GLY A 182 17.75 6.82 16.89
N THR A 183 17.83 6.72 15.54
CA THR A 183 17.14 7.62 14.60
C THR A 183 16.98 6.89 13.26
N ILE A 184 15.76 6.83 12.72
CA ILE A 184 15.45 6.15 11.45
C ILE A 184 15.08 7.21 10.38
N GLY A 185 15.65 7.08 9.17
CA GLY A 185 15.40 8.02 8.06
C GLY A 185 14.47 7.42 7.01
N ALA A 186 13.27 8.02 6.84
CA ALA A 186 12.19 7.46 6.02
C ALA A 186 11.14 8.54 5.66
N VAL A 187 9.95 8.12 5.15
CA VAL A 187 8.91 9.06 4.69
C VAL A 187 8.19 9.72 5.88
N SER A 188 8.61 10.96 6.18
CA SER A 188 7.90 11.86 7.08
C SER A 188 7.01 12.78 6.23
N LEU A 189 5.72 12.46 6.15
CA LEU A 189 4.75 13.20 5.31
C LEU A 189 3.46 13.47 6.10
N ASP A 190 3.24 14.72 6.51
CA ASP A 190 2.00 15.10 7.21
C ASP A 190 0.82 15.17 6.22
N PHE A 191 -0.25 14.42 6.54
CA PHE A 191 -1.45 14.25 5.70
C PHE A 191 -2.51 13.52 6.54
N SER A 192 -3.68 13.26 5.95
CA SER A 192 -4.72 12.38 6.50
C SER A 192 -4.16 10.94 6.75
N PRO A 193 -4.81 10.11 7.65
CA PRO A 193 -4.37 8.71 7.92
C PRO A 193 -4.18 7.91 6.62
N GLY A 194 -2.88 7.78 6.22
CA GLY A 194 -2.49 7.08 5.00
C GLY A 194 -2.77 5.59 5.06
N THR A 195 -2.76 4.96 3.88
CA THR A 195 -3.19 3.58 3.73
C THR A 195 -1.98 2.62 3.62
N SER A 196 -2.08 1.47 4.31
CA SER A 196 -1.02 0.47 4.32
C SER A 196 -0.95 -0.23 2.94
N GLY A 197 0.11 0.16 2.19
CA GLY A 197 0.35 -0.32 0.84
C GLY A 197 0.45 0.83 -0.16
N SER A 198 0.40 2.10 0.35
CA SER A 198 0.58 3.32 -0.48
C SER A 198 1.85 3.22 -1.37
N PRO A 199 1.70 3.24 -2.74
CA PRO A 199 2.85 3.10 -3.67
C PRO A 199 3.72 4.38 -3.72
N ILE A 200 5.04 4.21 -3.46
CA ILE A 200 6.01 5.31 -3.52
C ILE A 200 6.65 5.33 -4.93
N ILE A 201 6.25 6.33 -5.70
CA ILE A 201 6.59 6.50 -7.12
C ILE A 201 7.48 7.75 -7.24
N ASP A 202 7.85 8.16 -8.47
CA ASP A 202 8.53 9.44 -8.72
C ASP A 202 7.74 10.27 -9.77
N LYS A 203 8.17 11.53 -9.90
CA LYS A 203 7.70 12.51 -10.91
C LYS A 203 7.67 11.89 -12.34
N LYS A 204 8.81 11.26 -12.72
CA LYS A 204 8.99 10.60 -14.04
C LYS A 204 8.10 9.35 -14.18
N GLY A 205 7.65 8.81 -13.04
CA GLY A 205 6.85 7.58 -13.01
C GLY A 205 7.69 6.38 -12.58
N LYS A 206 8.95 6.65 -12.18
CA LYS A 206 9.85 5.62 -11.62
C LYS A 206 9.25 5.06 -10.32
N VAL A 207 9.14 3.73 -10.20
CA VAL A 207 8.67 3.10 -8.95
C VAL A 207 9.85 3.04 -7.97
N VAL A 208 9.76 3.86 -6.93
CA VAL A 208 10.80 4.00 -5.90
C VAL A 208 10.65 2.87 -4.86
N GLY A 209 9.39 2.46 -4.66
CA GLY A 209 9.05 1.40 -3.73
C GLY A 209 7.61 1.49 -3.27
N LEU A 210 7.36 1.04 -2.03
CA LEU A 210 6.02 1.03 -1.41
C LEU A 210 6.11 1.63 0.00
N TYR A 211 4.94 1.79 0.63
CA TYR A 211 4.81 2.04 2.07
C TYR A 211 5.44 0.86 2.82
N GLY A 212 6.42 1.11 3.69
CA GLY A 212 6.94 0.09 4.63
C GLY A 212 6.15 0.12 5.94
N ASN A 213 6.49 -0.79 6.87
CA ASN A 213 5.73 -0.94 8.13
C ASN A 213 5.93 0.30 9.03
N GLY A 214 4.94 1.22 8.98
CA GLY A 214 4.93 2.42 9.81
C GLY A 214 3.55 2.76 10.32
N VAL A 215 3.30 4.07 10.59
CA VAL A 215 2.08 4.49 11.31
C VAL A 215 1.74 5.96 10.95
N VAL A 216 0.64 6.46 11.53
CA VAL A 216 0.37 7.90 11.61
C VAL A 216 0.80 8.40 13.02
N THR A 217 1.65 9.42 13.05
CA THR A 217 2.22 9.94 14.30
C THR A 217 1.42 11.12 14.83
N ARG A 218 1.26 11.14 16.18
CA ARG A 218 0.68 12.23 17.00
C ARG A 218 -0.55 12.93 16.34
N SER A 219 -0.28 13.86 15.41
CA SER A 219 -1.30 14.69 14.73
C SER A 219 -1.87 13.98 13.48
N GLY A 220 -1.65 12.66 13.38
CA GLY A 220 -2.20 11.84 12.29
C GLY A 220 -1.33 11.90 11.03
N ALA A 221 -0.07 12.32 11.20
CA ALA A 221 0.86 12.53 10.09
C ALA A 221 1.41 11.19 9.58
N TYR A 222 1.21 10.91 8.28
CA TYR A 222 1.64 9.65 7.64
C TYR A 222 3.19 9.55 7.67
N VAL A 223 3.72 8.79 8.65
CA VAL A 223 5.17 8.62 8.84
C VAL A 223 5.48 7.13 9.00
N SER A 224 6.13 6.59 7.97
CA SER A 224 6.35 5.17 7.80
C SER A 224 7.78 4.91 7.33
N ALA A 225 8.25 3.68 7.52
CA ALA A 225 9.45 3.19 6.82
C ALA A 225 9.19 3.17 5.31
N ILE A 226 10.25 3.29 4.49
CA ILE A 226 10.11 3.26 3.02
C ILE A 226 10.51 1.87 2.51
N ALA A 227 9.53 1.13 1.96
CA ALA A 227 9.80 -0.12 1.26
C ALA A 227 10.31 0.22 -0.15
N GLN A 228 11.19 -0.62 -0.69
CA GLN A 228 11.79 -0.42 -2.01
C GLN A 228 11.74 -1.74 -2.80
N THR A 229 11.63 -1.66 -4.13
CA THR A 229 11.34 -2.83 -4.97
C THR A 229 12.58 -3.33 -5.71
N GLU A 230 13.12 -4.48 -5.30
CA GLU A 230 14.27 -5.14 -5.97
C GLU A 230 14.29 -6.62 -5.59
N LYS A 231 14.62 -7.45 -6.57
CA LYS A 231 14.75 -8.91 -6.42
C LYS A 231 15.36 -9.44 -7.71
N SER A 232 14.65 -9.18 -8.83
CA SER A 232 15.13 -9.53 -10.16
C SER A 232 14.85 -8.34 -11.12
N ILE A 233 15.85 -7.45 -11.23
CA ILE A 233 15.88 -6.41 -12.28
C ILE A 233 16.26 -7.05 -13.64
N GLU A 234 16.83 -8.27 -13.57
CA GLU A 234 17.26 -9.06 -14.72
C GLU A 234 16.06 -9.43 -15.62
N ASP A 235 15.89 -8.71 -16.73
CA ASP A 235 14.72 -8.87 -17.63
C ASP A 235 15.16 -9.21 -19.07
N ASN A 236 16.47 -9.09 -19.34
CA ASN A 236 17.05 -9.36 -20.67
C ASN A 236 17.17 -10.89 -20.92
N PRO A 237 17.14 -11.36 -22.22
CA PRO A 237 17.38 -12.78 -22.58
C PRO A 237 18.74 -13.31 -22.06
N GLU A 238 18.82 -14.64 -21.85
CA GLU A 238 19.94 -15.31 -21.17
C GLU A 238 19.91 -14.95 -19.66
N ILE A 239 19.02 -15.62 -18.93
CA ILE A 239 18.82 -15.46 -17.49
C ILE A 239 18.82 -16.85 -16.79
N GLU A 240 18.95 -17.93 -17.60
CA GLU A 240 18.88 -19.32 -17.11
C GLU A 240 20.15 -19.68 -16.28
N LYS B 3 -7.33 -6.18 5.81
CA LYS B 3 -7.97 -5.67 7.07
C LYS B 3 -6.97 -5.37 8.21
N ARG B 4 -5.96 -4.57 7.86
CA ARG B 4 -5.18 -3.77 8.80
C ARG B 4 -4.25 -2.87 7.98
N GLY A 1 -8.78 -17.93 12.92
CA GLY A 1 -7.65 -18.12 11.97
C GLY A 1 -7.72 -17.15 10.80
N SER A 2 -7.32 -15.87 11.06
CA SER A 2 -7.30 -14.75 10.08
C SER A 2 -8.67 -14.55 9.39
N ALA A 3 -8.67 -13.85 8.23
CA ALA A 3 -9.85 -13.69 7.38
C ALA A 3 -9.76 -14.61 6.13
N ALA A 4 -10.79 -14.54 5.27
CA ALA A 4 -10.90 -15.37 4.05
C ALA A 4 -11.89 -14.75 3.06
N ASP A 5 -12.24 -13.46 3.26
CA ASP A 5 -13.20 -12.73 2.41
C ASP A 5 -12.63 -11.32 2.16
N LEU A 6 -11.48 -11.27 1.44
CA LEU A 6 -10.76 -10.01 1.17
C LEU A 6 -10.93 -9.59 -0.29
N GLU A 7 -11.63 -8.46 -0.50
CA GLU A 7 -12.16 -8.06 -1.81
C GLU A 7 -11.44 -6.79 -2.37
N LEU A 8 -10.94 -6.85 -3.62
CA LEU A 8 -10.15 -5.71 -4.21
C LEU A 8 -10.94 -4.93 -5.27
N GLU A 9 -10.67 -3.60 -5.39
CA GLU A 9 -11.23 -2.72 -6.44
C GLU A 9 -10.18 -1.67 -6.84
N ARG A 10 -10.06 -1.32 -8.14
CA ARG A 10 -9.10 -0.31 -8.60
C ARG A 10 -9.43 1.06 -7.95
N ALA A 11 -8.37 1.81 -7.64
CA ALA A 11 -8.48 3.21 -7.21
C ALA A 11 -7.82 4.11 -8.26
N ALA A 12 -6.70 3.61 -8.79
CA ALA A 12 -5.91 4.26 -9.85
C ALA A 12 -4.87 3.27 -10.38
N ASP A 13 -3.95 3.76 -11.21
CA ASP A 13 -2.81 2.98 -11.73
C ASP A 13 -1.54 3.32 -10.95
N VAL A 14 -0.61 2.33 -10.80
CA VAL A 14 0.66 2.55 -10.08
C VAL A 14 1.56 3.40 -10.97
N LYS A 15 1.57 4.72 -10.68
CA LYS A 15 2.23 5.76 -11.50
C LYS A 15 2.50 6.99 -10.62
N TRP A 16 3.48 7.82 -11.01
CA TRP A 16 3.53 9.19 -10.51
C TRP A 16 2.36 9.96 -11.14
N GLU A 17 1.43 10.41 -10.30
CA GLU A 17 0.28 11.21 -10.73
C GLU A 17 0.73 12.67 -10.88
N ASP A 18 0.17 13.39 -11.88
CA ASP A 18 0.54 14.81 -12.14
C ASP A 18 0.03 15.75 -11.01
N GLN A 19 -0.72 15.19 -10.06
CA GLN A 19 -1.17 15.86 -8.83
C GLN A 19 0.00 15.95 -7.80
N ALA A 20 1.17 16.44 -8.27
CA ALA A 20 2.39 16.58 -7.46
C ALA A 20 2.18 17.60 -6.33
N GLU A 21 1.72 17.10 -5.17
CA GLU A 21 1.50 17.89 -3.95
C GLU A 21 2.79 17.85 -3.11
N ILE A 22 3.59 18.93 -3.16
CA ILE A 22 4.83 19.01 -2.34
C ILE A 22 4.40 19.37 -0.91
N SER A 23 4.38 18.34 -0.04
CA SER A 23 3.93 18.43 1.36
C SER A 23 4.49 17.26 2.17
N GLY A 24 5.62 17.46 2.86
CA GLY A 24 6.22 16.42 3.70
C GLY A 24 7.64 16.75 4.12
N SER A 25 8.55 15.77 3.98
CA SER A 25 9.98 15.92 4.29
C SER A 25 10.17 16.22 5.79
N SER A 26 9.36 15.52 6.62
CA SER A 26 9.33 15.70 8.07
C SER A 26 10.73 15.34 8.66
N PRO A 27 11.46 16.33 9.28
CA PRO A 27 12.88 16.16 9.72
C PRO A 27 13.05 14.99 10.73
N ILE A 28 12.70 15.24 12.01
CA ILE A 28 12.77 14.21 13.06
C ILE A 28 11.34 13.88 13.56
N LEU A 29 11.12 12.61 13.92
CA LEU A 29 9.87 12.16 14.55
C LEU A 29 10.21 11.28 15.77
N SER A 30 9.30 11.19 16.75
CA SER A 30 9.38 10.25 17.87
C SER A 30 8.52 9.01 17.55
N ILE A 31 9.14 7.82 17.55
CA ILE A 31 8.47 6.58 17.12
C ILE A 31 8.40 5.57 18.29
N THR A 32 7.38 4.69 18.28
CA THR A 32 7.20 3.64 19.30
C THR A 32 7.59 2.25 18.72
N ILE A 33 8.74 1.75 19.18
CA ILE A 33 9.23 0.40 18.85
C ILE A 33 8.34 -0.65 19.54
N SER A 34 7.66 -1.45 18.72
CA SER A 34 6.64 -2.43 19.14
C SER A 34 7.21 -3.86 19.10
N GLU A 35 7.32 -4.47 20.31
CA GLU A 35 7.79 -5.87 20.52
C GLU A 35 9.23 -6.08 20.01
N ASP A 36 9.97 -4.95 19.87
CA ASP A 36 11.32 -4.84 19.21
C ASP A 36 11.41 -5.45 17.79
N GLY A 37 10.25 -5.85 17.22
CA GLY A 37 10.19 -6.49 15.91
C GLY A 37 9.63 -5.53 14.87
N SER A 38 8.50 -4.88 15.22
CA SER A 38 7.86 -3.87 14.38
C SER A 38 8.10 -2.47 14.97
N MET A 39 7.86 -1.44 14.16
CA MET A 39 7.81 -0.04 14.62
C MET A 39 6.44 0.56 14.22
N SER A 40 5.95 1.51 15.03
CA SER A 40 4.64 2.16 14.87
C SER A 40 4.44 3.22 15.96
N ILE A 41 3.25 3.84 16.00
CA ILE A 41 2.70 4.50 17.20
C ILE A 41 1.58 3.58 17.71
N LYS A 42 1.32 3.62 19.02
CA LYS A 42 0.14 2.97 19.61
C LYS A 42 -1.12 3.73 19.13
N ASN A 43 -1.57 3.36 17.92
CA ASN A 43 -2.68 4.02 17.19
C ASN A 43 -3.76 2.98 16.89
N GLU A 44 -5.02 3.42 16.75
CA GLU A 44 -6.19 2.53 16.58
C GLU A 44 -7.22 3.20 15.66
N GLU A 45 -6.75 3.69 14.51
CA GLU A 45 -7.57 4.38 13.50
C GLU A 45 -7.60 3.60 12.18
N GLU A 46 -8.73 2.92 11.92
CA GLU A 46 -8.94 2.11 10.70
C GLU A 46 -9.17 3.01 9.47
N GLU A 47 -9.92 4.12 9.69
CA GLU A 47 -10.41 5.07 8.65
C GLU A 47 -11.75 4.59 8.05
N GLN A 48 -11.79 3.30 7.65
CA GLN A 48 -12.96 2.58 7.05
C GLN A 48 -13.65 3.37 5.91
N THR A 49 -12.85 4.17 5.16
CA THR A 49 -13.33 5.00 4.04
C THR A 49 -12.25 5.07 2.94
N LEU A 50 -12.55 4.45 1.77
CA LEU A 50 -11.69 4.51 0.57
C LEU A 50 -12.47 3.94 -0.64
N GLY A 51 -13.03 2.72 -0.45
CA GLY A 51 -13.81 2.00 -1.47
C GLY A 51 -15.22 2.55 -1.68
N GLY A 52 -15.29 3.82 -2.13
CA GLY A 52 -16.55 4.46 -2.46
C GLY A 52 -16.88 4.25 -3.92
N GLY A 53 -16.17 5.00 -4.80
CA GLY A 53 -16.37 4.95 -6.25
C GLY A 53 -17.77 5.40 -6.69
N GLY A 54 -18.40 6.24 -5.85
CA GLY A 54 -19.78 6.68 -6.03
C GLY A 54 -20.20 7.67 -4.95
N SER A 55 -19.70 7.44 -3.72
CA SER A 55 -19.94 8.30 -2.53
C SER A 55 -21.43 8.36 -2.14
N GLY A 56 -22.13 7.23 -2.36
CA GLY A 56 -23.56 7.13 -2.03
C GLY A 56 -24.18 5.84 -2.56
N GLY A 57 -25.54 5.77 -2.52
CA GLY A 57 -26.27 4.60 -3.00
C GLY A 57 -26.25 3.46 -1.98
N GLY A 58 -25.11 2.74 -1.94
CA GLY A 58 -24.87 1.66 -1.00
C GLY A 58 -23.66 1.96 -0.13
N GLY A 59 -23.75 3.09 0.61
CA GLY A 59 -22.61 3.63 1.39
C GLY A 59 -22.42 2.98 2.76
N GLU A 60 -22.42 1.63 2.78
CA GLU A 60 -22.14 0.80 3.97
C GLU A 60 -21.35 -0.46 3.50
N PHE A 61 -22.05 -1.33 2.75
CA PHE A 61 -21.51 -2.59 2.25
C PHE A 61 -21.43 -2.55 0.72
N ALA A 62 -22.63 -2.41 0.08
CA ALA A 62 -22.85 -2.56 -1.37
C ALA A 62 -22.29 -3.90 -1.86
N GLY A 63 -22.50 -4.94 -1.03
CA GLY A 63 -21.73 -6.17 -1.09
C GLY A 63 -20.45 -5.99 -0.32
N VAL A 64 -19.31 -5.79 -1.03
CA VAL A 64 -18.02 -5.41 -0.42
C VAL A 64 -17.29 -4.47 -1.40
N LEU A 65 -16.49 -5.06 -2.34
CA LEU A 65 -15.66 -4.32 -3.34
C LEU A 65 -15.22 -5.33 -4.45
N TRP A 66 -15.22 -4.95 -5.77
CA TRP A 66 -14.86 -5.95 -6.83
C TRP A 66 -14.53 -5.34 -8.24
N ASP A 67 -13.43 -4.60 -8.40
CA ASP A 67 -12.88 -4.31 -9.75
C ASP A 67 -11.65 -5.18 -9.93
N VAL A 68 -11.95 -6.47 -10.08
CA VAL A 68 -10.99 -7.55 -10.28
C VAL A 68 -11.54 -8.40 -11.48
N PRO A 69 -10.96 -8.24 -12.71
CA PRO A 69 -11.51 -8.84 -13.94
C PRO A 69 -11.35 -10.37 -14.01
N SER A 70 -12.50 -11.07 -14.06
CA SER A 70 -12.56 -12.53 -14.26
C SER A 70 -12.26 -12.83 -15.76
N PRO A 71 -11.47 -13.91 -16.08
CA PRO A 71 -11.07 -14.23 -17.48
C PRO A 71 -12.27 -14.53 -18.41
N PRO A 72 -12.48 -13.73 -19.51
CA PRO A 72 -13.54 -13.98 -20.53
C PRO A 72 -13.47 -15.42 -21.17
N PRO A 73 -12.25 -16.01 -21.50
CA PRO A 73 -12.15 -17.45 -21.78
C PRO A 73 -12.03 -18.26 -20.47
N VAL A 74 -10.78 -18.40 -19.94
CA VAL A 74 -10.49 -19.17 -18.71
C VAL A 74 -8.99 -19.02 -18.32
N GLY A 75 -8.09 -19.16 -19.32
CA GLY A 75 -6.65 -19.15 -19.08
C GLY A 75 -6.09 -17.74 -18.93
N LYS A 76 -6.28 -17.17 -17.72
CA LYS A 76 -5.78 -15.83 -17.34
C LYS A 76 -5.94 -15.66 -15.81
N ALA A 77 -5.17 -14.73 -15.22
CA ALA A 77 -5.37 -14.27 -13.82
C ALA A 77 -6.24 -12.99 -13.81
N GLU A 78 -6.41 -12.36 -12.64
CA GLU A 78 -7.03 -11.02 -12.56
C GLU A 78 -5.94 -9.97 -12.85
N LEU A 79 -6.30 -8.87 -13.55
CA LEU A 79 -5.40 -7.74 -13.78
C LEU A 79 -6.19 -6.53 -14.31
N GLU A 80 -6.83 -5.78 -13.39
CA GLU A 80 -7.29 -4.41 -13.69
C GLU A 80 -6.06 -3.48 -13.66
N ASP A 81 -4.98 -3.97 -13.00
CA ASP A 81 -3.60 -3.42 -13.08
C ASP A 81 -3.53 -1.98 -12.56
N GLY A 82 -2.98 -1.82 -11.34
CA GLY A 82 -2.92 -0.51 -10.72
C GLY A 82 -2.94 -0.56 -9.22
N ALA A 83 -3.07 0.63 -8.61
CA ALA A 83 -3.20 0.79 -7.17
C ALA A 83 -4.66 0.60 -6.81
N TYR A 84 -4.98 -0.53 -6.18
CA TYR A 84 -6.35 -0.88 -5.81
C TYR A 84 -6.69 -0.30 -4.43
N ARG A 85 -7.91 0.21 -4.30
CA ARG A 85 -8.55 0.45 -3.01
C ARG A 85 -9.12 -0.91 -2.56
N ILE A 86 -8.76 -1.35 -1.35
CA ILE A 86 -9.07 -2.72 -0.90
C ILE A 86 -9.92 -2.69 0.41
N LYS A 87 -10.96 -3.54 0.41
CA LYS A 87 -12.00 -3.64 1.46
C LYS A 87 -12.24 -5.10 1.78
N GLN A 88 -12.41 -5.47 3.06
CA GLN A 88 -12.70 -6.88 3.38
C GLN A 88 -13.66 -7.11 4.54
N LYS A 89 -14.36 -8.26 4.43
CA LYS A 89 -15.24 -8.85 5.45
C LYS A 89 -14.42 -9.91 6.23
N GLY A 90 -13.81 -9.50 7.32
CA GLY A 90 -13.10 -10.42 8.22
C GLY A 90 -12.66 -9.72 9.47
N ILE A 91 -12.10 -10.48 10.44
CA ILE A 91 -11.33 -9.93 11.59
C ILE A 91 -12.24 -9.21 12.63
N LEU A 92 -12.89 -8.11 12.20
CA LEU A 92 -13.89 -7.38 13.01
C LEU A 92 -15.17 -7.05 12.19
N GLY A 93 -15.13 -7.28 10.86
CA GLY A 93 -16.26 -6.96 9.96
C GLY A 93 -15.80 -6.45 8.59
N TYR A 94 -16.66 -5.64 7.94
CA TYR A 94 -16.37 -5.00 6.64
C TYR A 94 -15.69 -3.64 6.88
N SER A 95 -14.46 -3.43 6.35
CA SER A 95 -13.87 -2.07 6.28
C SER A 95 -13.09 -1.88 4.97
N GLN A 96 -13.35 -0.70 4.33
CA GLN A 96 -12.65 -0.24 3.10
C GLN A 96 -11.50 0.68 3.51
N ILE A 97 -10.25 0.20 3.44
CA ILE A 97 -9.16 0.89 4.11
C ILE A 97 -7.90 1.07 3.24
N GLY A 98 -7.47 0.05 2.46
CA GLY A 98 -6.04 -0.07 2.10
C GLY A 98 -5.70 0.18 0.66
N ALA A 99 -4.40 0.03 0.35
CA ALA A 99 -3.90 0.06 -1.03
C ALA A 99 -3.14 -1.25 -1.33
N GLY A 100 -3.55 -1.95 -2.38
CA GLY A 100 -2.87 -3.15 -2.85
C GLY A 100 -2.55 -3.02 -4.32
N VAL A 101 -1.28 -3.10 -4.69
CA VAL A 101 -0.84 -2.70 -6.03
C VAL A 101 -0.52 -3.93 -6.92
N TYR A 102 -1.26 -4.07 -8.03
CA TYR A 102 -0.99 -5.10 -9.04
C TYR A 102 -0.22 -4.45 -10.18
N LYS A 103 0.95 -5.05 -10.51
CA LYS A 103 1.71 -4.74 -11.74
C LYS A 103 2.24 -6.05 -12.34
N GLU A 104 2.37 -6.05 -13.68
CA GLU A 104 2.95 -7.16 -14.46
C GLU A 104 2.08 -8.44 -14.35
N GLY A 105 2.28 -9.18 -13.26
CA GLY A 105 1.58 -10.44 -13.01
C GLY A 105 1.54 -10.77 -11.53
N THR A 106 1.63 -9.72 -10.69
CA THR A 106 1.72 -9.86 -9.23
C THR A 106 0.95 -8.74 -8.51
N PHE A 107 0.08 -9.14 -7.56
CA PHE A 107 -0.66 -8.21 -6.68
C PHE A 107 0.13 -8.12 -5.39
N HIS A 108 1.10 -7.22 -5.36
CA HIS A 108 2.05 -7.09 -4.25
C HIS A 108 1.57 -6.02 -3.27
N THR A 109 1.34 -6.42 -2.03
CA THR A 109 0.78 -5.57 -0.99
C THR A 109 1.56 -5.76 0.33
N MET A 110 0.92 -5.47 1.48
CA MET A 110 1.59 -5.29 2.78
C MET A 110 1.24 -6.47 3.72
N TRP A 111 2.12 -6.77 4.71
CA TRP A 111 1.84 -7.80 5.74
C TRP A 111 1.05 -7.22 6.94
N HIS A 112 1.53 -6.07 7.51
CA HIS A 112 0.99 -5.55 8.81
C HIS A 112 -0.50 -5.21 8.76
N VAL A 113 -1.03 -5.09 7.54
CA VAL A 113 -2.46 -4.90 7.30
C VAL A 113 -3.27 -6.19 7.69
N THR A 114 -2.92 -7.33 7.07
CA THR A 114 -3.55 -8.65 7.34
C THR A 114 -2.46 -9.72 7.09
N ARG A 115 -2.46 -10.78 7.91
CA ARG A 115 -1.34 -11.73 8.05
C ARG A 115 -1.18 -12.75 6.89
N GLY A 116 -1.78 -12.47 5.72
CA GLY A 116 -1.71 -13.37 4.57
C GLY A 116 -3.00 -14.16 4.42
N ALA A 117 -4.10 -13.44 4.18
CA ALA A 117 -5.44 -14.03 4.06
C ALA A 117 -5.94 -13.95 2.60
N VAL A 118 -7.05 -14.67 2.30
CA VAL A 118 -7.46 -14.98 0.91
C VAL A 118 -8.16 -13.81 0.22
N LEU A 119 -7.78 -13.55 -1.05
CA LEU A 119 -8.25 -12.38 -1.82
C LEU A 119 -9.39 -12.81 -2.73
N MET A 120 -10.22 -11.85 -3.23
CA MET A 120 -11.48 -12.20 -3.93
C MET A 120 -12.20 -10.98 -4.59
N HIS A 121 -13.29 -11.33 -5.32
CA HIS A 121 -14.17 -10.41 -6.05
C HIS A 121 -15.63 -10.56 -5.51
N LYS A 122 -16.02 -9.67 -4.54
CA LYS A 122 -17.22 -9.82 -3.65
C LYS A 122 -17.66 -11.30 -3.44
N GLY A 123 -16.75 -12.13 -2.86
CA GLY A 123 -17.05 -13.53 -2.56
C GLY A 123 -16.48 -14.54 -3.56
N LYS A 124 -15.98 -14.08 -4.73
CA LYS A 124 -15.38 -14.98 -5.76
C LYS A 124 -13.91 -15.26 -5.38
N ARG A 125 -13.62 -16.53 -5.04
CA ARG A 125 -12.32 -16.99 -4.47
C ARG A 125 -11.09 -16.67 -5.37
N ILE A 126 -10.03 -16.08 -4.75
CA ILE A 126 -8.72 -15.84 -5.37
C ILE A 126 -7.62 -16.16 -4.32
N GLU A 127 -6.80 -17.18 -4.61
CA GLU A 127 -5.80 -17.68 -3.67
C GLU A 127 -4.48 -16.89 -3.81
N PRO A 128 -3.97 -16.22 -2.71
CA PRO A 128 -2.67 -15.48 -2.73
C PRO A 128 -1.45 -16.39 -3.01
N SER A 129 -0.26 -15.78 -3.07
CA SER A 129 0.99 -16.44 -3.52
C SER A 129 2.07 -16.44 -2.44
N TRP A 130 2.10 -15.37 -1.62
CA TRP A 130 3.21 -15.14 -0.66
C TRP A 130 2.75 -14.24 0.51
N ALA A 131 3.40 -14.43 1.68
CA ALA A 131 3.29 -13.54 2.87
C ALA A 131 4.61 -13.62 3.68
N ASP A 132 5.27 -12.45 3.94
CA ASP A 132 6.52 -12.38 4.75
C ASP A 132 6.36 -11.31 5.84
N VAL A 133 6.65 -11.72 7.09
CA VAL A 133 6.41 -10.91 8.30
C VAL A 133 7.46 -9.79 8.43
N LYS A 134 8.74 -10.19 8.24
CA LYS A 134 9.91 -9.34 8.53
C LYS A 134 10.09 -8.26 7.46
N LYS A 135 9.99 -8.66 6.20
CA LYS A 135 9.98 -7.74 5.04
C LYS A 135 8.64 -7.01 4.95
N ASP A 136 7.62 -7.53 5.66
CA ASP A 136 6.30 -6.90 5.81
C ASP A 136 5.60 -6.75 4.43
N LEU A 137 5.70 -7.83 3.62
CA LEU A 137 5.24 -7.81 2.21
C LEU A 137 4.55 -9.13 1.82
N ILE A 138 3.42 -8.99 1.12
CA ILE A 138 2.57 -10.09 0.61
C ILE A 138 2.46 -9.96 -0.91
N SER A 139 2.08 -11.05 -1.63
CA SER A 139 1.80 -10.98 -3.07
C SER A 139 0.83 -12.07 -3.52
N TYR A 140 0.13 -11.80 -4.64
CA TYR A 140 -0.72 -12.78 -5.37
C TYR A 140 -0.11 -13.02 -6.76
N GLY A 141 -0.32 -14.25 -7.30
CA GLY A 141 0.16 -14.66 -8.63
C GLY A 141 1.20 -15.78 -8.49
N GLY A 142 2.45 -15.44 -8.79
CA GLY A 142 3.59 -16.30 -8.51
C GLY A 142 4.84 -15.76 -9.16
N GLY A 143 5.44 -14.80 -8.47
CA GLY A 143 6.63 -14.11 -8.94
C GLY A 143 6.60 -12.66 -8.45
N TRP A 144 7.71 -12.12 -7.97
CA TRP A 144 7.81 -10.70 -7.64
C TRP A 144 8.64 -10.00 -8.70
N LYS A 145 7.96 -9.22 -9.57
CA LYS A 145 8.59 -8.39 -10.59
C LYS A 145 8.01 -6.98 -10.54
N LEU A 146 8.90 -5.99 -10.37
CA LEU A 146 8.53 -4.57 -10.34
C LEU A 146 9.43 -3.79 -11.30
N GLU A 147 10.63 -3.36 -10.82
CA GLU A 147 11.54 -2.48 -11.58
C GLU A 147 12.78 -2.11 -10.73
N GLY A 148 12.56 -1.33 -9.64
CA GLY A 148 13.67 -0.69 -8.93
C GLY A 148 13.53 -0.70 -7.43
N GLU A 149 14.30 0.20 -6.79
CA GLU A 149 14.55 0.20 -5.33
C GLU A 149 14.75 1.66 -4.87
N TRP A 150 14.66 1.90 -3.56
CA TRP A 150 14.90 3.23 -2.97
C TRP A 150 16.37 3.69 -3.09
N LYS A 151 16.54 5.00 -3.24
CA LYS A 151 17.84 5.68 -3.23
C LYS A 151 17.68 7.06 -2.56
N GLU A 152 18.61 7.37 -1.63
CA GLU A 152 18.68 8.70 -0.98
C GLU A 152 19.24 9.76 -1.94
N GLY A 153 19.03 11.04 -1.61
CA GLY A 153 19.43 12.15 -2.49
C GLY A 153 18.34 12.52 -3.49
N GLU A 154 17.55 11.51 -3.91
CA GLU A 154 16.39 11.69 -4.78
C GLU A 154 15.14 11.98 -3.93
N GLU A 155 14.29 12.92 -4.37
CA GLU A 155 12.98 13.13 -3.76
C GLU A 155 12.03 12.03 -4.25
N VAL A 156 11.28 11.46 -3.31
CA VAL A 156 10.37 10.34 -3.58
C VAL A 156 8.90 10.82 -3.58
N GLN A 157 8.07 10.30 -4.49
CA GLN A 157 6.65 10.70 -4.58
C GLN A 157 5.78 9.52 -4.13
N VAL A 158 4.60 9.80 -3.56
CA VAL A 158 3.61 8.76 -3.24
C VAL A 158 2.19 9.23 -3.59
N LEU A 159 1.56 8.57 -4.59
CA LEU A 159 0.15 8.85 -4.94
C LEU A 159 -0.77 8.39 -3.78
N ALA A 160 -0.97 9.31 -2.82
CA ALA A 160 -1.73 9.06 -1.59
C ALA A 160 -3.22 8.93 -1.94
N LEU A 161 -3.78 7.70 -1.81
CA LEU A 161 -5.22 7.45 -1.94
C LEU A 161 -5.93 8.10 -0.75
N GLU A 162 -6.12 9.42 -0.88
CA GLU A 162 -6.76 10.25 0.14
C GLU A 162 -8.23 9.77 0.32
N PRO A 163 -8.67 9.43 1.58
CA PRO A 163 -9.98 8.76 1.83
C PRO A 163 -11.19 9.49 1.17
N GLY A 164 -11.81 8.78 0.20
CA GLY A 164 -12.96 9.30 -0.55
C GLY A 164 -12.57 10.29 -1.65
N LYS A 165 -11.32 10.18 -2.15
CA LYS A 165 -10.75 11.10 -3.16
C LYS A 165 -9.71 10.38 -4.03
N ASN A 166 -9.38 11.00 -5.18
CA ASN A 166 -8.32 10.54 -6.10
C ASN A 166 -6.91 10.54 -5.43
N PRO A 167 -5.94 9.73 -5.96
CA PRO A 167 -4.55 9.72 -5.44
C PRO A 167 -3.79 11.01 -5.78
N ARG A 168 -3.39 11.76 -4.75
CA ARG A 168 -2.57 12.97 -4.92
C ARG A 168 -1.11 12.59 -4.68
N ALA A 169 -0.28 12.65 -5.75
CA ALA A 169 1.12 12.23 -5.68
C ALA A 169 1.93 13.24 -4.89
N VAL A 170 2.22 12.90 -3.64
CA VAL A 170 2.88 13.77 -2.71
C VAL A 170 4.40 13.67 -2.88
N GLN A 171 4.99 14.75 -3.43
CA GLN A 171 6.44 14.84 -3.69
C GLN A 171 7.14 15.29 -2.41
N THR A 172 7.80 14.34 -1.77
CA THR A 172 8.45 14.49 -0.46
C THR A 172 9.91 14.02 -0.56
N LYS A 173 10.75 14.50 0.35
CA LYS A 173 12.12 14.01 0.54
C LYS A 173 12.14 13.03 1.73
N PRO A 174 13.20 12.14 1.84
CA PRO A 174 13.33 11.22 3.01
C PRO A 174 13.48 11.97 4.35
N GLY A 175 13.17 11.25 5.45
CA GLY A 175 13.23 11.76 6.81
C GLY A 175 13.65 10.66 7.77
N LEU A 176 13.59 10.92 9.09
CA LEU A 176 14.03 9.94 10.09
C LEU A 176 13.24 10.10 11.40
N PHE A 177 13.08 8.97 12.11
CA PHE A 177 12.36 8.89 13.39
C PHE A 177 13.21 8.12 14.41
N LYS A 178 13.41 8.74 15.59
CA LYS A 178 14.41 8.33 16.58
C LYS A 178 13.97 7.11 17.40
N THR A 179 14.87 6.13 17.50
CA THR A 179 14.71 4.93 18.33
C THR A 179 15.29 5.19 19.73
N ASN A 180 14.93 4.34 20.70
CA ASN A 180 15.54 4.34 22.06
C ASN A 180 17.08 4.20 21.97
N ALA A 181 17.53 3.31 21.04
CA ALA A 181 18.95 2.94 20.88
C ALA A 181 19.62 3.61 19.65
N GLY A 182 18.86 4.49 18.93
CA GLY A 182 19.43 5.19 17.76
C GLY A 182 18.37 5.98 16.99
N THR A 183 18.29 5.72 15.67
CA THR A 183 17.34 6.37 14.76
C THR A 183 17.12 5.49 13.52
N ILE A 184 15.95 5.63 12.89
CA ILE A 184 15.57 4.87 11.69
C ILE A 184 15.41 5.86 10.53
N GLY A 185 16.08 5.59 9.39
CA GLY A 185 16.02 6.44 8.21
C GLY A 185 15.10 5.86 7.15
N ALA A 186 14.05 6.61 6.80
CA ALA A 186 12.94 6.13 5.96
C ALA A 186 12.21 7.32 5.33
N VAL A 187 10.92 7.14 4.94
CA VAL A 187 10.09 8.25 4.44
C VAL A 187 9.21 8.79 5.60
N SER A 188 9.58 9.99 6.10
CA SER A 188 8.84 10.69 7.15
C SER A 188 8.06 11.82 6.47
N LEU A 189 6.75 11.63 6.36
CA LEU A 189 5.86 12.51 5.60
C LEU A 189 4.67 12.92 6.50
N ASP A 190 4.40 14.24 6.57
CA ASP A 190 3.22 14.77 7.28
C ASP A 190 2.18 15.27 6.25
N PHE A 191 0.97 14.68 6.30
CA PHE A 191 -0.11 14.89 5.31
C PHE A 191 -1.39 14.22 5.82
N SER A 192 -2.55 14.50 5.17
CA SER A 192 -3.83 13.86 5.49
C SER A 192 -3.72 12.31 5.45
N PRO A 193 -4.30 11.58 6.46
CA PRO A 193 -4.05 10.14 6.71
C PRO A 193 -4.04 9.25 5.44
N GLY A 194 -2.82 9.01 4.92
CA GLY A 194 -2.60 8.11 3.79
C GLY A 194 -2.87 6.65 4.14
N THR A 195 -2.96 5.80 3.12
CA THR A 195 -3.42 4.42 3.29
C THR A 195 -2.24 3.40 3.26
N SER A 196 -2.37 2.35 4.09
CA SER A 196 -1.36 1.31 4.22
C SER A 196 -1.26 0.47 2.93
N GLY A 197 -0.08 0.55 2.28
CA GLY A 197 0.18 -0.10 1.00
C GLY A 197 0.40 0.90 -0.13
N SER A 198 0.24 2.22 0.17
CA SER A 198 0.56 3.32 -0.79
C SER A 198 2.00 3.19 -1.36
N PRO A 199 2.17 3.01 -2.72
CA PRO A 199 3.50 2.83 -3.35
C PRO A 199 4.29 4.14 -3.53
N ILE A 200 5.60 4.07 -3.30
CA ILE A 200 6.54 5.19 -3.45
C ILE A 200 7.14 5.13 -4.87
N ILE A 201 6.77 6.10 -5.72
CA ILE A 201 7.13 6.13 -7.14
C ILE A 201 7.96 7.40 -7.46
N ASP A 202 8.77 7.32 -8.53
CA ASP A 202 9.66 8.41 -8.98
C ASP A 202 8.95 9.18 -10.13
N LYS A 203 9.45 10.39 -10.46
CA LYS A 203 8.96 11.22 -11.60
C LYS A 203 9.12 10.50 -12.96
N LYS A 204 10.07 9.54 -12.99
CA LYS A 204 10.38 8.69 -14.16
C LYS A 204 9.25 7.65 -14.42
N GLY A 205 8.39 7.44 -13.40
CA GLY A 205 7.40 6.36 -13.40
C GLY A 205 7.99 5.06 -12.87
N LYS A 206 9.22 5.15 -12.33
CA LYS A 206 9.97 4.04 -11.74
C LYS A 206 9.57 3.92 -10.26
N VAL A 207 9.04 2.76 -9.83
CA VAL A 207 8.60 2.60 -8.43
C VAL A 207 9.85 2.48 -7.53
N VAL A 208 10.09 3.54 -6.74
CA VAL A 208 11.29 3.70 -5.90
C VAL A 208 11.05 3.14 -4.47
N GLY A 209 9.89 2.48 -4.28
CA GLY A 209 9.61 1.69 -3.07
C GLY A 209 8.13 1.54 -2.80
N LEU A 210 7.80 1.12 -1.57
CA LEU A 210 6.42 1.02 -1.05
C LEU A 210 6.43 1.56 0.38
N TYR A 211 5.30 2.13 0.86
CA TYR A 211 5.13 2.42 2.29
C TYR A 211 5.01 1.08 3.01
N GLY A 212 6.08 0.74 3.76
CA GLY A 212 6.24 -0.56 4.38
C GLY A 212 5.64 -0.62 5.78
N ASN A 213 6.41 -1.17 6.73
CA ASN A 213 6.02 -1.20 8.14
C ASN A 213 6.03 0.24 8.70
N GLY A 214 4.83 0.84 8.72
CA GLY A 214 4.57 2.08 9.42
C GLY A 214 3.08 2.29 9.64
N VAL A 215 2.71 3.54 9.93
CA VAL A 215 1.35 3.90 10.39
C VAL A 215 1.16 5.42 10.31
N VAL A 216 -0.09 5.90 10.47
CA VAL A 216 -0.35 7.32 10.66
C VAL A 216 0.18 7.73 12.06
N THR A 217 1.20 8.60 12.06
CA THR A 217 1.83 9.13 13.28
C THR A 217 1.00 10.29 13.85
N ARG A 218 1.50 10.87 14.97
CA ARG A 218 0.89 12.01 15.68
C ARG A 218 0.25 13.04 14.72
N SER A 219 -1.08 13.18 14.88
CA SER A 219 -1.96 14.13 14.15
C SER A 219 -2.46 13.54 12.80
N GLY A 220 -2.16 12.25 12.56
CA GLY A 220 -2.66 11.53 11.38
C GLY A 220 -1.74 11.62 10.19
N ALA A 221 -0.43 11.71 10.43
CA ALA A 221 0.57 11.92 9.36
C ALA A 221 1.19 10.57 8.95
N TYR A 222 0.80 10.02 7.78
CA TYR A 222 1.22 8.65 7.40
C TYR A 222 2.76 8.57 7.14
N VAL A 223 3.48 7.99 8.13
CA VAL A 223 4.94 7.80 8.11
C VAL A 223 5.25 6.29 8.18
N SER A 224 6.24 5.82 7.40
CA SER A 224 6.54 4.39 7.30
C SER A 224 8.02 4.14 6.95
N ALA A 225 8.49 2.93 7.31
CA ALA A 225 9.77 2.39 6.85
C ALA A 225 9.65 2.02 5.38
N ILE A 226 10.60 2.46 4.55
CA ILE A 226 10.53 2.27 3.08
C ILE A 226 10.76 0.79 2.72
N ALA A 227 9.69 0.15 2.22
CA ALA A 227 9.79 -1.18 1.58
C ALA A 227 10.41 -1.02 0.18
N GLN A 228 11.06 -2.06 -0.29
CA GLN A 228 11.86 -2.04 -1.53
C GLN A 228 11.76 -3.39 -2.25
N THR A 229 12.11 -3.39 -3.55
CA THR A 229 12.18 -4.63 -4.34
C THR A 229 13.56 -5.27 -4.14
N GLU A 230 13.57 -6.40 -3.42
CA GLU A 230 14.78 -7.15 -3.09
C GLU A 230 14.85 -8.42 -3.94
N LYS A 231 14.34 -8.33 -5.18
CA LYS A 231 14.25 -9.47 -6.10
C LYS A 231 14.57 -9.03 -7.54
N SER A 232 13.65 -8.25 -8.13
CA SER A 232 13.68 -7.90 -9.56
C SER A 232 14.09 -6.42 -9.78
N ILE A 233 15.37 -6.22 -10.12
CA ILE A 233 15.91 -4.93 -10.57
C ILE A 233 16.59 -5.16 -11.92
N GLU A 234 16.16 -4.43 -12.97
CA GLU A 234 16.73 -4.57 -14.32
C GLU A 234 17.08 -3.19 -14.89
N ASP A 235 18.38 -2.89 -14.95
CA ASP A 235 18.91 -1.65 -15.56
C ASP A 235 19.27 -1.87 -17.04
N ASN A 236 19.43 -3.14 -17.46
CA ASN A 236 19.93 -3.48 -18.82
C ASN A 236 18.85 -3.17 -19.89
N PRO A 237 19.09 -2.16 -20.80
CA PRO A 237 18.09 -1.68 -21.78
C PRO A 237 18.06 -2.49 -23.10
N GLU A 238 18.74 -3.67 -23.16
CA GLU A 238 18.72 -4.53 -24.36
C GLU A 238 17.34 -5.20 -24.54
N ILE A 239 16.69 -5.48 -23.40
CA ILE A 239 15.35 -6.11 -23.36
C ILE A 239 14.26 -5.05 -23.70
N GLU A 240 14.56 -3.77 -23.41
CA GLU A 240 13.67 -2.64 -23.69
C GLU A 240 14.10 -1.96 -25.01
N LYS B 3 -7.70 -5.29 5.44
CA LYS B 3 -8.14 -4.77 6.74
C LYS B 3 -6.95 -4.07 7.41
N ARG B 4 -7.23 -2.92 8.08
CA ARG B 4 -6.22 -2.11 8.82
C ARG B 4 -5.25 -1.40 7.83
N GLY A 1 -13.97 -12.28 12.08
CA GLY A 1 -13.05 -13.14 11.31
C GLY A 1 -11.80 -12.38 10.89
N SER A 2 -10.92 -13.05 10.14
CA SER A 2 -9.70 -12.45 9.54
C SER A 2 -9.17 -13.43 8.48
N ALA A 3 -8.81 -12.88 7.29
CA ALA A 3 -8.40 -13.65 6.08
C ALA A 3 -9.60 -14.42 5.46
N ALA A 4 -9.39 -14.89 4.21
CA ALA A 4 -10.32 -15.81 3.48
C ALA A 4 -11.50 -15.06 2.84
N ASP A 5 -11.31 -13.75 2.63
CA ASP A 5 -12.27 -12.88 1.91
C ASP A 5 -11.57 -11.55 1.61
N LEU A 6 -10.38 -11.68 0.98
CA LEU A 6 -9.55 -10.54 0.60
C LEU A 6 -9.99 -10.04 -0.80
N GLU A 7 -10.92 -9.08 -0.79
CA GLU A 7 -11.53 -8.51 -2.01
C GLU A 7 -10.68 -7.34 -2.54
N LEU A 8 -10.26 -7.40 -3.83
CA LEU A 8 -9.53 -6.23 -4.47
C LEU A 8 -10.45 -5.34 -5.33
N GLU A 9 -10.50 -4.02 -5.08
CA GLU A 9 -11.14 -3.03 -6.00
C GLU A 9 -10.04 -2.19 -6.64
N ARG A 10 -10.27 -1.56 -7.81
CA ARG A 10 -9.37 -0.50 -8.34
C ARG A 10 -9.84 0.90 -7.88
N ALA A 11 -8.88 1.80 -7.56
CA ALA A 11 -9.16 3.24 -7.39
C ALA A 11 -8.83 3.97 -8.70
N ALA A 12 -7.58 3.78 -9.13
CA ALA A 12 -6.97 4.53 -10.23
C ALA A 12 -5.79 3.75 -10.82
N ASP A 13 -4.89 4.44 -11.54
CA ASP A 13 -3.63 3.85 -12.04
C ASP A 13 -2.44 4.31 -11.17
N VAL A 14 -1.36 3.49 -11.11
CA VAL A 14 -0.15 3.86 -10.36
C VAL A 14 0.66 4.84 -11.24
N LYS A 15 0.51 6.14 -10.98
CA LYS A 15 1.18 7.22 -11.74
C LYS A 15 0.88 8.58 -11.07
N TRP A 16 1.66 9.61 -11.44
CA TRP A 16 1.52 10.96 -10.87
C TRP A 16 0.15 11.59 -11.25
N GLU A 17 -0.56 12.03 -10.21
CA GLU A 17 -1.81 12.79 -10.35
C GLU A 17 -1.49 14.31 -10.23
N ASP A 18 -2.23 15.14 -10.98
CA ASP A 18 -2.09 16.63 -10.98
C ASP A 18 -2.33 17.27 -9.59
N GLN A 19 -2.82 16.47 -8.63
CA GLN A 19 -3.03 16.87 -7.23
C GLN A 19 -1.71 16.81 -6.42
N ALA A 20 -0.67 17.47 -6.96
CA ALA A 20 0.71 17.44 -6.43
C ALA A 20 0.86 18.29 -5.15
N GLU A 21 0.83 17.61 -3.99
CA GLU A 21 1.09 18.21 -2.66
C GLU A 21 2.57 18.03 -2.27
N ILE A 22 3.42 19.02 -2.62
CA ILE A 22 4.84 19.00 -2.20
C ILE A 22 4.92 19.47 -0.75
N SER A 23 5.11 18.51 0.17
CA SER A 23 5.02 18.76 1.62
C SER A 23 5.78 17.68 2.41
N GLY A 24 5.73 16.42 1.91
CA GLY A 24 6.21 15.24 2.64
C GLY A 24 7.66 15.36 3.13
N SER A 25 7.79 15.70 4.43
CA SER A 25 9.08 15.99 5.11
C SER A 25 8.75 16.61 6.49
N SER A 26 8.30 15.76 7.44
CA SER A 26 8.08 16.19 8.84
C SER A 26 9.45 16.45 9.53
N PRO A 27 9.50 17.23 10.66
CA PRO A 27 10.76 17.41 11.44
C PRO A 27 11.32 16.08 12.01
N ILE A 28 12.52 16.13 12.65
CA ILE A 28 13.13 14.95 13.28
C ILE A 28 12.16 14.41 14.35
N LEU A 29 11.60 13.23 14.10
CA LEU A 29 10.43 12.74 14.84
C LEU A 29 10.81 11.68 15.88
N SER A 30 10.27 11.81 17.11
CA SER A 30 10.41 10.81 18.16
C SER A 30 9.40 9.66 17.92
N ILE A 31 9.90 8.45 17.62
CA ILE A 31 9.07 7.25 17.43
C ILE A 31 9.37 6.26 18.57
N THR A 32 8.36 5.47 18.98
CA THR A 32 8.44 4.60 20.15
C THR A 32 8.92 3.21 19.69
N ILE A 33 10.19 2.91 20.01
CA ILE A 33 10.85 1.66 19.63
C ILE A 33 10.42 0.56 20.62
N SER A 34 10.52 -0.70 20.19
CA SER A 34 10.11 -1.86 21.00
C SER A 34 11.03 -3.06 20.71
N GLU A 35 11.80 -3.45 21.76
CA GLU A 35 12.71 -4.62 21.76
C GLU A 35 13.84 -4.46 20.70
N ASP A 36 14.02 -3.21 20.20
CA ASP A 36 15.00 -2.79 19.18
C ASP A 36 14.62 -3.26 17.74
N GLY A 37 13.73 -4.28 17.65
CA GLY A 37 13.35 -4.88 16.38
C GLY A 37 12.12 -4.22 15.77
N SER A 38 11.08 -4.02 16.59
CA SER A 38 9.80 -3.44 16.11
C SER A 38 9.74 -1.96 16.50
N MET A 39 8.91 -1.19 15.78
CA MET A 39 8.78 0.26 15.96
C MET A 39 7.32 0.70 15.70
N SER A 40 6.82 1.56 16.60
CA SER A 40 5.41 1.99 16.65
C SER A 40 5.31 3.37 17.31
N ILE A 41 4.08 3.87 17.46
CA ILE A 41 3.83 5.16 18.13
C ILE A 41 3.20 4.92 19.50
N LYS A 42 3.36 5.88 20.42
CA LYS A 42 2.56 5.97 21.64
C LYS A 42 1.10 6.30 21.23
N ASN A 43 0.19 5.34 21.47
CA ASN A 43 -1.24 5.38 21.04
C ASN A 43 -1.35 5.20 19.51
N GLU A 44 -1.50 3.94 19.07
CA GLU A 44 -1.77 3.61 17.66
C GLU A 44 -3.28 3.35 17.46
N GLU A 45 -3.93 4.18 16.64
CA GLU A 45 -5.35 4.03 16.28
C GLU A 45 -5.60 4.68 14.91
N GLU A 46 -5.95 3.83 13.93
CA GLU A 46 -6.26 4.28 12.55
C GLU A 46 -7.14 3.22 11.85
N GLU A 47 -8.15 3.72 11.12
CA GLU A 47 -9.08 2.92 10.32
C GLU A 47 -9.96 3.90 9.54
N GLN A 48 -9.86 3.87 8.20
CA GLN A 48 -10.51 4.85 7.32
C GLN A 48 -10.70 4.23 5.93
N THR A 49 -11.88 4.43 5.32
CA THR A 49 -12.27 3.79 4.05
C THR A 49 -11.59 4.46 2.83
N LEU A 50 -12.05 4.13 1.60
CA LEU A 50 -11.46 4.65 0.36
C LEU A 50 -12.57 4.64 -0.71
N GLY A 51 -13.16 3.46 -0.90
CA GLY A 51 -14.25 3.23 -1.85
C GLY A 51 -15.61 3.58 -1.25
N GLY A 52 -15.66 3.64 0.10
CA GLY A 52 -16.87 4.03 0.83
C GLY A 52 -16.96 5.54 1.09
N GLY A 53 -16.36 6.35 0.21
CA GLY A 53 -16.49 7.81 0.26
C GLY A 53 -17.80 8.27 -0.36
N GLY A 54 -18.88 7.92 0.31
CA GLY A 54 -20.24 8.12 -0.17
C GLY A 54 -21.20 7.39 0.74
N SER A 55 -21.36 7.92 1.96
CA SER A 55 -22.10 7.26 3.04
C SER A 55 -23.63 7.30 2.82
N GLY A 56 -24.35 6.50 3.62
CA GLY A 56 -25.81 6.39 3.54
C GLY A 56 -26.29 4.94 3.70
N GLY A 57 -25.38 3.98 3.46
CA GLY A 57 -25.67 2.54 3.59
C GLY A 57 -25.21 1.76 2.37
N GLY A 58 -26.17 1.19 1.62
CA GLY A 58 -25.88 0.40 0.41
C GLY A 58 -25.78 -1.09 0.68
N GLY A 59 -25.67 -1.87 -0.42
CA GLY A 59 -25.56 -3.32 -0.35
C GLY A 59 -24.12 -3.81 -0.21
N GLU A 60 -23.23 -2.90 0.23
CA GLU A 60 -21.78 -3.15 0.41
C GLU A 60 -21.53 -4.29 1.45
N PHE A 61 -22.53 -4.51 2.32
CA PHE A 61 -22.54 -5.59 3.31
C PHE A 61 -22.58 -6.98 2.64
N ALA A 62 -23.49 -7.16 1.64
CA ALA A 62 -23.59 -8.42 0.87
C ALA A 62 -22.78 -8.32 -0.44
N GLY A 63 -23.30 -7.53 -1.40
CA GLY A 63 -22.63 -7.32 -2.70
C GLY A 63 -21.44 -6.39 -2.55
N VAL A 64 -20.25 -6.83 -2.97
CA VAL A 64 -19.00 -6.16 -2.60
C VAL A 64 -18.66 -5.12 -3.69
N LEU A 65 -17.66 -4.29 -3.44
CA LEU A 65 -17.13 -3.34 -4.43
C LEU A 65 -15.93 -3.93 -5.21
N TRP A 66 -15.82 -3.68 -6.53
CA TRP A 66 -14.62 -4.09 -7.32
C TRP A 66 -14.36 -3.21 -8.55
N ASP A 67 -13.32 -3.61 -9.31
CA ASP A 67 -12.99 -3.11 -10.65
C ASP A 67 -11.77 -3.92 -11.10
N VAL A 68 -12.02 -5.23 -11.34
CA VAL A 68 -10.97 -6.28 -11.43
C VAL A 68 -11.15 -7.23 -12.63
N PRO A 69 -10.08 -8.04 -13.01
CA PRO A 69 -10.18 -9.04 -14.11
C PRO A 69 -11.24 -10.13 -13.83
N SER A 70 -12.19 -10.29 -14.76
CA SER A 70 -13.24 -11.33 -14.73
C SER A 70 -12.85 -12.50 -15.68
N PRO A 71 -13.69 -13.60 -15.83
CA PRO A 71 -13.50 -14.65 -16.88
C PRO A 71 -13.02 -14.12 -18.27
N PRO A 72 -12.03 -14.81 -18.96
CA PRO A 72 -11.50 -14.44 -20.31
C PRO A 72 -12.57 -14.18 -21.41
N PRO A 73 -13.74 -14.93 -21.48
CA PRO A 73 -14.90 -14.51 -22.31
C PRO A 73 -15.63 -13.29 -21.66
N VAL A 74 -16.99 -13.25 -21.73
CA VAL A 74 -17.88 -12.21 -21.10
C VAL A 74 -17.55 -10.76 -21.57
N GLY A 75 -16.81 -10.64 -22.68
CA GLY A 75 -16.41 -9.34 -23.24
C GLY A 75 -14.89 -9.19 -23.33
N LYS A 76 -14.17 -9.83 -22.38
CA LYS A 76 -12.69 -9.89 -22.29
C LYS A 76 -12.05 -8.57 -21.75
N ALA A 77 -12.51 -7.41 -22.26
CA ALA A 77 -11.99 -6.09 -21.85
C ALA A 77 -12.37 -5.82 -20.38
N GLU A 78 -11.52 -6.32 -19.47
CA GLU A 78 -11.76 -6.34 -18.03
C GLU A 78 -10.48 -6.85 -17.34
N LEU A 79 -9.62 -5.92 -16.92
CA LEU A 79 -8.31 -6.24 -16.30
C LEU A 79 -8.02 -5.14 -15.26
N GLU A 80 -7.96 -3.89 -15.74
CA GLU A 80 -7.95 -2.68 -14.88
C GLU A 80 -6.74 -2.64 -13.93
N ASP A 81 -5.55 -3.02 -14.45
CA ASP A 81 -4.30 -3.02 -13.65
C ASP A 81 -3.85 -1.55 -13.38
N GLY A 82 -3.58 -1.27 -12.10
CA GLY A 82 -3.23 0.08 -11.64
C GLY A 82 -3.15 0.16 -10.12
N ALA A 83 -3.53 1.32 -9.55
CA ALA A 83 -3.57 1.54 -8.10
C ALA A 83 -4.92 1.04 -7.59
N TYR A 84 -4.90 -0.07 -6.86
CA TYR A 84 -6.09 -0.74 -6.35
C TYR A 84 -6.50 -0.21 -4.97
N ARG A 85 -7.79 -0.42 -4.65
CA ARG A 85 -8.34 -0.34 -3.31
C ARG A 85 -8.33 -1.74 -2.64
N ILE A 86 -8.34 -1.74 -1.32
CA ILE A 86 -8.06 -2.90 -0.47
C ILE A 86 -9.24 -3.13 0.53
N LYS A 87 -10.09 -4.21 0.27
CA LYS A 87 -11.25 -4.64 1.16
C LYS A 87 -11.18 -6.10 1.61
N GLN A 88 -11.36 -6.37 2.91
CA GLN A 88 -11.49 -7.76 3.42
C GLN A 88 -12.67 -7.85 4.38
N LYS A 89 -13.29 -9.04 4.48
CA LYS A 89 -14.23 -9.30 5.59
C LYS A 89 -13.42 -9.83 6.77
N GLY A 90 -12.86 -8.91 7.56
CA GLY A 90 -11.92 -9.27 8.62
C GLY A 90 -11.64 -8.17 9.61
N ILE A 91 -10.93 -8.55 10.71
CA ILE A 91 -10.49 -7.69 11.85
C ILE A 91 -11.43 -6.47 12.15
N LEU A 92 -12.75 -6.77 12.05
CA LEU A 92 -13.91 -5.87 12.25
C LEU A 92 -15.09 -6.50 11.49
N GLY A 93 -14.87 -6.69 10.18
CA GLY A 93 -15.87 -7.23 9.27
C GLY A 93 -15.66 -6.72 7.86
N TYR A 94 -16.76 -6.65 7.07
CA TYR A 94 -16.75 -6.12 5.70
C TYR A 94 -16.25 -4.66 5.68
N SER A 95 -14.94 -4.44 5.42
CA SER A 95 -14.39 -3.07 5.38
C SER A 95 -13.32 -2.94 4.28
N GLN A 96 -13.55 -1.95 3.38
CA GLN A 96 -12.56 -1.46 2.43
C GLN A 96 -11.87 -0.28 3.08
N ILE A 97 -10.55 -0.37 3.28
CA ILE A 97 -9.79 0.69 3.93
C ILE A 97 -8.60 1.19 3.05
N GLY A 98 -7.84 0.27 2.41
CA GLY A 98 -6.44 0.61 2.02
C GLY A 98 -6.18 0.63 0.53
N ALA A 99 -4.88 0.61 0.13
CA ALA A 99 -4.47 0.74 -1.28
C ALA A 99 -3.60 -0.45 -1.69
N GLY A 100 -4.01 -1.19 -2.73
CA GLY A 100 -3.20 -2.24 -3.34
C GLY A 100 -2.53 -1.75 -4.61
N VAL A 101 -1.68 -2.60 -5.19
CA VAL A 101 -1.01 -2.31 -6.46
C VAL A 101 -1.04 -3.58 -7.31
N TYR A 102 -1.37 -3.45 -8.59
CA TYR A 102 -1.28 -4.55 -9.57
C TYR A 102 -1.02 -3.94 -10.93
N LYS A 103 0.08 -4.33 -11.57
CA LYS A 103 0.40 -3.88 -12.94
C LYS A 103 0.88 -5.07 -13.77
N GLU A 104 0.36 -5.14 -15.01
CA GLU A 104 0.82 -6.08 -16.06
C GLU A 104 0.59 -7.55 -15.64
N GLY A 105 1.52 -8.11 -14.84
CA GLY A 105 1.46 -9.50 -14.39
C GLY A 105 2.08 -9.71 -13.02
N THR A 106 2.05 -8.66 -12.19
CA THR A 106 2.58 -8.71 -10.80
C THR A 106 1.70 -7.84 -9.87
N PHE A 107 1.19 -8.46 -8.78
CA PHE A 107 0.44 -7.76 -7.72
C PHE A 107 1.42 -7.46 -6.57
N HIS A 108 1.58 -6.18 -6.26
CA HIS A 108 2.51 -5.70 -5.23
C HIS A 108 1.71 -5.17 -4.02
N THR A 109 1.75 -5.92 -2.90
CA THR A 109 1.03 -5.57 -1.65
C THR A 109 1.95 -5.81 -0.43
N MET A 110 1.36 -6.02 0.77
CA MET A 110 2.04 -5.72 2.05
C MET A 110 1.58 -6.65 3.19
N TRP A 111 2.48 -6.87 4.17
CA TRP A 111 2.28 -7.79 5.30
C TRP A 111 1.51 -7.14 6.48
N HIS A 112 1.86 -5.87 6.85
CA HIS A 112 1.24 -5.19 8.03
C HIS A 112 -0.26 -4.97 7.83
N VAL A 113 -0.67 -4.94 6.55
CA VAL A 113 -2.07 -4.74 6.18
C VAL A 113 -2.91 -6.05 6.35
N THR A 114 -2.38 -7.22 5.91
CA THR A 114 -2.94 -8.57 6.29
C THR A 114 -1.80 -9.61 6.33
N ARG A 115 -1.94 -10.59 7.25
CA ARG A 115 -0.89 -11.57 7.65
C ARG A 115 -0.53 -12.66 6.59
N GLY A 116 -0.59 -12.34 5.28
CA GLY A 116 -0.08 -13.23 4.22
C GLY A 116 -1.13 -14.24 3.75
N ALA A 117 -2.36 -13.76 3.50
CA ALA A 117 -3.51 -14.62 3.09
C ALA A 117 -3.72 -14.62 1.55
N VAL A 118 -4.87 -15.19 1.10
CA VAL A 118 -5.22 -15.37 -0.35
C VAL A 118 -6.22 -14.28 -0.83
N LEU A 119 -6.03 -13.75 -2.07
CA LEU A 119 -6.94 -12.71 -2.63
C LEU A 119 -8.15 -13.34 -3.30
N MET A 120 -9.11 -12.49 -3.68
CA MET A 120 -10.39 -12.90 -4.28
C MET A 120 -11.29 -11.70 -4.64
N HIS A 121 -12.44 -12.07 -5.26
CA HIS A 121 -13.55 -11.15 -5.44
C HIS A 121 -14.87 -11.82 -5.85
N LYS A 122 -15.91 -11.62 -4.99
CA LYS A 122 -17.35 -11.77 -5.36
C LYS A 122 -17.67 -13.10 -6.10
N GLY A 123 -17.04 -14.21 -5.64
CA GLY A 123 -17.22 -15.55 -6.24
C GLY A 123 -16.06 -15.98 -7.14
N LYS A 124 -14.90 -15.33 -6.98
CA LYS A 124 -13.64 -15.70 -7.68
C LYS A 124 -12.48 -15.63 -6.66
N ARG A 125 -11.33 -16.32 -6.90
CA ARG A 125 -10.20 -16.33 -5.92
C ARG A 125 -8.82 -16.33 -6.60
N ILE A 126 -7.97 -15.33 -6.22
CA ILE A 126 -6.60 -15.14 -6.73
C ILE A 126 -5.57 -15.61 -5.67
N GLU A 127 -4.77 -16.63 -6.02
CA GLU A 127 -3.86 -17.34 -5.08
C GLU A 127 -2.48 -16.64 -4.97
N PRO A 128 -1.89 -16.53 -3.71
CA PRO A 128 -0.57 -15.87 -3.49
C PRO A 128 0.62 -16.70 -4.00
N SER A 129 1.73 -16.01 -4.29
CA SER A 129 2.99 -16.63 -4.74
C SER A 129 4.17 -16.25 -3.81
N TRP A 130 4.00 -15.14 -3.07
CA TRP A 130 5.02 -14.64 -2.12
C TRP A 130 4.33 -13.93 -0.94
N ALA A 131 4.95 -14.06 0.26
CA ALA A 131 4.64 -13.25 1.47
C ALA A 131 5.91 -13.19 2.36
N ASP A 132 6.39 -11.98 2.73
CA ASP A 132 7.61 -11.81 3.56
C ASP A 132 7.42 -10.73 4.63
N VAL A 133 7.72 -11.09 5.88
CA VAL A 133 7.51 -10.23 7.06
C VAL A 133 8.63 -9.16 7.18
N LYS A 134 9.85 -9.52 6.73
CA LYS A 134 11.08 -8.71 6.93
C LYS A 134 11.06 -7.48 5.99
N LYS A 135 10.55 -7.70 4.76
CA LYS A 135 10.30 -6.62 3.78
C LYS A 135 8.93 -5.98 4.04
N ASP A 136 8.10 -6.73 4.81
CA ASP A 136 6.70 -6.39 5.12
C ASP A 136 5.90 -6.29 3.82
N LEU A 137 6.23 -7.17 2.87
CA LEU A 137 5.73 -7.09 1.48
C LEU A 137 5.35 -8.49 0.96
N ILE A 138 4.23 -8.52 0.23
CA ILE A 138 3.59 -9.72 -0.34
C ILE A 138 3.47 -9.54 -1.86
N SER A 139 3.56 -10.63 -2.64
CA SER A 139 3.51 -10.55 -4.10
C SER A 139 2.73 -11.72 -4.71
N TYR A 140 2.00 -11.41 -5.79
CA TYR A 140 1.21 -12.39 -6.57
C TYR A 140 1.73 -12.40 -8.02
N GLY A 141 1.69 -13.59 -8.65
CA GLY A 141 2.23 -13.79 -10.01
C GLY A 141 3.65 -14.35 -9.98
N GLY A 142 4.34 -14.11 -8.87
CA GLY A 142 5.72 -14.53 -8.63
C GLY A 142 6.34 -13.69 -7.54
N GLY A 143 7.68 -13.67 -7.45
CA GLY A 143 8.38 -12.67 -6.63
C GLY A 143 8.50 -11.37 -7.43
N TRP A 144 8.16 -10.23 -6.81
CA TRP A 144 8.02 -8.96 -7.55
C TRP A 144 9.41 -8.37 -7.93
N LYS A 145 9.73 -8.45 -9.23
CA LYS A 145 10.93 -7.83 -9.83
C LYS A 145 10.44 -6.77 -10.84
N LEU A 146 10.76 -5.50 -10.59
CA LEU A 146 10.43 -4.40 -11.53
C LEU A 146 11.68 -3.54 -11.72
N GLU A 147 12.12 -2.87 -10.65
CA GLU A 147 13.26 -1.90 -10.67
C GLU A 147 13.34 -1.18 -9.34
N GLY A 148 12.15 -0.81 -8.85
CA GLY A 148 11.96 0.17 -7.82
C GLY A 148 12.81 0.08 -6.58
N GLU A 149 13.72 1.03 -6.45
CA GLU A 149 14.56 1.22 -5.26
C GLU A 149 14.71 2.73 -5.07
N TRP A 150 13.83 3.33 -4.23
CA TRP A 150 13.97 4.74 -3.82
C TRP A 150 15.36 4.95 -3.18
N LYS A 151 16.22 5.69 -3.91
CA LYS A 151 17.57 6.03 -3.48
C LYS A 151 17.54 7.31 -2.64
N GLU A 152 18.06 7.23 -1.41
CA GLU A 152 18.17 8.37 -0.48
C GLU A 152 18.90 9.57 -1.14
N GLY A 153 18.34 10.77 -0.92
CA GLY A 153 18.80 11.99 -1.59
C GLY A 153 17.76 12.48 -2.57
N GLU A 154 17.45 11.61 -3.54
CA GLU A 154 16.46 11.89 -4.59
C GLU A 154 15.03 11.65 -4.07
N GLU A 155 14.26 12.74 -3.93
CA GLU A 155 12.87 12.68 -3.42
C GLU A 155 11.91 12.10 -4.48
N VAL A 156 10.83 11.49 -3.99
CA VAL A 156 9.81 10.81 -4.80
C VAL A 156 8.42 11.39 -4.48
N GLN A 157 7.38 10.71 -4.97
CA GLN A 157 5.97 11.04 -4.73
C GLN A 157 5.25 9.78 -4.20
N VAL A 158 4.02 9.97 -3.67
CA VAL A 158 3.18 8.87 -3.20
C VAL A 158 1.70 9.11 -3.59
N LEU A 159 0.90 8.05 -3.83
CA LEU A 159 -0.56 8.18 -4.01
C LEU A 159 -1.29 7.86 -2.69
N ALA A 160 -1.59 8.91 -1.91
CA ALA A 160 -2.49 8.80 -0.76
C ALA A 160 -3.94 8.74 -1.28
N LEU A 161 -4.49 7.51 -1.34
CA LEU A 161 -5.85 7.26 -1.80
C LEU A 161 -6.83 7.41 -0.63
N GLU A 162 -7.58 8.52 -0.64
CA GLU A 162 -8.51 8.88 0.46
C GLU A 162 -10.00 8.66 0.04
N PRO A 163 -10.96 8.53 1.04
CA PRO A 163 -12.40 8.22 0.77
C PRO A 163 -13.09 9.14 -0.27
N GLY A 164 -13.47 8.54 -1.41
CA GLY A 164 -14.20 9.23 -2.49
C GLY A 164 -13.40 10.32 -3.17
N LYS A 165 -12.10 10.40 -2.85
CA LYS A 165 -11.21 11.47 -3.30
C LYS A 165 -10.25 10.95 -4.37
N ASN A 166 -9.72 11.90 -5.14
CA ASN A 166 -8.69 11.68 -6.16
C ASN A 166 -7.37 11.15 -5.53
N PRO A 167 -6.49 10.47 -6.32
CA PRO A 167 -5.16 10.03 -5.84
C PRO A 167 -4.30 11.23 -5.41
N ARG A 168 -4.17 11.46 -4.10
CA ARG A 168 -3.40 12.60 -3.58
C ARG A 168 -1.90 12.32 -3.78
N ALA A 169 -1.34 12.86 -4.87
CA ALA A 169 0.07 12.68 -5.21
C ALA A 169 0.92 13.64 -4.37
N VAL A 170 1.51 13.12 -3.29
CA VAL A 170 2.30 13.90 -2.34
C VAL A 170 3.79 13.66 -2.59
N GLN A 171 4.52 14.75 -2.85
CA GLN A 171 5.97 14.71 -3.09
C GLN A 171 6.66 14.70 -1.72
N THR A 172 7.43 13.63 -1.46
CA THR A 172 8.04 13.35 -0.17
C THR A 172 9.56 13.10 -0.32
N LYS A 173 10.31 13.61 0.66
CA LYS A 173 11.76 13.44 0.81
C LYS A 173 12.04 12.31 1.84
N PRO A 174 13.26 11.71 1.83
CA PRO A 174 13.66 10.75 2.89
C PRO A 174 13.96 11.47 4.23
N GLY A 175 13.26 11.05 5.28
CA GLY A 175 13.42 11.62 6.63
C GLY A 175 14.22 10.71 7.55
N LEU A 176 14.29 11.07 8.83
CA LEU A 176 15.07 10.35 9.85
C LEU A 176 14.48 10.67 11.22
N PHE A 177 14.30 9.61 12.02
CA PHE A 177 13.47 9.63 13.23
C PHE A 177 14.32 9.25 14.42
N LYS A 178 14.31 10.11 15.46
CA LYS A 178 15.10 9.89 16.66
C LYS A 178 14.47 8.75 17.49
N THR A 179 15.25 7.69 17.67
CA THR A 179 14.81 6.42 18.24
C THR A 179 15.65 6.11 19.49
N ASN A 180 15.07 5.42 20.49
CA ASN A 180 15.76 5.07 21.76
C ASN A 180 16.66 3.83 21.50
N ALA A 181 17.68 4.04 20.65
CA ALA A 181 18.57 3.00 20.07
C ALA A 181 19.56 3.68 19.12
N GLY A 182 19.02 4.62 18.32
CA GLY A 182 19.80 5.39 17.35
C GLY A 182 18.91 6.34 16.55
N THR A 183 18.99 6.27 15.21
CA THR A 183 18.18 7.11 14.30
C THR A 183 17.81 6.28 13.05
N ILE A 184 16.52 6.24 12.71
CA ILE A 184 15.99 5.42 11.60
C ILE A 184 15.68 6.33 10.40
N GLY A 185 16.29 6.02 9.23
CA GLY A 185 16.17 6.86 8.04
C GLY A 185 15.15 6.28 7.07
N ALA A 186 13.97 6.94 6.99
CA ALA A 186 12.79 6.42 6.27
C ALA A 186 11.82 7.58 5.93
N VAL A 187 10.70 7.30 5.24
CA VAL A 187 9.82 8.36 4.70
C VAL A 187 9.04 9.11 5.82
N SER A 188 9.07 10.47 5.75
CA SER A 188 8.49 11.35 6.76
C SER A 188 7.27 12.07 6.16
N LEU A 189 6.09 11.45 6.30
CA LEU A 189 4.83 11.98 5.74
C LEU A 189 3.98 12.53 6.90
N ASP A 190 3.58 13.81 6.79
CA ASP A 190 2.78 14.52 7.79
C ASP A 190 1.53 15.10 7.10
N PHE A 191 0.38 14.45 7.33
CA PHE A 191 -0.92 14.80 6.70
C PHE A 191 -2.04 14.13 7.49
N SER A 192 -3.28 14.25 6.96
CA SER A 192 -4.39 13.34 7.29
C SER A 192 -3.93 11.86 7.12
N PRO A 193 -4.49 10.89 7.93
CA PRO A 193 -4.03 9.48 7.92
C PRO A 193 -3.89 8.89 6.50
N GLY A 194 -2.63 8.57 6.14
CA GLY A 194 -2.28 8.06 4.82
C GLY A 194 -2.73 6.61 4.61
N THR A 195 -2.77 6.19 3.35
CA THR A 195 -3.33 4.91 2.96
C THR A 195 -2.25 3.81 3.08
N SER A 196 -2.53 2.80 3.91
CA SER A 196 -1.70 1.60 4.04
C SER A 196 -1.59 0.86 2.68
N GLY A 197 -0.36 0.83 2.13
CA GLY A 197 -0.11 0.28 0.80
C GLY A 197 -0.05 1.37 -0.26
N SER A 198 0.12 2.65 0.16
CA SER A 198 0.36 3.76 -0.78
C SER A 198 1.72 3.57 -1.53
N PRO A 199 1.72 3.65 -2.91
CA PRO A 199 2.91 3.38 -3.73
C PRO A 199 3.90 4.57 -3.84
N ILE A 200 5.20 4.23 -3.75
CA ILE A 200 6.33 5.17 -3.90
C ILE A 200 6.66 5.32 -5.41
N ILE A 201 6.18 6.40 -6.03
CA ILE A 201 6.33 6.63 -7.47
C ILE A 201 7.01 7.97 -7.76
N ASP A 202 7.60 8.05 -8.95
CA ASP A 202 8.22 9.26 -9.49
C ASP A 202 7.17 10.05 -10.31
N LYS A 203 7.54 11.24 -10.80
CA LYS A 203 6.70 12.11 -11.66
C LYS A 203 6.20 11.40 -12.93
N LYS A 204 6.97 10.40 -13.40
CA LYS A 204 6.65 9.61 -14.59
C LYS A 204 5.93 8.29 -14.25
N GLY A 205 5.80 7.98 -12.94
CA GLY A 205 5.22 6.70 -12.48
C GLY A 205 6.29 5.61 -12.42
N LYS A 206 7.44 5.97 -11.85
CA LYS A 206 8.66 5.15 -11.77
C LYS A 206 8.96 4.81 -10.30
N VAL A 207 9.80 3.79 -10.03
CA VAL A 207 10.12 3.27 -8.66
C VAL A 207 8.99 2.33 -8.16
N VAL A 208 7.74 2.82 -8.06
CA VAL A 208 6.51 1.97 -7.85
C VAL A 208 6.60 1.10 -6.55
N GLY A 209 7.39 1.59 -5.56
CA GLY A 209 7.56 0.94 -4.25
C GLY A 209 6.33 1.05 -3.37
N LEU A 210 6.50 0.99 -2.03
CA LEU A 210 5.37 1.01 -1.07
C LEU A 210 5.79 1.66 0.27
N TYR A 211 4.81 2.20 1.02
CA TYR A 211 5.01 2.56 2.43
C TYR A 211 4.84 1.29 3.30
N GLY A 212 5.98 0.73 3.77
CA GLY A 212 6.03 -0.60 4.41
C GLY A 212 5.67 -0.60 5.90
N ASN A 213 6.45 -1.36 6.69
CA ASN A 213 6.26 -1.41 8.16
C ASN A 213 6.71 -0.08 8.82
N GLY A 214 5.70 0.71 9.20
CA GLY A 214 5.90 1.92 9.98
C GLY A 214 4.79 2.07 11.00
N VAL A 215 4.27 3.29 11.15
CA VAL A 215 3.16 3.58 12.05
C VAL A 215 2.53 4.96 11.78
N VAL A 216 1.26 5.13 12.17
CA VAL A 216 0.58 6.41 12.10
C VAL A 216 0.93 7.23 13.36
N THR A 217 1.72 8.29 13.17
CA THR A 217 2.11 9.24 14.22
C THR A 217 1.02 10.32 14.36
N ARG A 218 0.84 10.83 15.59
CA ARG A 218 -0.10 11.94 15.95
C ARG A 218 -1.53 11.72 15.39
N SER A 219 -1.91 10.42 15.28
CA SER A 219 -3.21 9.92 14.77
C SER A 219 -3.52 10.42 13.33
N GLY A 220 -2.46 10.71 12.55
CA GLY A 220 -2.61 11.30 11.22
C GLY A 220 -1.35 11.15 10.36
N ALA A 221 -0.19 11.60 10.88
CA ALA A 221 1.08 11.65 10.11
C ALA A 221 1.58 10.23 9.81
N TYR A 222 1.24 9.71 8.62
CA TYR A 222 1.53 8.32 8.26
C TYR A 222 3.03 8.17 7.95
N VAL A 223 3.78 7.69 8.95
CA VAL A 223 5.22 7.47 8.84
C VAL A 223 5.46 5.99 8.54
N SER A 224 6.49 5.68 7.75
CA SER A 224 6.73 4.30 7.31
C SER A 224 8.19 4.07 6.88
N ALA A 225 8.60 2.79 6.89
CA ALA A 225 9.85 2.33 6.27
C ALA A 225 9.69 2.34 4.74
N ILE A 226 10.75 2.73 4.02
CA ILE A 226 10.77 2.78 2.54
C ILE A 226 10.83 1.35 1.97
N ALA A 227 9.68 0.84 1.48
CA ALA A 227 9.59 -0.51 0.90
C ALA A 227 9.84 -0.44 -0.62
N GLN A 228 10.52 -1.47 -1.14
CA GLN A 228 11.10 -1.50 -2.50
C GLN A 228 10.87 -2.85 -3.19
N THR A 229 11.23 -2.92 -4.49
CA THR A 229 11.13 -4.16 -5.29
C THR A 229 12.23 -5.16 -4.91
N GLU A 230 11.83 -6.43 -4.71
CA GLU A 230 12.74 -7.53 -4.33
C GLU A 230 13.81 -7.74 -5.42
N LYS A 231 13.43 -7.42 -6.68
CA LYS A 231 14.30 -7.55 -7.87
C LYS A 231 14.71 -9.03 -8.04
N SER A 232 13.77 -9.92 -7.69
CA SER A 232 13.97 -11.37 -7.65
C SER A 232 14.07 -11.93 -9.08
N ILE A 233 15.31 -12.19 -9.52
CA ILE A 233 15.64 -12.59 -10.91
C ILE A 233 16.70 -13.73 -10.91
N GLU A 234 16.99 -14.31 -9.72
CA GLU A 234 18.10 -15.29 -9.53
C GLU A 234 17.94 -16.57 -10.39
N ASP A 235 16.68 -16.92 -10.75
CA ASP A 235 16.37 -18.09 -11.61
C ASP A 235 16.96 -17.93 -13.03
N ASN A 236 16.98 -16.68 -13.50
CA ASN A 236 17.54 -16.30 -14.82
C ASN A 236 18.87 -15.54 -14.61
N PRO A 237 19.77 -15.45 -15.63
CA PRO A 237 20.90 -14.48 -15.58
C PRO A 237 20.36 -13.03 -15.39
N GLU A 238 20.95 -12.30 -14.43
CA GLU A 238 20.46 -10.97 -14.00
C GLU A 238 20.65 -9.90 -15.11
N ILE A 239 19.74 -9.90 -16.10
CA ILE A 239 19.78 -8.98 -17.25
C ILE A 239 18.49 -8.15 -17.27
N GLU A 240 18.49 -7.08 -16.46
CA GLU A 240 17.38 -6.11 -16.40
C GLU A 240 17.95 -4.72 -16.79
N LYS B 3 -7.64 -5.72 4.67
CA LYS B 3 -8.26 -4.98 5.80
C LYS B 3 -7.21 -4.80 6.92
N ARG B 4 -7.20 -3.57 7.51
CA ARG B 4 -6.13 -2.98 8.36
C ARG B 4 -5.26 -2.07 7.46
N GLY A 1 -13.79 -16.29 5.39
CA GLY A 1 -13.67 -15.69 6.74
C GLY A 1 -12.27 -15.17 7.05
N SER A 2 -12.04 -13.87 6.77
CA SER A 2 -10.80 -13.12 7.14
C SER A 2 -9.55 -13.62 6.37
N ALA A 3 -9.75 -14.28 5.23
CA ALA A 3 -8.70 -15.08 4.57
C ALA A 3 -9.05 -15.49 3.13
N ALA A 4 -10.05 -14.83 2.52
CA ALA A 4 -10.45 -15.07 1.11
C ALA A 4 -11.28 -13.90 0.55
N ASP A 5 -11.91 -13.17 1.47
CA ASP A 5 -13.06 -12.27 1.25
C ASP A 5 -12.58 -10.86 0.86
N LEU A 6 -11.49 -10.81 0.09
CA LEU A 6 -10.70 -9.61 -0.15
C LEU A 6 -10.71 -9.27 -1.65
N GLU A 7 -11.50 -8.25 -2.06
CA GLU A 7 -11.59 -7.85 -3.49
C GLU A 7 -10.92 -6.51 -3.78
N LEU A 8 -10.46 -6.36 -5.05
CA LEU A 8 -9.86 -5.07 -5.56
C LEU A 8 -10.91 -4.09 -6.24
N GLU A 9 -10.67 -2.74 -6.14
CA GLU A 9 -11.47 -1.64 -6.84
C GLU A 9 -10.52 -0.54 -7.33
N ARG A 10 -10.65 -0.07 -8.59
CA ARG A 10 -9.68 0.90 -9.16
C ARG A 10 -9.86 2.31 -8.57
N ALA A 11 -8.75 2.87 -8.06
CA ALA A 11 -8.68 4.26 -7.57
C ALA A 11 -8.13 5.16 -8.67
N ALA A 12 -7.09 4.64 -9.35
CA ALA A 12 -6.28 5.37 -10.34
C ALA A 12 -5.31 4.38 -11.02
N ASP A 13 -4.26 4.89 -11.69
CA ASP A 13 -3.16 4.07 -12.22
C ASP A 13 -1.90 4.28 -11.36
N VAL A 14 -0.95 3.31 -11.41
CA VAL A 14 0.38 3.52 -10.82
C VAL A 14 1.12 4.46 -11.80
N LYS A 15 1.12 5.75 -11.47
CA LYS A 15 1.48 6.82 -12.43
C LYS A 15 1.66 8.14 -11.67
N TRP A 16 2.50 9.04 -12.19
CA TRP A 16 2.61 10.40 -11.63
C TRP A 16 1.34 11.21 -11.98
N GLU A 17 0.84 11.96 -10.99
CA GLU A 17 -0.31 12.86 -11.14
C GLU A 17 0.18 14.34 -11.15
N ASP A 18 -0.33 15.13 -12.11
CA ASP A 18 0.11 16.54 -12.33
C ASP A 18 -0.39 17.50 -11.22
N GLN A 19 -1.26 17.02 -10.31
CA GLN A 19 -1.75 17.79 -9.15
C GLN A 19 -0.74 17.68 -7.98
N ALA A 20 0.54 17.96 -8.30
CA ALA A 20 1.66 17.81 -7.38
C ALA A 20 1.80 19.01 -6.44
N GLU A 21 1.67 18.76 -5.13
CA GLU A 21 1.81 19.79 -4.07
C GLU A 21 2.74 19.27 -2.96
N ILE A 22 3.63 20.14 -2.45
CA ILE A 22 4.56 19.78 -1.36
C ILE A 22 3.78 19.77 -0.04
N SER A 23 3.86 18.66 0.70
CA SER A 23 3.24 18.52 2.03
C SER A 23 4.13 17.65 2.94
N GLY A 24 4.68 16.55 2.36
CA GLY A 24 5.55 15.62 3.10
C GLY A 24 6.88 16.22 3.54
N SER A 25 6.94 16.67 4.80
CA SER A 25 8.10 17.34 5.41
C SER A 25 7.85 17.52 6.92
N SER A 26 8.27 16.52 7.72
CA SER A 26 8.13 16.54 9.21
C SER A 26 9.54 16.57 9.86
N PRO A 27 9.68 17.17 11.10
CA PRO A 27 10.99 17.24 11.81
C PRO A 27 11.43 15.89 12.43
N ILE A 28 12.41 15.93 13.36
CA ILE A 28 12.85 14.75 14.13
C ILE A 28 11.66 14.22 14.96
N LEU A 29 11.16 13.04 14.58
CA LEU A 29 9.97 12.47 15.26
C LEU A 29 10.37 11.36 16.24
N SER A 30 9.67 11.29 17.38
CA SER A 30 9.81 10.19 18.35
C SER A 30 8.79 9.07 18.02
N ILE A 31 9.31 7.91 17.58
CA ILE A 31 8.52 6.66 17.37
C ILE A 31 9.07 5.57 18.32
N THR A 32 8.26 4.53 18.66
CA THR A 32 8.71 3.49 19.61
C THR A 32 9.32 2.30 18.82
N ILE A 33 10.66 2.17 18.90
CA ILE A 33 11.42 1.11 18.20
C ILE A 33 11.39 -0.17 19.04
N SER A 34 10.91 -1.26 18.43
CA SER A 34 10.66 -2.53 19.10
C SER A 34 11.76 -3.58 18.82
N GLU A 35 12.12 -4.30 19.91
CA GLU A 35 12.94 -5.52 19.93
C GLU A 35 14.32 -5.32 19.25
N ASP A 36 14.36 -5.52 17.92
CA ASP A 36 15.58 -5.43 17.13
C ASP A 36 15.18 -5.12 15.68
N GLY A 37 15.31 -3.85 15.29
CA GLY A 37 15.03 -3.42 13.92
C GLY A 37 13.56 -3.18 13.63
N SER A 38 12.65 -3.40 14.63
CA SER A 38 11.22 -3.14 14.43
C SER A 38 10.90 -1.74 14.95
N MET A 39 9.78 -1.14 14.52
CA MET A 39 9.35 0.20 14.96
C MET A 39 7.85 0.39 14.69
N SER A 40 7.17 1.12 15.60
CA SER A 40 5.71 1.30 15.57
C SER A 40 5.29 2.45 16.49
N ILE A 41 4.01 2.79 16.47
CA ILE A 41 3.44 3.82 17.37
C ILE A 41 2.63 3.13 18.47
N LYS A 42 2.46 3.79 19.60
CA LYS A 42 1.53 3.35 20.65
C LYS A 42 0.11 3.80 20.27
N ASN A 43 -0.83 2.82 20.17
CA ASN A 43 -2.23 3.00 19.68
C ASN A 43 -2.23 3.22 18.13
N GLU A 44 -2.81 2.26 17.38
CA GLU A 44 -2.86 2.28 15.90
C GLU A 44 -3.96 1.34 15.36
N GLU A 45 -5.16 1.88 15.13
CA GLU A 45 -6.30 1.12 14.56
C GLU A 45 -6.38 1.42 13.06
N GLU A 46 -6.94 2.61 12.73
CA GLU A 46 -7.03 3.18 11.35
C GLU A 46 -7.90 2.33 10.40
N GLU A 47 -8.96 2.96 9.86
CA GLU A 47 -9.96 2.27 9.00
C GLU A 47 -10.68 3.25 8.06
N GLN A 48 -11.57 2.68 7.21
CA GLN A 48 -12.39 3.42 6.22
C GLN A 48 -11.48 4.27 5.29
N THR A 49 -11.91 5.53 5.00
CA THR A 49 -11.09 6.55 4.32
C THR A 49 -10.53 6.08 2.95
N LEU A 50 -11.40 5.38 2.18
CA LEU A 50 -11.18 4.99 0.75
C LEU A 50 -12.51 4.45 0.22
N GLY A 51 -13.09 5.11 -0.81
CA GLY A 51 -14.30 4.61 -1.50
C GLY A 51 -15.57 4.75 -0.66
N GLY A 52 -15.68 3.91 0.38
CA GLY A 52 -16.78 3.93 1.33
C GLY A 52 -16.55 2.86 2.39
N GLY A 53 -17.18 1.68 2.21
CA GLY A 53 -17.01 0.53 3.10
C GLY A 53 -18.22 -0.39 3.05
N GLY A 54 -19.38 0.16 3.44
CA GLY A 54 -20.63 -0.59 3.50
C GLY A 54 -21.68 0.18 4.29
N SER A 55 -21.96 1.41 3.85
CA SER A 55 -22.90 2.33 4.51
C SER A 55 -24.34 1.84 4.31
N GLY A 56 -24.87 1.18 5.36
CA GLY A 56 -26.19 0.60 5.35
C GLY A 56 -26.36 -0.31 6.55
N GLY A 57 -27.31 0.03 7.46
CA GLY A 57 -27.57 -0.77 8.66
C GLY A 57 -28.22 -2.11 8.32
N GLY A 58 -27.38 -3.11 8.00
CA GLY A 58 -27.85 -4.40 7.50
C GLY A 58 -27.89 -4.45 5.99
N GLY A 59 -28.13 -5.65 5.44
CA GLY A 59 -28.20 -5.86 3.98
C GLY A 59 -27.18 -6.87 3.48
N GLU A 60 -27.01 -6.91 2.13
CA GLU A 60 -26.03 -7.79 1.47
C GLU A 60 -24.77 -7.00 1.05
N PHE A 61 -24.37 -6.00 1.88
CA PHE A 61 -23.15 -5.17 1.63
C PHE A 61 -21.83 -5.96 1.87
N ALA A 62 -21.98 -7.29 2.06
CA ALA A 62 -20.90 -8.28 1.91
C ALA A 62 -20.34 -8.28 0.47
N GLY A 63 -21.17 -7.77 -0.48
CA GLY A 63 -20.70 -7.37 -1.81
C GLY A 63 -19.54 -6.38 -1.67
N VAL A 64 -18.37 -6.74 -2.21
CA VAL A 64 -17.10 -6.12 -1.85
C VAL A 64 -16.90 -4.88 -2.73
N LEU A 65 -16.31 -5.06 -3.92
CA LEU A 65 -15.86 -3.95 -4.80
C LEU A 65 -16.09 -4.33 -6.27
N TRP A 66 -15.33 -3.74 -7.22
CA TRP A 66 -15.38 -4.11 -8.69
C TRP A 66 -14.19 -3.53 -9.49
N ASP A 67 -13.05 -4.27 -9.55
CA ASP A 67 -11.97 -4.12 -10.59
C ASP A 67 -10.77 -5.05 -10.25
N VAL A 68 -10.74 -6.29 -10.80
CA VAL A 68 -9.77 -7.35 -10.34
C VAL A 68 -9.07 -8.07 -11.55
N PRO A 69 -7.78 -8.60 -11.40
CA PRO A 69 -7.12 -9.44 -12.45
C PRO A 69 -7.91 -10.72 -12.76
N SER A 70 -8.94 -10.55 -13.59
CA SER A 70 -9.75 -11.62 -14.12
C SER A 70 -9.83 -11.42 -15.64
N PRO A 71 -8.84 -11.92 -16.43
CA PRO A 71 -8.80 -11.72 -17.88
C PRO A 71 -9.49 -12.86 -18.69
N PRO A 72 -10.73 -12.61 -19.26
CA PRO A 72 -11.32 -13.48 -20.30
C PRO A 72 -10.89 -13.01 -21.72
N PRO A 73 -11.36 -13.64 -22.84
CA PRO A 73 -11.21 -13.05 -24.20
C PRO A 73 -12.35 -12.03 -24.53
N VAL A 74 -13.04 -11.51 -23.49
CA VAL A 74 -14.27 -10.71 -23.62
C VAL A 74 -14.08 -9.33 -22.94
N GLY A 75 -14.57 -8.25 -23.61
CA GLY A 75 -14.59 -6.88 -23.02
C GLY A 75 -13.20 -6.33 -22.75
N LYS A 76 -12.37 -6.26 -23.83
CA LYS A 76 -10.95 -5.80 -23.78
C LYS A 76 -10.07 -6.69 -22.88
N ALA A 77 -10.59 -7.89 -22.55
CA ALA A 77 -9.99 -8.85 -21.61
C ALA A 77 -10.00 -8.35 -20.15
N GLU A 78 -10.54 -7.14 -19.88
CA GLU A 78 -10.40 -6.42 -18.57
C GLU A 78 -8.90 -6.26 -18.20
N LEU A 79 -8.29 -7.39 -17.74
CA LEU A 79 -6.85 -7.56 -17.42
C LEU A 79 -6.54 -6.97 -16.03
N GLU A 80 -7.00 -5.72 -15.78
CA GLU A 80 -6.75 -4.94 -14.55
C GLU A 80 -5.32 -4.36 -14.61
N ASP A 81 -5.18 -3.04 -14.27
CA ASP A 81 -3.85 -2.38 -14.24
C ASP A 81 -3.99 -1.00 -13.55
N GLY A 82 -3.33 -0.83 -12.38
CA GLY A 82 -3.22 0.49 -11.74
C GLY A 82 -3.06 0.48 -10.21
N ALA A 83 -3.47 1.62 -9.58
CA ALA A 83 -3.48 1.83 -8.11
C ALA A 83 -4.92 1.70 -7.59
N TYR A 84 -5.15 0.88 -6.54
CA TYR A 84 -6.50 0.37 -6.18
C TYR A 84 -6.90 0.71 -4.74
N ARG A 85 -8.20 0.93 -4.52
CA ARG A 85 -8.83 0.87 -3.19
C ARG A 85 -9.23 -0.59 -2.97
N ILE A 86 -8.81 -1.19 -1.86
CA ILE A 86 -8.99 -2.64 -1.65
C ILE A 86 -9.71 -2.93 -0.30
N LYS A 87 -10.73 -3.86 -0.36
CA LYS A 87 -11.72 -4.15 0.73
C LYS A 87 -11.75 -5.62 1.09
N GLN A 88 -11.92 -5.89 2.39
CA GLN A 88 -12.24 -7.25 2.89
C GLN A 88 -13.56 -7.24 3.67
N LYS A 89 -14.27 -8.39 3.71
CA LYS A 89 -15.21 -8.65 4.82
C LYS A 89 -14.55 -9.70 5.76
N GLY A 90 -13.83 -9.18 6.76
CA GLY A 90 -13.08 -10.01 7.70
C GLY A 90 -12.54 -9.21 8.87
N ILE A 91 -11.98 -9.92 9.86
CA ILE A 91 -11.14 -9.35 10.94
C ILE A 91 -11.94 -8.33 11.80
N LEU A 92 -12.05 -7.09 11.29
CA LEU A 92 -12.79 -6.00 11.94
C LEU A 92 -14.23 -5.93 11.42
N GLY A 93 -14.39 -6.00 10.07
CA GLY A 93 -15.70 -5.80 9.44
C GLY A 93 -15.64 -5.80 7.92
N TYR A 94 -16.57 -5.04 7.29
CA TYR A 94 -16.71 -4.92 5.83
C TYR A 94 -16.13 -3.55 5.41
N SER A 95 -14.81 -3.46 5.14
CA SER A 95 -14.17 -2.14 4.93
C SER A 95 -13.11 -2.16 3.80
N GLN A 96 -13.22 -1.12 2.92
CA GLN A 96 -12.21 -0.76 1.90
C GLN A 96 -11.29 0.31 2.47
N ILE A 97 -10.01 -0.07 2.63
CA ILE A 97 -9.04 0.70 3.40
C ILE A 97 -7.70 0.86 2.66
N GLY A 98 -7.29 -0.17 1.91
CA GLY A 98 -5.87 -0.26 1.50
C GLY A 98 -5.63 0.21 0.09
N ALA A 99 -4.35 0.39 -0.27
CA ALA A 99 -3.97 0.69 -1.65
C ALA A 99 -3.26 -0.53 -2.27
N GLY A 100 -3.80 -1.02 -3.39
CA GLY A 100 -3.28 -2.20 -4.08
C GLY A 100 -2.62 -1.80 -5.38
N VAL A 101 -1.40 -2.28 -5.60
CA VAL A 101 -0.59 -1.89 -6.75
C VAL A 101 -0.45 -3.08 -7.70
N TYR A 102 -1.19 -3.07 -8.82
CA TYR A 102 -0.99 -4.06 -9.92
C TYR A 102 -0.55 -3.28 -11.14
N LYS A 103 0.39 -3.86 -11.88
CA LYS A 103 0.92 -3.26 -13.09
C LYS A 103 1.77 -4.28 -13.83
N GLU A 104 1.84 -4.10 -15.17
CA GLU A 104 2.65 -4.90 -16.11
C GLU A 104 2.06 -6.33 -16.24
N GLY A 105 2.16 -7.12 -15.17
CA GLY A 105 1.48 -8.41 -15.07
C GLY A 105 1.49 -8.98 -13.64
N THR A 106 1.90 -8.17 -12.64
CA THR A 106 2.01 -8.63 -11.23
C THR A 106 1.37 -7.61 -10.26
N PHE A 107 0.85 -8.13 -9.13
CA PHE A 107 0.28 -7.34 -8.02
C PHE A 107 1.22 -7.45 -6.82
N HIS A 108 1.69 -6.30 -6.34
CA HIS A 108 2.67 -6.22 -5.26
C HIS A 108 2.17 -5.20 -4.22
N THR A 109 1.82 -5.70 -3.04
CA THR A 109 1.12 -4.94 -1.97
C THR A 109 1.82 -5.25 -0.62
N MET A 110 1.21 -4.93 0.54
CA MET A 110 1.86 -5.05 1.88
C MET A 110 1.46 -6.34 2.64
N TRP A 111 2.28 -6.70 3.66
CA TRP A 111 2.01 -7.85 4.56
C TRP A 111 1.13 -7.40 5.74
N HIS A 112 1.56 -6.32 6.45
CA HIS A 112 0.97 -5.84 7.74
C HIS A 112 -0.53 -5.52 7.63
N VAL A 113 -0.97 -5.22 6.41
CA VAL A 113 -2.38 -4.93 6.06
C VAL A 113 -3.33 -6.15 6.32
N THR A 114 -2.72 -7.34 6.55
CA THR A 114 -3.43 -8.62 6.69
C THR A 114 -2.51 -9.65 7.41
N ARG A 115 -2.77 -10.97 7.21
CA ARG A 115 -1.92 -12.08 7.74
C ARG A 115 -1.35 -12.96 6.58
N GLY A 116 -1.42 -12.42 5.35
CA GLY A 116 -0.99 -13.12 4.12
C GLY A 116 -2.17 -13.84 3.44
N ALA A 117 -3.20 -13.07 3.08
CA ALA A 117 -4.50 -13.62 2.62
C ALA A 117 -4.64 -13.66 1.08
N VAL A 118 -5.66 -14.43 0.61
CA VAL A 118 -5.94 -14.65 -0.83
C VAL A 118 -7.06 -13.70 -1.29
N LEU A 119 -6.96 -13.23 -2.55
CA LEU A 119 -7.77 -12.10 -3.06
C LEU A 119 -8.90 -12.57 -3.96
N MET A 120 -9.71 -11.60 -4.46
CA MET A 120 -10.85 -11.92 -5.32
C MET A 120 -11.50 -10.70 -6.02
N HIS A 121 -12.52 -11.11 -6.83
CA HIS A 121 -13.58 -10.28 -7.41
C HIS A 121 -14.94 -10.92 -7.03
N LYS A 122 -15.58 -10.44 -5.94
CA LYS A 122 -16.95 -10.85 -5.50
C LYS A 122 -17.29 -12.35 -5.77
N GLY A 123 -16.54 -13.26 -5.10
CA GLY A 123 -16.75 -14.71 -5.22
C GLY A 123 -15.76 -15.41 -6.15
N LYS A 124 -15.20 -14.69 -7.13
CA LYS A 124 -14.16 -15.23 -8.03
C LYS A 124 -12.77 -15.00 -7.40
N ARG A 125 -12.10 -16.08 -6.99
CA ARG A 125 -10.95 -15.97 -6.07
C ARG A 125 -9.61 -16.18 -6.82
N ILE A 126 -8.65 -15.26 -6.60
CA ILE A 126 -7.30 -15.33 -7.19
C ILE A 126 -6.24 -15.38 -6.04
N GLU A 127 -5.31 -16.35 -6.14
CA GLU A 127 -4.33 -16.63 -5.07
C GLU A 127 -2.99 -15.91 -5.31
N PRO A 128 -2.33 -15.34 -4.24
CA PRO A 128 -1.00 -14.71 -4.37
C PRO A 128 0.12 -15.77 -4.59
N SER A 129 1.16 -15.37 -5.31
CA SER A 129 2.30 -16.25 -5.67
C SER A 129 3.37 -16.29 -4.56
N TRP A 130 3.33 -15.29 -3.64
CA TRP A 130 4.30 -15.21 -2.54
C TRP A 130 3.79 -14.24 -1.42
N ALA A 131 4.33 -14.43 -0.19
CA ALA A 131 4.15 -13.50 0.95
C ALA A 131 5.51 -13.33 1.71
N ASP A 132 6.01 -12.08 1.74
CA ASP A 132 7.28 -11.69 2.42
C ASP A 132 6.99 -10.99 3.76
N VAL A 133 7.31 -11.65 4.88
CA VAL A 133 7.09 -11.10 6.24
C VAL A 133 8.13 -9.99 6.54
N LYS A 134 9.42 -10.28 6.28
CA LYS A 134 10.54 -9.36 6.60
C LYS A 134 10.49 -8.09 5.71
N LYS A 135 10.24 -8.29 4.39
CA LYS A 135 10.12 -7.17 3.42
C LYS A 135 8.82 -6.37 3.68
N ASP A 136 7.86 -7.02 4.37
CA ASP A 136 6.53 -6.45 4.73
C ASP A 136 5.70 -6.21 3.47
N LEU A 137 5.44 -7.30 2.71
CA LEU A 137 4.71 -7.24 1.44
C LEU A 137 4.23 -8.62 0.95
N ILE A 138 3.18 -8.60 0.10
CA ILE A 138 2.66 -9.77 -0.66
C ILE A 138 2.95 -9.55 -2.16
N SER A 139 3.13 -10.65 -2.90
CA SER A 139 3.30 -10.62 -4.36
C SER A 139 2.34 -11.64 -5.00
N TYR A 140 1.81 -11.26 -6.18
CA TYR A 140 0.80 -12.04 -6.93
C TYR A 140 1.19 -12.04 -8.41
N GLY A 141 0.96 -13.18 -9.08
CA GLY A 141 1.21 -13.33 -10.52
C GLY A 141 2.68 -13.61 -10.85
N GLY A 142 3.54 -13.57 -9.82
CA GLY A 142 4.98 -13.79 -9.99
C GLY A 142 5.77 -13.16 -8.85
N GLY A 143 7.02 -12.79 -9.13
CA GLY A 143 7.91 -12.19 -8.13
C GLY A 143 7.71 -10.69 -7.98
N TRP A 144 8.59 -10.08 -7.18
CA TRP A 144 8.68 -8.62 -6.97
C TRP A 144 8.85 -7.90 -8.33
N LYS A 145 8.08 -6.82 -8.54
CA LYS A 145 8.07 -6.06 -9.81
C LYS A 145 8.72 -4.68 -9.66
N LEU A 146 8.50 -3.82 -10.67
CA LEU A 146 8.93 -2.41 -10.71
C LEU A 146 10.46 -2.28 -10.86
N GLU A 147 10.97 -1.05 -10.93
CA GLU A 147 12.33 -0.76 -11.47
C GLU A 147 13.01 0.37 -10.69
N GLY A 148 12.23 1.41 -10.34
CA GLY A 148 12.76 2.58 -9.63
C GLY A 148 13.18 2.27 -8.18
N GLU A 149 13.88 3.21 -7.55
CA GLU A 149 14.33 3.08 -6.15
C GLU A 149 14.43 4.46 -5.49
N TRP A 150 14.27 4.48 -4.15
CA TRP A 150 14.48 5.70 -3.35
C TRP A 150 15.90 6.25 -3.51
N LYS A 151 15.97 7.56 -3.76
CA LYS A 151 17.21 8.31 -3.93
C LYS A 151 17.24 9.39 -2.83
N GLU A 152 18.07 9.16 -1.80
CA GLU A 152 18.16 10.03 -0.60
C GLU A 152 18.60 11.45 -0.97
N GLY A 153 18.20 12.44 -0.15
CA GLY A 153 18.50 13.85 -0.39
C GLY A 153 17.52 14.47 -1.37
N GLU A 154 17.36 13.82 -2.54
CA GLU A 154 16.38 14.20 -3.56
C GLU A 154 14.94 13.93 -3.06
N GLU A 155 14.02 14.87 -3.34
CA GLU A 155 12.62 14.72 -2.99
C GLU A 155 11.91 13.77 -3.98
N VAL A 156 11.03 12.95 -3.44
CA VAL A 156 10.22 11.97 -4.20
C VAL A 156 8.73 12.35 -4.05
N GLN A 157 7.81 11.55 -4.63
CA GLN A 157 6.35 11.81 -4.51
C GLN A 157 5.62 10.51 -4.15
N VAL A 158 4.38 10.63 -3.66
CA VAL A 158 3.53 9.47 -3.32
C VAL A 158 2.09 9.70 -3.81
N LEU A 159 1.46 8.65 -4.40
CA LEU A 159 0.03 8.68 -4.74
C LEU A 159 -0.79 8.64 -3.44
N ALA A 160 -1.02 9.83 -2.89
CA ALA A 160 -1.84 10.02 -1.70
C ALA A 160 -3.31 10.01 -2.17
N LEU A 161 -4.02 8.91 -1.90
CA LEU A 161 -5.36 8.66 -2.47
C LEU A 161 -6.51 9.33 -1.68
N GLU A 162 -7.73 9.15 -2.23
CA GLU A 162 -9.07 9.45 -1.63
C GLU A 162 -9.12 9.36 -0.06
N PRO A 163 -10.09 10.09 0.63
CA PRO A 163 -10.13 10.44 2.09
C PRO A 163 -8.98 9.95 3.01
N GLY A 164 -8.53 10.86 3.88
CA GLY A 164 -7.26 10.72 4.57
C GLY A 164 -6.21 11.58 3.87
N LYS A 165 -6.33 11.61 2.52
CA LYS A 165 -5.68 12.59 1.64
C LYS A 165 -6.65 12.92 0.48
N ASN A 166 -6.23 13.83 -0.41
CA ASN A 166 -6.90 14.05 -1.72
C ASN A 166 -6.14 13.29 -2.81
N PRO A 167 -6.86 12.52 -3.73
CA PRO A 167 -6.22 11.65 -4.77
C PRO A 167 -5.31 12.43 -5.75
N ARG A 168 -4.02 12.46 -5.40
CA ARG A 168 -2.97 13.16 -6.16
C ARG A 168 -1.58 12.61 -5.78
N ALA A 169 -0.56 12.93 -6.60
CA ALA A 169 0.83 12.64 -6.26
C ALA A 169 1.41 13.83 -5.48
N VAL A 170 1.52 13.66 -4.16
CA VAL A 170 2.01 14.69 -3.25
C VAL A 170 3.54 14.62 -3.17
N GLN A 171 4.19 15.80 -3.26
CA GLN A 171 5.65 15.95 -3.19
C GLN A 171 6.09 15.89 -1.74
N THR A 172 7.20 15.18 -1.51
CA THR A 172 7.70 14.88 -0.19
C THR A 172 9.23 14.76 -0.22
N LYS A 173 9.88 15.46 0.71
CA LYS A 173 11.32 15.37 0.93
C LYS A 173 11.60 14.28 1.98
N PRO A 174 12.82 13.66 2.00
CA PRO A 174 13.16 12.66 3.04
C PRO A 174 13.14 13.29 4.47
N GLY A 175 12.29 12.71 5.32
CA GLY A 175 12.25 13.02 6.75
C GLY A 175 13.02 11.97 7.52
N LEU A 176 12.92 11.99 8.85
CA LEU A 176 13.64 11.04 9.71
C LEU A 176 13.07 11.07 11.13
N PHE A 177 13.04 9.89 11.76
CA PHE A 177 12.55 9.71 13.12
C PHE A 177 13.64 9.07 13.99
N LYS A 178 13.80 9.63 15.19
CA LYS A 178 14.85 9.27 16.14
C LYS A 178 14.64 7.88 16.77
N THR A 179 15.71 7.35 17.36
CA THR A 179 15.77 6.06 18.06
C THR A 179 16.61 6.24 19.35
N ASN A 180 16.53 5.26 20.27
CA ASN A 180 17.44 5.14 21.42
C ASN A 180 18.92 5.15 20.95
N ALA A 181 19.17 4.44 19.83
CA ALA A 181 20.47 4.39 19.16
C ALA A 181 20.74 5.69 18.37
N GLY A 182 20.05 5.85 17.20
CA GLY A 182 20.30 6.98 16.29
C GLY A 182 19.02 7.52 15.66
N THR A 183 18.81 7.24 14.36
CA THR A 183 17.62 7.68 13.58
C THR A 183 17.49 6.85 12.29
N ILE A 184 16.23 6.62 11.86
CA ILE A 184 15.92 6.01 10.53
C ILE A 184 15.35 7.12 9.62
N GLY A 185 15.54 6.99 8.29
CA GLY A 185 15.03 7.97 7.31
C GLY A 185 13.75 7.48 6.66
N ALA A 186 12.78 8.39 6.46
CA ALA A 186 11.39 8.03 6.16
C ALA A 186 10.63 9.16 5.44
N VAL A 187 9.73 8.77 4.50
CA VAL A 187 8.71 9.69 3.96
C VAL A 187 7.70 10.03 5.08
N SER A 188 7.71 11.30 5.50
CA SER A 188 6.91 11.76 6.65
C SER A 188 5.87 12.79 6.16
N LEU A 189 4.69 12.29 5.81
CA LEU A 189 3.56 13.11 5.29
C LEU A 189 2.50 13.28 6.40
N ASP A 190 2.45 14.48 6.98
CA ASP A 190 1.54 14.81 8.09
C ASP A 190 0.12 15.08 7.54
N PHE A 191 -0.81 14.16 7.86
CA PHE A 191 -2.23 14.20 7.41
C PHE A 191 -3.06 13.23 8.28
N SER A 192 -4.34 13.08 7.92
CA SER A 192 -5.25 12.03 8.44
C SER A 192 -4.72 10.58 8.11
N PRO A 193 -5.37 9.43 8.60
CA PRO A 193 -4.99 8.01 8.32
C PRO A 193 -4.21 7.74 7.00
N GLY A 194 -3.01 7.11 7.15
CA GLY A 194 -2.16 6.72 6.02
C GLY A 194 -2.78 5.60 5.20
N THR A 195 -2.81 5.75 3.86
CA THR A 195 -3.43 4.78 2.96
C THR A 195 -2.47 3.62 2.69
N SER A 196 -2.65 2.51 3.44
CA SER A 196 -1.66 1.42 3.54
C SER A 196 -1.48 0.65 2.21
N GLY A 197 -0.41 1.02 1.47
CA GLY A 197 -0.01 0.40 0.20
C GLY A 197 0.27 1.43 -0.89
N SER A 198 0.01 2.74 -0.59
CA SER A 198 0.19 3.89 -1.54
C SER A 198 1.54 3.86 -2.31
N PRO A 199 1.52 3.88 -3.68
CA PRO A 199 2.76 3.84 -4.50
C PRO A 199 3.55 5.16 -4.45
N ILE A 200 4.81 5.09 -4.00
CA ILE A 200 5.74 6.23 -3.98
C ILE A 200 6.40 6.35 -5.38
N ILE A 201 6.05 7.41 -6.14
CA ILE A 201 6.46 7.57 -7.55
C ILE A 201 7.27 8.87 -7.72
N ASP A 202 8.00 9.00 -8.84
CA ASP A 202 8.84 10.17 -9.14
C ASP A 202 8.15 11.08 -10.17
N LYS A 203 8.71 12.30 -10.31
CA LYS A 203 8.28 13.34 -11.26
C LYS A 203 8.34 12.82 -12.71
N LYS A 204 9.41 12.07 -12.99
CA LYS A 204 9.69 11.51 -14.33
C LYS A 204 8.76 10.32 -14.65
N GLY A 205 8.17 9.71 -13.59
CA GLY A 205 7.25 8.60 -13.74
C GLY A 205 7.78 7.26 -13.23
N LYS A 206 9.06 7.23 -12.80
CA LYS A 206 9.67 6.02 -12.19
C LYS A 206 9.12 5.81 -10.77
N VAL A 207 8.63 4.60 -10.47
CA VAL A 207 8.13 4.27 -9.14
C VAL A 207 9.30 4.12 -8.16
N VAL A 208 9.42 5.10 -7.25
CA VAL A 208 10.49 5.17 -6.23
C VAL A 208 10.40 3.98 -5.26
N GLY A 209 9.17 3.51 -5.07
CA GLY A 209 8.87 2.41 -4.19
C GLY A 209 7.42 2.42 -3.77
N LEU A 210 7.13 1.84 -2.60
CA LEU A 210 5.77 1.70 -2.08
C LEU A 210 5.75 2.09 -0.59
N TYR A 211 4.55 2.38 -0.09
CA TYR A 211 4.29 2.46 1.35
C TYR A 211 4.22 1.04 1.91
N GLY A 212 5.21 0.69 2.72
CA GLY A 212 5.10 -0.48 3.59
C GLY A 212 6.29 -0.56 4.49
N ASN A 213 6.34 0.42 5.37
CA ASN A 213 7.12 0.43 6.59
C ASN A 213 6.48 1.50 7.49
N GLY A 214 6.98 1.67 8.71
CA GLY A 214 6.45 2.66 9.62
C GLY A 214 4.98 2.43 10.00
N VAL A 215 4.26 3.55 10.18
CA VAL A 215 2.90 3.57 10.71
C VAL A 215 2.38 5.03 10.70
N VAL A 216 1.10 5.21 11.07
CA VAL A 216 0.56 6.52 11.46
C VAL A 216 1.16 6.92 12.83
N THR A 217 1.30 8.22 13.05
CA THR A 217 1.88 8.80 14.27
C THR A 217 1.01 9.99 14.70
N ARG A 218 1.52 10.85 15.61
CA ARG A 218 0.81 12.05 16.16
C ARG A 218 -0.15 12.71 15.14
N SER A 219 -1.47 12.55 15.40
CA SER A 219 -2.59 13.14 14.61
C SER A 219 -2.84 12.37 13.29
N GLY A 220 -2.50 11.05 13.30
CA GLY A 220 -2.67 10.18 12.13
C GLY A 220 -1.56 10.36 11.09
N ALA A 221 -0.45 11.01 11.51
CA ALA A 221 0.64 11.44 10.61
C ALA A 221 1.36 10.23 9.97
N TYR A 222 1.26 10.14 8.64
CA TYR A 222 1.90 9.08 7.84
C TYR A 222 3.44 9.22 7.95
N VAL A 223 4.11 8.20 8.53
CA VAL A 223 5.59 8.10 8.54
C VAL A 223 5.99 6.67 8.15
N SER A 224 6.67 6.53 7.02
CA SER A 224 7.05 5.22 6.44
C SER A 224 8.49 5.30 5.94
N ALA A 225 9.30 4.23 6.10
CA ALA A 225 10.76 4.27 5.79
C ALA A 225 11.05 4.10 4.28
N ILE A 226 9.99 4.27 3.45
CA ILE A 226 10.02 4.10 1.98
C ILE A 226 10.45 2.67 1.59
N ALA A 227 9.47 1.80 1.28
CA ALA A 227 9.77 0.45 0.76
C ALA A 227 10.31 0.62 -0.66
N GLN A 228 11.46 0.01 -0.97
CA GLN A 228 12.21 0.27 -2.22
C GLN A 228 12.06 -0.96 -3.11
N THR A 229 11.62 -0.75 -4.35
CA THR A 229 11.35 -1.85 -5.27
C THR A 229 12.66 -2.33 -5.91
N GLU A 230 13.13 -3.50 -5.46
CA GLU A 230 14.44 -4.07 -5.82
C GLU A 230 14.34 -4.94 -7.10
N LYS A 231 13.09 -5.38 -7.42
CA LYS A 231 12.76 -6.35 -8.50
C LYS A 231 13.17 -7.78 -8.08
N SER A 232 12.40 -8.77 -8.56
CA SER A 232 12.61 -10.20 -8.27
C SER A 232 13.96 -10.68 -8.83
N ILE A 233 14.84 -11.13 -7.92
CA ILE A 233 16.12 -11.74 -8.29
C ILE A 233 15.87 -13.19 -8.78
N GLU A 234 15.61 -13.31 -10.09
CA GLU A 234 15.30 -14.59 -10.75
C GLU A 234 16.50 -15.56 -10.75
N ASP A 235 17.70 -15.02 -10.47
CA ASP A 235 18.97 -15.77 -10.43
C ASP A 235 18.94 -16.95 -9.46
N ASN A 236 18.18 -16.82 -8.37
CA ASN A 236 18.07 -17.87 -7.33
C ASN A 236 17.19 -19.04 -7.85
N PRO A 237 17.79 -20.23 -8.18
CA PRO A 237 17.06 -21.40 -8.71
C PRO A 237 16.74 -22.44 -7.60
N GLU A 238 15.49 -22.92 -7.57
CA GLU A 238 15.06 -24.00 -6.65
C GLU A 238 15.85 -25.30 -6.95
N ILE A 239 15.81 -25.69 -8.24
CA ILE A 239 16.55 -26.87 -8.76
C ILE A 239 16.43 -26.93 -10.31
N GLU A 240 15.21 -26.74 -10.85
CA GLU A 240 14.94 -26.83 -12.31
C GLU A 240 14.60 -25.41 -12.86
N LYS B 3 -7.78 -5.03 5.25
CA LYS B 3 -8.48 -4.62 6.50
C LYS B 3 -7.67 -3.68 7.42
N ARG B 4 -6.34 -3.74 7.39
CA ARG B 4 -5.51 -2.81 8.18
C ARG B 4 -4.85 -1.78 7.24
N GLY A 1 -13.52 -14.15 9.67
CA GLY A 1 -12.38 -14.78 10.37
C GLY A 1 -11.02 -14.40 9.79
N SER A 2 -11.03 -13.50 8.78
CA SER A 2 -9.83 -13.00 8.08
C SER A 2 -9.15 -14.10 7.23
N ALA A 3 -8.07 -13.71 6.51
CA ALA A 3 -7.24 -14.59 5.66
C ALA A 3 -7.99 -15.27 4.49
N ALA A 4 -9.24 -14.88 4.20
CA ALA A 4 -10.11 -15.60 3.24
C ALA A 4 -11.23 -14.71 2.69
N ASP A 5 -11.11 -13.38 2.86
CA ASP A 5 -12.10 -12.37 2.36
C ASP A 5 -11.39 -11.05 2.06
N LEU A 6 -10.23 -11.20 1.40
CA LEU A 6 -9.35 -10.12 0.97
C LEU A 6 -9.80 -9.60 -0.42
N GLU A 7 -10.61 -8.53 -0.42
CA GLU A 7 -11.37 -8.08 -1.63
C GLU A 7 -10.83 -6.72 -2.17
N LEU A 8 -10.55 -6.68 -3.51
CA LEU A 8 -9.82 -5.55 -4.18
C LEU A 8 -10.76 -4.56 -4.94
N GLU A 9 -10.38 -3.24 -4.97
CA GLU A 9 -11.08 -2.13 -5.69
C GLU A 9 -10.05 -1.34 -6.53
N ARG A 10 -10.50 -0.59 -7.56
CA ARG A 10 -9.67 0.42 -8.25
C ARG A 10 -9.84 1.82 -7.60
N ALA A 11 -8.78 2.64 -7.62
CA ALA A 11 -8.85 4.05 -7.14
C ALA A 11 -8.49 5.04 -8.28
N ALA A 12 -7.51 4.65 -9.13
CA ALA A 12 -7.01 5.45 -10.28
C ALA A 12 -5.89 4.67 -11.01
N ASP A 13 -5.00 5.39 -11.73
CA ASP A 13 -3.77 4.84 -12.36
C ASP A 13 -2.56 5.13 -11.46
N VAL A 14 -1.49 4.28 -11.52
CA VAL A 14 -0.27 4.54 -10.72
C VAL A 14 0.59 5.56 -11.48
N LYS A 15 0.38 6.87 -11.17
CA LYS A 15 1.01 8.03 -11.85
C LYS A 15 0.68 9.29 -11.03
N TRP A 16 1.71 9.95 -10.50
CA TRP A 16 1.54 11.23 -9.80
C TRP A 16 1.34 12.36 -10.83
N GLU A 17 0.06 12.69 -11.11
CA GLU A 17 -0.32 13.95 -11.78
C GLU A 17 -1.79 14.29 -11.51
N ASP A 18 -2.16 14.46 -10.23
CA ASP A 18 -3.54 14.87 -9.88
C ASP A 18 -3.67 16.40 -9.83
N GLN A 19 -2.98 17.06 -8.86
CA GLN A 19 -3.02 18.54 -8.70
C GLN A 19 -1.72 19.10 -8.05
N ALA A 20 -1.23 18.41 -7.00
CA ALA A 20 -0.39 19.04 -5.96
C ALA A 20 0.82 18.19 -5.56
N GLU A 21 1.50 18.63 -4.47
CA GLU A 21 2.69 18.01 -3.92
C GLU A 21 2.97 18.58 -2.51
N ILE A 22 2.44 17.96 -1.44
CA ILE A 22 2.80 18.37 -0.07
C ILE A 22 4.08 17.63 0.33
N SER A 23 5.22 18.35 0.30
CA SER A 23 6.54 17.84 0.69
C SER A 23 6.53 17.27 2.12
N GLY A 24 5.57 17.75 2.97
CA GLY A 24 5.45 17.40 4.38
C GLY A 24 6.77 17.56 5.13
N SER A 25 7.52 16.44 5.22
CA SER A 25 8.84 16.36 5.85
C SER A 25 8.73 16.81 7.32
N SER A 26 8.18 15.92 8.15
CA SER A 26 7.99 16.15 9.58
C SER A 26 9.37 16.28 10.29
N PRO A 27 9.48 17.10 11.38
CA PRO A 27 10.74 17.24 12.16
C PRO A 27 11.22 15.88 12.74
N ILE A 28 12.46 15.85 13.26
CA ILE A 28 13.13 14.62 13.74
C ILE A 28 12.27 13.91 14.82
N LEU A 29 11.69 12.76 14.44
CA LEU A 29 10.68 12.04 15.25
C LEU A 29 11.30 10.88 16.03
N SER A 30 10.62 10.44 17.09
CA SER A 30 10.93 9.23 17.84
C SER A 30 9.68 8.35 17.84
N ILE A 31 9.82 7.08 17.45
CA ILE A 31 8.69 6.14 17.28
C ILE A 31 8.98 4.86 18.12
N THR A 32 7.97 3.99 18.35
CA THR A 32 8.13 2.80 19.20
C THR A 32 8.48 1.57 18.33
N ILE A 33 9.75 1.12 18.43
CA ILE A 33 10.20 -0.10 17.74
C ILE A 33 9.56 -1.31 18.46
N SER A 34 8.57 -1.93 17.79
CA SER A 34 7.75 -2.99 18.36
C SER A 34 8.40 -4.35 18.07
N GLU A 35 8.53 -5.18 19.14
CA GLU A 35 9.14 -6.54 19.10
C GLU A 35 10.65 -6.51 18.73
N ASP A 36 11.24 -5.29 18.68
CA ASP A 36 12.65 -5.05 18.26
C ASP A 36 12.91 -5.42 16.78
N GLY A 37 11.84 -5.45 15.97
CA GLY A 37 11.94 -5.76 14.52
C GLY A 37 10.95 -4.95 13.70
N SER A 38 9.74 -4.80 14.24
CA SER A 38 8.68 -3.96 13.66
C SER A 38 8.79 -2.55 14.26
N MET A 39 8.10 -1.58 13.67
CA MET A 39 7.99 -0.22 14.20
C MET A 39 6.52 0.21 14.17
N SER A 40 6.14 1.07 15.13
CA SER A 40 4.75 1.50 15.34
C SER A 40 4.73 2.67 16.34
N ILE A 41 3.68 3.49 16.30
CA ILE A 41 3.44 4.50 17.34
C ILE A 41 2.75 3.77 18.50
N LYS A 42 2.98 4.19 19.75
CA LYS A 42 2.35 3.55 20.91
C LYS A 42 0.90 4.08 21.09
N ASN A 43 0.04 3.68 20.14
CA ASN A 43 -1.37 4.08 20.04
C ASN A 43 -1.93 3.44 18.75
N GLU A 44 -3.04 2.71 18.86
CA GLU A 44 -3.66 2.02 17.71
C GLU A 44 -5.17 2.18 17.82
N GLU A 45 -5.78 2.84 16.81
CA GLU A 45 -7.21 3.16 16.77
C GLU A 45 -7.90 2.39 15.62
N GLU A 46 -9.20 2.69 15.43
CA GLU A 46 -10.04 2.08 14.39
C GLU A 46 -9.71 2.65 13.00
N GLU A 47 -10.13 1.91 11.97
CA GLU A 47 -9.72 2.11 10.57
C GLU A 47 -10.95 2.44 9.68
N GLN A 48 -10.91 2.05 8.38
CA GLN A 48 -12.08 2.04 7.46
C GLN A 48 -12.54 3.47 7.03
N THR A 49 -12.41 3.77 5.72
CA THR A 49 -13.01 4.96 5.07
C THR A 49 -13.53 4.55 3.67
N LEU A 50 -12.59 4.21 2.76
CA LEU A 50 -12.83 3.58 1.45
C LEU A 50 -13.19 4.61 0.36
N GLY A 51 -12.65 4.37 -0.84
CA GLY A 51 -12.82 5.25 -2.00
C GLY A 51 -14.19 5.06 -2.67
N GLY A 52 -14.23 4.17 -3.68
CA GLY A 52 -15.44 3.93 -4.47
C GLY A 52 -16.57 3.29 -3.65
N GLY A 53 -16.19 2.40 -2.71
CA GLY A 53 -17.14 1.73 -1.81
C GLY A 53 -17.33 2.49 -0.49
N GLY A 54 -16.91 3.78 -0.47
CA GLY A 54 -17.03 4.64 0.71
C GLY A 54 -18.42 5.28 0.86
N SER A 55 -19.45 4.42 0.84
CA SER A 55 -20.86 4.83 1.01
C SER A 55 -21.22 4.86 2.51
N GLY A 56 -20.60 3.97 3.30
CA GLY A 56 -20.85 3.85 4.74
C GLY A 56 -22.05 2.96 5.05
N GLY A 57 -21.81 1.82 5.73
CA GLY A 57 -22.87 0.88 6.11
C GLY A 57 -23.15 -0.18 5.04
N GLY A 58 -23.25 0.27 3.79
CA GLY A 58 -23.52 -0.59 2.64
C GLY A 58 -23.91 0.25 1.43
N GLY A 59 -24.78 1.27 1.69
CA GLY A 59 -25.15 2.27 0.70
C GLY A 59 -26.00 1.72 -0.44
N GLU A 60 -25.56 1.93 -1.69
CA GLU A 60 -26.26 1.46 -2.90
C GLU A 60 -25.89 -0.01 -3.20
N PHE A 61 -26.10 -0.88 -2.17
CA PHE A 61 -25.76 -2.32 -2.19
C PHE A 61 -24.36 -2.56 -2.75
N ALA A 62 -23.42 -1.69 -2.27
CA ALA A 62 -22.01 -1.68 -2.72
C ALA A 62 -21.31 -2.99 -2.34
N GLY A 63 -21.83 -3.67 -1.31
CA GLY A 63 -21.34 -4.98 -0.89
C GLY A 63 -19.94 -4.88 -0.30
N VAL A 64 -18.92 -5.01 -1.18
CA VAL A 64 -17.50 -4.83 -0.81
C VAL A 64 -16.80 -4.04 -1.94
N LEU A 65 -15.97 -4.73 -2.74
CA LEU A 65 -15.00 -4.17 -3.67
C LEU A 65 -14.73 -5.24 -4.71
N TRP A 66 -14.71 -4.90 -6.02
CA TRP A 66 -14.43 -5.90 -7.05
C TRP A 66 -13.94 -5.29 -8.40
N ASP A 67 -12.72 -4.77 -8.38
CA ASP A 67 -11.97 -4.51 -9.62
C ASP A 67 -10.75 -5.44 -9.62
N VAL A 68 -11.05 -6.72 -9.81
CA VAL A 68 -10.10 -7.81 -9.58
C VAL A 68 -10.11 -8.77 -10.80
N PRO A 69 -8.91 -9.18 -11.35
CA PRO A 69 -8.82 -10.26 -12.38
C PRO A 69 -9.41 -11.59 -11.90
N SER A 70 -10.74 -11.71 -12.05
CA SER A 70 -11.55 -12.81 -11.52
C SER A 70 -11.28 -14.15 -12.26
N PRO A 71 -11.52 -15.34 -11.59
CA PRO A 71 -11.39 -16.68 -12.23
C PRO A 71 -12.22 -16.92 -13.54
N PRO A 72 -13.52 -16.41 -13.70
CA PRO A 72 -14.33 -16.60 -14.95
C PRO A 72 -13.55 -16.35 -16.28
N PRO A 73 -13.74 -17.25 -17.32
CA PRO A 73 -13.04 -17.15 -18.63
C PRO A 73 -13.18 -15.77 -19.30
N VAL A 74 -12.10 -15.34 -20.00
CA VAL A 74 -11.98 -14.00 -20.61
C VAL A 74 -11.97 -12.90 -19.50
N GLY A 75 -10.90 -12.92 -18.68
CA GLY A 75 -10.73 -11.95 -17.58
C GLY A 75 -9.84 -10.77 -17.96
N LYS A 76 -9.78 -10.48 -19.28
CA LYS A 76 -9.06 -9.30 -19.81
C LYS A 76 -9.88 -8.02 -19.53
N ALA A 77 -11.21 -8.20 -19.43
CA ALA A 77 -12.18 -7.12 -19.06
C ALA A 77 -12.16 -6.84 -17.54
N GLU A 78 -11.35 -7.59 -16.78
CA GLU A 78 -11.18 -7.42 -15.32
C GLU A 78 -9.86 -6.68 -15.00
N LEU A 79 -9.17 -6.20 -16.06
CA LEU A 79 -7.83 -5.63 -15.96
C LEU A 79 -7.87 -4.11 -16.21
N GLU A 80 -8.12 -3.33 -15.15
CA GLU A 80 -8.01 -1.86 -15.21
C GLU A 80 -6.54 -1.47 -15.15
N ASP A 81 -5.81 -2.12 -14.22
CA ASP A 81 -4.36 -1.96 -14.05
C ASP A 81 -4.03 -0.49 -13.67
N GLY A 82 -3.92 -0.24 -12.36
CA GLY A 82 -3.76 1.11 -11.84
C GLY A 82 -3.57 1.13 -10.33
N ALA A 83 -3.67 2.33 -9.73
CA ALA A 83 -3.58 2.49 -8.27
C ALA A 83 -4.90 2.03 -7.66
N TYR A 84 -4.87 0.89 -6.99
CA TYR A 84 -6.06 0.24 -6.41
C TYR A 84 -6.23 0.62 -4.93
N ARG A 85 -7.33 0.16 -4.31
CA ARG A 85 -7.60 0.35 -2.87
C ARG A 85 -8.31 -0.91 -2.33
N ILE A 86 -8.01 -1.33 -1.09
CA ILE A 86 -8.31 -2.73 -0.66
C ILE A 86 -8.89 -2.87 0.79
N LYS A 87 -9.89 -3.80 0.92
CA LYS A 87 -10.72 -4.05 2.14
C LYS A 87 -10.78 -5.54 2.49
N GLN A 88 -10.64 -5.85 3.78
CA GLN A 88 -10.65 -7.21 4.33
C GLN A 88 -11.86 -7.38 5.26
N LYS A 89 -12.61 -8.49 5.10
CA LYS A 89 -13.56 -8.91 6.15
C LYS A 89 -12.72 -9.71 7.17
N GLY A 90 -12.33 -9.02 8.23
CA GLY A 90 -11.26 -9.47 9.12
C GLY A 90 -11.41 -8.88 10.50
N ILE A 91 -10.48 -9.23 11.39
CA ILE A 91 -10.28 -8.55 12.69
C ILE A 91 -10.46 -7.00 12.56
N LEU A 92 -11.24 -6.41 13.49
CA LEU A 92 -11.70 -4.99 13.48
C LEU A 92 -12.88 -4.77 12.49
N GLY A 93 -13.40 -5.88 11.91
CA GLY A 93 -14.60 -5.84 11.07
C GLY A 93 -14.33 -5.80 9.55
N TYR A 94 -15.33 -5.30 8.83
CA TYR A 94 -15.39 -5.29 7.36
C TYR A 94 -14.73 -3.99 6.87
N SER A 95 -13.41 -3.88 7.02
CA SER A 95 -12.74 -2.55 7.00
C SER A 95 -11.89 -2.31 5.75
N GLN A 96 -11.89 -1.04 5.28
CA GLN A 96 -10.89 -0.50 4.35
C GLN A 96 -9.58 -0.25 5.08
N ILE A 97 -8.54 -0.98 4.67
CA ILE A 97 -7.27 -1.01 5.43
C ILE A 97 -6.00 -1.11 4.56
N GLY A 98 -6.10 -0.96 3.24
CA GLY A 98 -4.87 -0.85 2.44
C GLY A 98 -5.05 -0.07 1.15
N ALA A 99 -3.92 0.21 0.51
CA ALA A 99 -3.87 0.79 -0.83
C ALA A 99 -3.20 -0.23 -1.76
N GLY A 100 -3.91 -0.58 -2.84
CA GLY A 100 -3.44 -1.57 -3.80
C GLY A 100 -2.68 -0.93 -4.93
N VAL A 101 -1.79 -1.70 -5.56
CA VAL A 101 -1.04 -1.23 -6.74
C VAL A 101 -1.00 -2.35 -7.76
N TYR A 102 -1.84 -2.26 -8.78
CA TYR A 102 -1.89 -3.25 -9.85
C TYR A 102 -1.27 -2.60 -11.09
N LYS A 103 -0.05 -3.03 -11.44
CA LYS A 103 0.73 -2.38 -12.49
C LYS A 103 1.48 -3.44 -13.31
N GLU A 104 1.43 -3.29 -14.66
CA GLU A 104 2.14 -4.18 -15.63
C GLU A 104 1.58 -5.63 -15.60
N GLY A 105 0.33 -5.78 -15.13
CA GLY A 105 -0.34 -7.07 -15.04
C GLY A 105 -0.04 -7.82 -13.74
N THR A 106 0.64 -7.14 -12.79
CA THR A 106 1.03 -7.73 -11.50
C THR A 106 0.55 -6.85 -10.33
N PHE A 107 -0.07 -7.46 -9.31
CA PHE A 107 -0.53 -6.74 -8.11
C PHE A 107 0.63 -6.64 -7.10
N HIS A 108 0.72 -5.50 -6.41
CA HIS A 108 1.83 -5.15 -5.51
C HIS A 108 1.29 -4.52 -4.23
N THR A 109 1.46 -5.23 -3.13
CA THR A 109 1.01 -4.83 -1.79
C THR A 109 2.09 -5.21 -0.73
N MET A 110 1.74 -5.20 0.58
CA MET A 110 2.68 -5.36 1.70
C MET A 110 2.33 -6.58 2.57
N TRP A 111 3.24 -6.93 3.50
CA TRP A 111 3.03 -8.01 4.48
C TRP A 111 2.33 -7.51 5.76
N HIS A 112 2.73 -6.31 6.28
CA HIS A 112 2.20 -5.79 7.59
C HIS A 112 0.69 -5.57 7.54
N VAL A 113 0.18 -5.46 6.31
CA VAL A 113 -1.24 -5.34 6.03
C VAL A 113 -1.95 -6.74 6.01
N THR A 114 -1.29 -7.81 5.53
CA THR A 114 -1.96 -9.15 5.46
C THR A 114 -0.97 -10.29 5.74
N ARG A 115 -1.51 -11.33 6.39
CA ARG A 115 -0.82 -12.56 6.80
C ARG A 115 -0.20 -13.36 5.60
N GLY A 116 -0.45 -12.92 4.35
CA GLY A 116 0.03 -13.61 3.15
C GLY A 116 -0.97 -14.66 2.72
N ALA A 117 -2.21 -14.22 2.50
CA ALA A 117 -3.37 -15.13 2.31
C ALA A 117 -4.09 -14.86 0.97
N VAL A 118 -5.22 -15.57 0.76
CA VAL A 118 -5.93 -15.66 -0.53
C VAL A 118 -6.87 -14.45 -0.79
N LEU A 119 -6.87 -13.95 -2.05
CA LEU A 119 -7.57 -12.68 -2.44
C LEU A 119 -8.89 -12.98 -3.17
N MET A 120 -9.68 -11.92 -3.49
CA MET A 120 -11.00 -12.09 -4.14
C MET A 120 -11.65 -10.78 -4.64
N HIS A 121 -12.80 -11.04 -5.32
CA HIS A 121 -13.64 -10.08 -6.03
C HIS A 121 -15.07 -10.28 -5.50
N LYS A 122 -15.42 -9.57 -4.40
CA LYS A 122 -16.68 -9.77 -3.64
C LYS A 122 -17.08 -11.28 -3.54
N GLY A 123 -16.09 -12.13 -3.19
CA GLY A 123 -16.27 -13.60 -3.12
C GLY A 123 -15.64 -14.43 -4.25
N LYS A 124 -15.45 -13.85 -5.47
CA LYS A 124 -14.76 -14.56 -6.59
C LYS A 124 -13.24 -14.60 -6.29
N ARG A 125 -12.73 -15.81 -5.99
CA ARG A 125 -11.47 -15.98 -5.24
C ARG A 125 -10.25 -16.16 -6.17
N ILE A 126 -9.27 -15.24 -6.05
CA ILE A 126 -7.95 -15.35 -6.72
C ILE A 126 -6.86 -15.59 -5.67
N GLU A 127 -5.70 -16.08 -6.11
CA GLU A 127 -4.59 -16.49 -5.21
C GLU A 127 -3.33 -15.67 -5.52
N PRO A 128 -2.59 -15.13 -4.50
CA PRO A 128 -1.33 -14.38 -4.74
C PRO A 128 -0.15 -15.31 -5.15
N SER A 129 0.91 -14.72 -5.72
CA SER A 129 2.09 -15.46 -6.23
C SER A 129 3.27 -15.43 -5.23
N TRP A 130 3.34 -14.36 -4.45
CA TRP A 130 4.48 -14.07 -3.57
C TRP A 130 3.97 -13.48 -2.24
N ALA A 131 4.70 -13.79 -1.14
CA ALA A 131 4.53 -13.15 0.18
C ALA A 131 5.87 -13.22 0.95
N ASP A 132 6.46 -12.06 1.33
CA ASP A 132 7.76 -12.00 2.04
C ASP A 132 7.71 -10.97 3.18
N VAL A 133 7.83 -11.49 4.41
CA VAL A 133 7.78 -10.70 5.66
C VAL A 133 9.11 -9.94 5.90
N LYS A 134 10.21 -10.43 5.29
CA LYS A 134 11.56 -9.84 5.45
C LYS A 134 11.60 -8.40 4.90
N LYS A 135 11.12 -8.23 3.66
CA LYS A 135 11.04 -6.91 3.00
C LYS A 135 9.63 -6.31 3.22
N ASP A 136 8.74 -7.14 3.79
CA ASP A 136 7.36 -6.78 4.15
C ASP A 136 6.55 -6.43 2.89
N LEU A 137 6.70 -7.25 1.83
CA LEU A 137 5.99 -7.04 0.56
C LEU A 137 5.43 -8.37 -0.01
N ILE A 138 4.18 -8.27 -0.51
CA ILE A 138 3.41 -9.37 -1.12
C ILE A 138 3.08 -8.96 -2.58
N SER A 139 2.92 -9.95 -3.48
CA SER A 139 2.58 -9.67 -4.88
C SER A 139 1.81 -10.83 -5.53
N TYR A 140 1.12 -10.48 -6.64
CA TYR A 140 0.28 -11.39 -7.44
C TYR A 140 0.71 -11.25 -8.91
N GLY A 141 0.86 -12.38 -9.62
CA GLY A 141 1.30 -12.40 -11.02
C GLY A 141 2.81 -12.65 -11.18
N GLY A 142 3.55 -12.54 -10.07
CA GLY A 142 5.00 -12.77 -10.04
C GLY A 142 5.63 -12.31 -8.72
N GLY A 143 6.96 -12.43 -8.62
CA GLY A 143 7.71 -11.92 -7.45
C GLY A 143 7.86 -10.40 -7.46
N TRP A 144 8.56 -9.84 -6.46
CA TRP A 144 8.79 -8.39 -6.37
C TRP A 144 9.97 -7.99 -7.28
N LYS A 145 9.65 -7.38 -8.43
CA LYS A 145 10.62 -6.90 -9.43
C LYS A 145 9.87 -5.95 -10.40
N LEU A 146 10.22 -4.65 -10.40
CA LEU A 146 9.55 -3.64 -11.28
C LEU A 146 10.59 -2.78 -12.01
N GLU A 147 11.04 -1.65 -11.41
CA GLU A 147 11.97 -0.71 -12.10
C GLU A 147 12.46 0.39 -11.13
N GLY A 148 11.57 1.35 -10.80
CA GLY A 148 11.92 2.56 -10.05
C GLY A 148 12.26 2.27 -8.59
N GLU A 149 13.15 3.08 -8.01
CA GLU A 149 13.70 2.84 -6.67
C GLU A 149 14.06 4.18 -5.99
N TRP A 150 13.77 4.28 -4.69
CA TRP A 150 14.14 5.47 -3.89
C TRP A 150 15.66 5.57 -3.71
N LYS A 151 16.22 6.69 -4.16
CA LYS A 151 17.59 7.09 -3.83
C LYS A 151 17.49 8.22 -2.80
N GLU A 152 18.00 7.97 -1.57
CA GLU A 152 17.87 8.90 -0.43
C GLU A 152 18.50 10.27 -0.71
N GLY A 153 17.92 11.31 -0.07
CA GLY A 153 18.29 12.69 -0.36
C GLY A 153 17.46 13.31 -1.48
N GLU A 154 16.86 12.44 -2.33
CA GLU A 154 15.97 12.86 -3.42
C GLU A 154 14.51 12.66 -3.01
N GLU A 155 13.66 13.66 -3.33
CA GLU A 155 12.22 13.60 -3.05
C GLU A 155 11.53 12.64 -4.04
N VAL A 156 10.59 11.87 -3.52
CA VAL A 156 9.74 10.96 -4.32
C VAL A 156 8.27 11.36 -4.16
N GLN A 157 7.35 10.65 -4.81
CA GLN A 157 5.94 11.08 -4.91
C GLN A 157 5.00 10.00 -4.34
N VAL A 158 3.77 10.39 -3.98
CA VAL A 158 2.71 9.45 -3.56
C VAL A 158 1.32 9.92 -4.11
N LEU A 159 0.38 8.97 -4.25
CA LEU A 159 -1.06 9.28 -4.43
C LEU A 159 -1.79 8.93 -3.12
N ALA A 160 -2.18 9.97 -2.37
CA ALA A 160 -2.97 9.82 -1.14
C ALA A 160 -4.43 9.50 -1.51
N LEU A 161 -4.83 8.22 -1.34
CA LEU A 161 -6.16 7.73 -1.74
C LEU A 161 -7.26 8.33 -0.83
N GLU A 162 -7.98 9.30 -1.38
CA GLU A 162 -9.01 10.07 -0.66
C GLU A 162 -10.33 9.25 -0.50
N PRO A 163 -11.02 9.37 0.69
CA PRO A 163 -12.30 8.66 0.99
C PRO A 163 -13.48 9.24 0.18
N GLY A 164 -14.07 8.41 -0.70
CA GLY A 164 -15.17 8.84 -1.58
C GLY A 164 -14.76 9.84 -2.66
N LYS A 165 -13.43 10.07 -2.80
CA LYS A 165 -12.85 11.12 -3.67
C LYS A 165 -11.65 10.54 -4.46
N ASN A 166 -11.00 11.41 -5.25
CA ASN A 166 -9.87 11.04 -6.13
C ASN A 166 -8.53 11.13 -5.36
N PRO A 167 -7.57 10.19 -5.63
CA PRO A 167 -6.20 10.22 -5.03
C PRO A 167 -5.50 11.57 -5.22
N ARG A 168 -5.25 12.26 -4.10
CA ARG A 168 -4.54 13.53 -4.07
C ARG A 168 -3.06 13.32 -4.44
N ALA A 169 -2.55 14.12 -5.39
CA ALA A 169 -1.12 14.13 -5.71
C ALA A 169 -0.39 14.81 -4.56
N VAL A 170 0.52 14.08 -3.91
CA VAL A 170 1.32 14.60 -2.78
C VAL A 170 2.78 14.19 -2.97
N GLN A 171 3.73 15.06 -2.57
CA GLN A 171 5.16 14.73 -2.58
C GLN A 171 5.50 13.99 -1.27
N THR A 172 6.64 13.34 -1.25
CA THR A 172 7.21 12.72 -0.05
C THR A 172 8.70 13.06 -0.02
N LYS A 173 9.02 14.10 0.76
CA LYS A 173 10.39 14.57 0.95
C LYS A 173 11.00 13.74 2.10
N PRO A 174 12.24 13.15 1.91
CA PRO A 174 12.91 12.31 2.93
C PRO A 174 12.93 12.96 4.34
N GLY A 175 12.43 12.19 5.31
CA GLY A 175 12.44 12.58 6.71
C GLY A 175 13.32 11.64 7.52
N LEU A 176 13.44 11.90 8.82
CA LEU A 176 14.31 11.14 9.72
C LEU A 176 13.57 10.93 11.04
N PHE A 177 13.52 9.67 11.48
CA PHE A 177 12.99 9.29 12.78
C PHE A 177 13.96 8.32 13.45
N LYS A 178 14.42 8.70 14.64
CA LYS A 178 15.50 8.02 15.37
C LYS A 178 14.96 7.58 16.74
N THR A 179 15.33 6.38 17.16
CA THR A 179 14.94 5.79 18.45
C THR A 179 16.21 5.46 19.26
N ASN A 180 16.01 4.90 20.47
CA ASN A 180 17.11 4.42 21.33
C ASN A 180 17.76 3.15 20.72
N ALA A 181 17.01 2.48 19.80
CA ALA A 181 17.46 1.25 19.11
C ALA A 181 18.27 1.62 17.87
N GLY A 182 17.73 2.55 17.05
CA GLY A 182 18.36 2.91 15.78
C GLY A 182 17.65 4.04 15.06
N THR A 183 18.38 4.68 14.13
CA THR A 183 17.86 5.77 13.29
C THR A 183 17.44 5.22 11.92
N ILE A 184 16.30 5.72 11.39
CA ILE A 184 15.76 5.32 10.08
C ILE A 184 15.44 6.60 9.28
N GLY A 185 15.97 6.68 8.04
CA GLY A 185 15.67 7.78 7.11
C GLY A 185 14.68 7.31 6.07
N ALA A 186 13.46 7.86 6.13
CA ALA A 186 12.30 7.42 5.33
C ALA A 186 11.20 8.50 5.34
N VAL A 187 10.01 8.18 4.77
CA VAL A 187 8.94 9.18 4.62
C VAL A 187 8.32 9.54 5.99
N SER A 188 8.76 10.69 6.51
CA SER A 188 8.11 11.37 7.63
C SER A 188 7.24 12.47 7.02
N LEU A 189 5.92 12.24 6.90
CA LEU A 189 5.02 13.18 6.20
C LEU A 189 3.90 13.65 7.13
N ASP A 190 3.41 14.89 6.87
CA ASP A 190 2.19 15.43 7.49
C ASP A 190 0.96 14.67 6.94
N PHE A 191 -0.18 14.73 7.66
CA PHE A 191 -1.28 13.79 7.40
C PHE A 191 -2.06 14.17 6.12
N SER A 192 -2.09 13.20 5.21
CA SER A 192 -2.86 13.23 3.96
C SER A 192 -3.48 11.83 3.83
N PRO A 193 -4.82 11.70 3.52
CA PRO A 193 -5.54 10.38 3.50
C PRO A 193 -4.85 9.33 2.60
N GLY A 194 -3.91 8.57 3.19
CA GLY A 194 -3.07 7.63 2.44
C GLY A 194 -2.98 6.30 3.16
N THR A 195 -3.76 5.32 2.69
CA THR A 195 -3.86 4.00 3.30
C THR A 195 -2.59 3.15 3.02
N SER A 196 -2.13 2.38 4.05
CA SER A 196 -0.86 1.63 4.01
C SER A 196 -0.77 0.70 2.78
N GLY A 197 0.33 0.85 2.03
CA GLY A 197 0.49 0.26 0.71
C GLY A 197 0.41 1.32 -0.39
N SER A 198 0.11 2.61 0.01
CA SER A 198 0.10 3.77 -0.92
C SER A 198 1.33 3.78 -1.86
N PRO A 199 1.11 3.73 -3.22
CA PRO A 199 2.20 3.65 -4.20
C PRO A 199 3.09 4.91 -4.15
N ILE A 200 4.35 4.70 -3.76
CA ILE A 200 5.37 5.74 -3.88
C ILE A 200 5.84 5.75 -5.35
N ILE A 201 5.40 6.80 -6.06
CA ILE A 201 5.62 6.97 -7.50
C ILE A 201 6.82 7.91 -7.73
N ASP A 202 7.34 7.89 -8.95
CA ASP A 202 8.43 8.73 -9.41
C ASP A 202 7.85 9.92 -10.20
N LYS A 203 8.63 10.99 -10.28
CA LYS A 203 8.27 12.24 -10.95
C LYS A 203 8.06 12.02 -12.47
N LYS A 204 8.84 11.11 -13.07
CA LYS A 204 8.72 10.76 -14.51
C LYS A 204 7.54 9.77 -14.75
N GLY A 205 7.11 9.06 -13.68
CA GLY A 205 5.96 8.13 -13.77
C GLY A 205 6.32 6.68 -13.51
N LYS A 206 7.58 6.40 -13.11
CA LYS A 206 7.99 5.05 -12.65
C LYS A 206 7.36 4.76 -11.28
N VAL A 207 7.33 3.48 -10.88
CA VAL A 207 6.93 3.10 -9.52
C VAL A 207 8.20 2.95 -8.69
N VAL A 208 8.38 3.88 -7.72
CA VAL A 208 9.53 3.85 -6.81
C VAL A 208 9.40 2.66 -5.86
N GLY A 209 8.17 2.44 -5.40
CA GLY A 209 7.84 1.36 -4.49
C GLY A 209 6.55 1.65 -3.76
N LEU A 210 6.47 1.26 -2.47
CA LEU A 210 5.26 1.37 -1.64
C LEU A 210 5.57 2.09 -0.33
N TYR A 211 4.51 2.64 0.31
CA TYR A 211 4.61 3.18 1.67
C TYR A 211 4.97 2.01 2.60
N GLY A 212 6.23 2.02 3.09
CA GLY A 212 6.83 0.89 3.81
C GLY A 212 6.16 0.55 5.14
N ASN A 213 6.69 -0.48 5.82
CA ASN A 213 6.14 -0.97 7.10
C ASN A 213 6.38 0.07 8.20
N GLY A 214 5.41 1.00 8.27
CA GLY A 214 5.45 2.12 9.18
C GLY A 214 4.13 2.31 9.88
N VAL A 215 3.80 3.56 10.24
CA VAL A 215 2.63 3.84 11.07
C VAL A 215 2.15 5.29 10.90
N VAL A 216 0.95 5.57 11.43
CA VAL A 216 0.49 6.93 11.62
C VAL A 216 1.02 7.42 12.98
N THR A 217 2.00 8.34 12.94
CA THR A 217 2.65 8.92 14.12
C THR A 217 1.84 10.13 14.64
N ARG A 218 1.80 10.29 16.00
CA ARG A 218 0.96 11.31 16.70
C ARG A 218 -0.54 10.96 16.55
N SER A 219 -0.84 9.74 16.02
CA SER A 219 -2.18 9.32 15.53
C SER A 219 -2.74 10.32 14.50
N GLY A 220 -1.83 10.98 13.77
CA GLY A 220 -2.16 11.98 12.76
C GLY A 220 -1.28 11.83 11.52
N ALA A 221 0.02 12.16 11.66
CA ALA A 221 0.96 12.28 10.52
C ALA A 221 1.38 10.88 10.02
N TYR A 222 1.44 10.70 8.68
CA TYR A 222 1.81 9.40 8.07
C TYR A 222 3.33 9.28 7.95
N VAL A 223 3.93 8.51 8.87
CA VAL A 223 5.39 8.34 8.98
C VAL A 223 5.73 6.84 8.88
N SER A 224 6.24 6.45 7.73
CA SER A 224 6.48 5.05 7.36
C SER A 224 7.89 4.90 6.80
N ALA A 225 8.37 3.64 6.76
CA ALA A 225 9.52 3.26 5.93
C ALA A 225 9.23 3.56 4.44
N ILE A 226 10.26 3.62 3.59
CA ILE A 226 10.06 3.70 2.12
C ILE A 226 10.44 2.36 1.49
N ALA A 227 9.41 1.58 1.11
CA ALA A 227 9.60 0.34 0.37
C ALA A 227 9.84 0.72 -1.09
N GLN A 228 10.82 0.08 -1.73
CA GLN A 228 11.23 0.39 -3.11
C GLN A 228 11.26 -0.89 -3.93
N THR A 229 11.36 -0.78 -5.27
CA THR A 229 11.50 -1.96 -6.11
C THR A 229 12.96 -2.37 -6.10
N GLU A 230 13.24 -3.51 -5.46
CA GLU A 230 14.60 -4.00 -5.21
C GLU A 230 15.24 -4.50 -6.52
N LYS A 231 14.37 -4.68 -7.55
CA LYS A 231 14.74 -5.21 -8.86
C LYS A 231 15.33 -6.64 -8.70
N SER A 232 14.74 -7.39 -7.75
CA SER A 232 15.20 -8.70 -7.31
C SER A 232 15.25 -9.69 -8.49
N ILE A 233 16.44 -9.82 -9.08
CA ILE A 233 16.69 -10.70 -10.24
C ILE A 233 17.28 -12.05 -9.73
N GLU A 234 16.93 -12.39 -8.47
CA GLU A 234 17.51 -13.52 -7.72
C GLU A 234 16.98 -14.87 -8.24
N ASP A 235 15.98 -14.80 -9.13
CA ASP A 235 15.41 -15.97 -9.83
C ASP A 235 16.43 -16.63 -10.77
N ASN A 236 17.58 -15.95 -11.02
CA ASN A 236 18.76 -16.59 -11.66
C ASN A 236 19.20 -17.82 -10.83
N PRO A 237 19.15 -19.06 -11.41
CA PRO A 237 19.61 -20.29 -10.72
C PRO A 237 21.11 -20.23 -10.37
N GLU A 238 21.44 -20.52 -9.10
CA GLU A 238 22.82 -20.50 -8.60
C GLU A 238 23.66 -21.62 -9.21
N ILE A 239 23.05 -22.81 -9.35
CA ILE A 239 23.73 -24.02 -9.83
C ILE A 239 23.62 -24.10 -11.37
N GLU A 240 22.38 -23.93 -11.90
CA GLU A 240 22.09 -24.06 -13.33
C GLU A 240 22.58 -22.81 -14.10
N LYS B 3 -5.00 -4.93 5.83
CA LYS B 3 -5.44 -4.95 7.26
C LYS B 3 -4.36 -4.30 8.15
N ARG B 4 -4.77 -3.23 8.87
CA ARG B 4 -3.85 -2.28 9.54
C ARG B 4 -3.12 -1.46 8.46
N GLY A 1 -9.26 -21.48 6.37
CA GLY A 1 -7.98 -20.98 6.93
C GLY A 1 -7.48 -19.79 6.15
N SER A 2 -7.10 -18.71 6.88
CA SER A 2 -6.60 -17.43 6.33
C SER A 2 -7.75 -16.61 5.67
N ALA A 3 -7.43 -15.35 5.38
CA ALA A 3 -8.37 -14.40 4.77
C ALA A 3 -8.67 -14.82 3.31
N ALA A 4 -9.94 -15.08 3.00
CA ALA A 4 -10.37 -15.75 1.75
C ALA A 4 -11.54 -15.01 1.11
N ASP A 5 -11.69 -13.73 1.46
CA ASP A 5 -12.77 -12.85 0.98
C ASP A 5 -12.17 -11.47 0.78
N LEU A 6 -11.03 -11.49 0.07
CA LEU A 6 -10.19 -10.34 -0.18
C LEU A 6 -10.52 -9.73 -1.56
N GLU A 7 -11.40 -8.73 -1.57
CA GLU A 7 -11.99 -8.19 -2.82
C GLU A 7 -11.41 -6.79 -3.14
N LEU A 8 -10.94 -6.62 -4.39
CA LEU A 8 -10.29 -5.32 -4.81
C LEU A 8 -11.32 -4.37 -5.49
N GLU A 9 -11.29 -3.06 -5.17
CA GLU A 9 -12.09 -2.05 -5.90
C GLU A 9 -11.22 -0.85 -6.25
N ARG A 10 -11.34 -0.33 -7.48
CA ARG A 10 -10.48 0.76 -7.96
C ARG A 10 -10.74 2.08 -7.20
N ALA A 11 -9.69 2.91 -7.18
CA ALA A 11 -9.77 4.32 -6.77
C ALA A 11 -9.25 5.19 -7.93
N ALA A 12 -8.22 4.68 -8.65
CA ALA A 12 -7.68 5.30 -9.90
C ALA A 12 -6.56 4.42 -10.48
N ASP A 13 -5.74 5.00 -11.38
CA ASP A 13 -4.48 4.38 -11.84
C ASP A 13 -3.38 4.66 -10.80
N VAL A 14 -2.33 3.81 -10.78
CA VAL A 14 -1.10 4.19 -10.07
C VAL A 14 -0.37 5.16 -11.01
N LYS A 15 -0.57 6.46 -10.75
CA LYS A 15 -0.17 7.53 -11.67
C LYS A 15 -0.23 8.87 -10.93
N TRP A 16 0.77 9.71 -11.14
CA TRP A 16 0.84 11.05 -10.56
C TRP A 16 -0.27 11.92 -11.15
N GLU A 17 -1.15 12.41 -10.30
CA GLU A 17 -2.10 13.44 -10.66
C GLU A 17 -1.45 14.81 -10.45
N ASP A 18 -1.79 15.77 -11.35
CA ASP A 18 -1.33 17.18 -11.29
C ASP A 18 -1.74 17.90 -9.97
N GLN A 19 -2.55 17.21 -9.16
CA GLN A 19 -2.93 17.63 -7.79
C GLN A 19 -1.76 17.41 -6.78
N ALA A 20 -0.56 17.91 -7.12
CA ALA A 20 0.64 17.78 -6.28
C ALA A 20 0.48 18.57 -4.96
N GLU A 21 0.15 17.85 -3.88
CA GLU A 21 -0.02 18.42 -2.54
C GLU A 21 1.32 18.43 -1.78
N ILE A 22 1.97 19.61 -1.70
CA ILE A 22 3.25 19.74 -1.01
C ILE A 22 2.96 19.69 0.50
N SER A 23 3.21 18.51 1.08
CA SER A 23 3.00 18.19 2.49
C SER A 23 3.97 17.07 2.86
N GLY A 24 4.49 17.10 4.09
CA GLY A 24 5.52 16.16 4.52
C GLY A 24 6.84 16.84 4.68
N SER A 25 7.94 16.18 4.23
CA SER A 25 9.32 16.70 4.38
C SER A 25 9.66 16.91 5.88
N SER A 26 8.98 16.12 6.72
CA SER A 26 8.95 16.29 8.18
C SER A 26 10.35 16.02 8.79
N PRO A 27 10.76 16.80 9.86
CA PRO A 27 12.07 16.61 10.53
C PRO A 27 12.26 15.19 11.12
N ILE A 28 13.47 14.94 11.67
CA ILE A 28 13.87 13.62 12.22
C ILE A 28 12.89 13.18 13.33
N LEU A 29 12.43 11.93 13.24
CA LEU A 29 11.49 11.32 14.21
C LEU A 29 12.23 10.26 15.02
N SER A 30 11.67 9.92 16.18
CA SER A 30 12.14 8.81 17.02
C SER A 30 10.95 7.85 17.22
N ILE A 31 11.09 6.63 16.69
CA ILE A 31 10.00 5.63 16.63
C ILE A 31 10.44 4.36 17.38
N THR A 32 9.48 3.70 18.07
CA THR A 32 9.77 2.49 18.86
C THR A 32 9.53 1.24 17.98
N ILE A 33 10.63 0.53 17.67
CA ILE A 33 10.60 -0.70 16.86
C ILE A 33 10.12 -1.87 17.75
N SER A 34 9.17 -2.66 17.24
CA SER A 34 8.51 -3.72 18.03
C SER A 34 8.35 -4.98 17.17
N GLU A 35 8.45 -6.15 17.83
CA GLU A 35 8.18 -7.48 17.24
C GLU A 35 8.98 -7.69 15.94
N ASP A 36 10.20 -7.10 15.91
CA ASP A 36 11.11 -6.97 14.74
C ASP A 36 10.43 -6.35 13.48
N GLY A 37 9.46 -7.05 12.87
CA GLY A 37 8.79 -6.59 11.65
C GLY A 37 7.85 -5.38 11.82
N SER A 38 7.55 -4.99 13.07
CA SER A 38 6.66 -3.85 13.35
C SER A 38 7.46 -2.63 13.83
N MET A 39 6.85 -1.45 13.73
CA MET A 39 7.43 -0.18 14.19
C MET A 39 6.29 0.84 14.33
N SER A 40 6.27 1.57 15.44
CA SER A 40 5.22 2.55 15.77
C SER A 40 5.66 3.44 16.93
N ILE A 41 4.86 4.46 17.25
CA ILE A 41 4.98 5.20 18.51
C ILE A 41 4.11 4.45 19.53
N LYS A 42 4.48 4.51 20.83
CA LYS A 42 3.66 3.91 21.89
C LYS A 42 2.40 4.77 22.12
N ASN A 43 1.46 4.66 21.17
CA ASN A 43 0.23 5.46 21.12
C ASN A 43 -0.91 4.60 20.59
N GLU A 44 -2.10 5.19 20.48
CA GLU A 44 -3.28 4.53 19.92
C GLU A 44 -3.23 4.64 18.39
N GLU A 45 -2.72 3.57 17.75
CA GLU A 45 -2.69 3.44 16.28
C GLU A 45 -4.12 3.38 15.72
N GLU A 46 -4.48 4.35 14.86
CA GLU A 46 -5.75 4.34 14.11
C GLU A 46 -5.56 5.03 12.75
N GLU A 47 -6.21 4.49 11.69
CA GLU A 47 -5.91 4.81 10.29
C GLU A 47 -7.18 5.29 9.54
N GLN A 48 -7.60 4.66 8.39
CA GLN A 48 -8.68 5.26 7.53
C GLN A 48 -9.42 4.21 6.67
N THR A 49 -10.70 4.49 6.37
CA THR A 49 -11.62 3.56 5.71
C THR A 49 -12.05 4.17 4.36
N LEU A 50 -11.83 3.42 3.23
CA LEU A 50 -12.15 3.89 1.88
C LEU A 50 -12.74 2.74 1.01
N GLY A 51 -13.96 2.99 0.58
CA GLY A 51 -14.72 2.16 -0.34
C GLY A 51 -15.85 2.96 -0.99
N GLY A 52 -16.46 3.84 -0.17
CA GLY A 52 -17.45 4.80 -0.65
C GLY A 52 -18.86 4.23 -0.68
N GLY A 53 -19.14 3.38 -1.69
CA GLY A 53 -20.50 2.89 -1.96
C GLY A 53 -21.35 3.95 -2.67
N GLY A 54 -21.57 5.05 -1.96
CA GLY A 54 -22.16 6.28 -2.49
C GLY A 54 -21.69 7.47 -1.67
N SER A 55 -21.98 8.70 -2.14
CA SER A 55 -21.68 9.92 -1.37
C SER A 55 -22.62 9.99 -0.16
N GLY A 56 -22.05 9.70 1.04
CA GLY A 56 -22.83 9.55 2.27
C GLY A 56 -23.40 8.13 2.40
N GLY A 57 -22.63 7.14 1.89
CA GLY A 57 -22.98 5.73 1.98
C GLY A 57 -22.81 5.19 3.40
N GLY A 58 -23.92 5.16 4.17
CA GLY A 58 -23.88 4.83 5.60
C GLY A 58 -23.79 3.33 5.88
N GLY A 59 -24.88 2.75 6.40
CA GLY A 59 -24.95 1.32 6.71
C GLY A 59 -25.63 0.53 5.61
N GLU A 60 -25.16 0.72 4.37
CA GLU A 60 -25.64 -0.03 3.20
C GLU A 60 -24.83 -1.33 3.07
N PHE A 61 -23.49 -1.17 3.02
CA PHE A 61 -22.51 -2.24 2.77
C PHE A 61 -22.74 -2.88 1.39
N ALA A 62 -21.98 -2.41 0.38
CA ALA A 62 -22.00 -2.98 -0.98
C ALA A 62 -21.14 -4.25 -1.02
N GLY A 63 -21.56 -5.27 -0.24
CA GLY A 63 -20.86 -6.54 -0.10
C GLY A 63 -19.41 -6.38 0.32
N VAL A 64 -18.49 -6.89 -0.50
CA VAL A 64 -17.04 -6.79 -0.27
C VAL A 64 -16.40 -5.82 -1.31
N LEU A 65 -17.19 -4.82 -1.80
CA LEU A 65 -16.79 -3.86 -2.89
C LEU A 65 -16.82 -4.53 -4.29
N TRP A 66 -16.33 -3.82 -5.34
CA TRP A 66 -16.31 -4.32 -6.73
C TRP A 66 -15.39 -3.50 -7.68
N ASP A 67 -14.21 -4.06 -8.06
CA ASP A 67 -13.50 -3.75 -9.35
C ASP A 67 -12.15 -4.52 -9.49
N VAL A 68 -12.29 -5.81 -9.74
CA VAL A 68 -11.21 -6.71 -10.21
C VAL A 68 -11.80 -7.57 -11.36
N PRO A 69 -10.98 -8.19 -12.30
CA PRO A 69 -11.42 -9.11 -13.38
C PRO A 69 -12.77 -9.84 -13.15
N SER A 70 -13.58 -9.90 -14.22
CA SER A 70 -14.97 -10.40 -14.19
C SER A 70 -15.06 -11.87 -13.74
N PRO A 71 -16.19 -12.28 -13.04
CA PRO A 71 -16.40 -13.66 -12.52
C PRO A 71 -16.07 -14.86 -13.49
N PRO A 72 -16.36 -14.81 -14.84
CA PRO A 72 -15.91 -15.87 -15.80
C PRO A 72 -14.38 -16.18 -15.79
N PRO A 73 -13.92 -17.32 -16.42
CA PRO A 73 -12.48 -17.63 -16.62
C PRO A 73 -11.79 -16.67 -17.64
N VAL A 74 -10.60 -17.07 -18.14
CA VAL A 74 -9.76 -16.28 -19.08
C VAL A 74 -9.07 -15.13 -18.32
N GLY A 75 -9.86 -14.20 -17.73
CA GLY A 75 -9.33 -13.17 -16.85
C GLY A 75 -9.13 -13.68 -15.42
N LYS A 76 -8.17 -14.60 -15.25
CA LYS A 76 -7.79 -15.13 -13.93
C LYS A 76 -6.69 -14.26 -13.31
N ALA A 77 -5.85 -13.68 -14.19
CA ALA A 77 -4.81 -12.71 -13.79
C ALA A 77 -5.45 -11.38 -13.39
N GLU A 78 -4.84 -10.69 -12.41
CA GLU A 78 -5.30 -9.39 -11.92
C GLU A 78 -5.23 -8.35 -13.05
N LEU A 79 -6.27 -7.52 -13.17
CA LEU A 79 -6.45 -6.54 -14.25
C LEU A 79 -7.24 -5.33 -13.67
N GLU A 80 -7.79 -4.47 -14.56
CA GLU A 80 -8.44 -3.17 -14.20
C GLU A 80 -7.36 -2.15 -13.78
N ASP A 81 -6.13 -2.40 -14.31
CA ASP A 81 -4.83 -1.75 -13.98
C ASP A 81 -4.93 -0.40 -13.26
N GLY A 82 -4.48 -0.36 -11.99
CA GLY A 82 -4.54 0.85 -11.21
C GLY A 82 -4.38 0.66 -9.71
N ALA A 83 -4.48 1.78 -8.99
CA ALA A 83 -4.47 1.84 -7.53
C ALA A 83 -5.87 1.54 -7.01
N TYR A 84 -6.03 0.37 -6.37
CA TYR A 84 -7.33 -0.07 -5.86
C TYR A 84 -7.42 0.21 -4.36
N ARG A 85 -8.60 0.63 -3.91
CA ARG A 85 -8.98 0.60 -2.51
C ARG A 85 -9.50 -0.81 -2.18
N ILE A 86 -8.87 -1.47 -1.21
CA ILE A 86 -9.05 -2.92 -0.98
C ILE A 86 -9.88 -3.20 0.29
N LYS A 87 -10.86 -4.16 0.16
CA LYS A 87 -11.79 -4.59 1.24
C LYS A 87 -11.73 -6.10 1.50
N GLN A 88 -11.74 -6.44 2.79
CA GLN A 88 -11.88 -7.81 3.31
C GLN A 88 -13.27 -7.97 3.96
N LYS A 89 -13.87 -9.19 3.88
CA LYS A 89 -14.93 -9.60 4.84
C LYS A 89 -14.29 -9.52 6.25
N GLY A 90 -14.51 -8.38 6.90
CA GLY A 90 -13.54 -7.77 7.81
C GLY A 90 -13.11 -8.63 8.97
N ILE A 91 -11.89 -8.34 9.47
CA ILE A 91 -11.25 -9.03 10.60
C ILE A 91 -12.19 -8.99 11.84
N LEU A 92 -12.93 -7.86 11.98
CA LEU A 92 -13.93 -7.65 13.05
C LEU A 92 -15.32 -7.26 12.46
N GLY A 93 -15.60 -7.63 11.18
CA GLY A 93 -16.90 -7.36 10.55
C GLY A 93 -16.82 -7.26 9.03
N TYR A 94 -16.75 -6.01 8.50
CA TYR A 94 -16.61 -5.69 7.06
C TYR A 94 -15.73 -4.44 6.93
N SER A 95 -14.55 -4.58 6.29
CA SER A 95 -13.50 -3.53 6.34
C SER A 95 -12.99 -3.16 4.93
N GLN A 96 -13.46 -2.01 4.38
CA GLN A 96 -12.89 -1.40 3.15
C GLN A 96 -11.87 -0.37 3.59
N ILE A 97 -10.58 -0.68 3.47
CA ILE A 97 -9.55 -0.05 4.34
C ILE A 97 -8.24 0.37 3.65
N GLY A 98 -7.70 -0.40 2.67
CA GLY A 98 -6.28 -0.20 2.27
C GLY A 98 -6.06 0.16 0.82
N ALA A 99 -4.83 -0.06 0.31
CA ALA A 99 -4.55 0.13 -1.12
C ALA A 99 -3.77 -1.07 -1.67
N GLY A 100 -4.30 -1.67 -2.75
CA GLY A 100 -3.61 -2.69 -3.51
C GLY A 100 -3.36 -2.16 -4.90
N VAL A 101 -2.10 -1.91 -5.22
CA VAL A 101 -1.74 -1.16 -6.42
C VAL A 101 -1.18 -2.08 -7.54
N TYR A 102 -2.03 -2.37 -8.54
CA TYR A 102 -1.64 -3.18 -9.72
C TYR A 102 -1.21 -2.22 -10.83
N LYS A 103 0.04 -2.37 -11.24
CA LYS A 103 0.68 -1.51 -12.23
C LYS A 103 1.53 -2.36 -13.16
N GLU A 104 1.25 -2.23 -14.48
CA GLU A 104 2.05 -2.79 -15.58
C GLU A 104 2.36 -4.29 -15.38
N GLY A 105 1.28 -5.06 -15.21
CA GLY A 105 1.37 -6.52 -15.07
C GLY A 105 1.91 -6.99 -13.72
N THR A 106 1.93 -6.09 -12.71
CA THR A 106 2.43 -6.42 -11.37
C THR A 106 1.50 -5.89 -10.28
N PHE A 107 0.88 -6.79 -9.51
CA PHE A 107 0.09 -6.43 -8.34
C PHE A 107 1.04 -6.30 -7.14
N HIS A 108 1.18 -5.05 -6.65
CA HIS A 108 2.11 -4.69 -5.58
C HIS A 108 1.37 -4.61 -4.23
N THR A 109 1.65 -5.55 -3.33
CA THR A 109 1.13 -5.52 -1.95
C THR A 109 2.23 -5.99 -0.94
N MET A 110 1.85 -6.44 0.28
CA MET A 110 2.76 -6.43 1.46
C MET A 110 2.37 -7.47 2.56
N TRP A 111 3.33 -7.83 3.45
CA TRP A 111 3.13 -8.84 4.54
C TRP A 111 2.41 -8.28 5.77
N HIS A 112 2.66 -7.02 6.14
CA HIS A 112 1.97 -6.41 7.29
C HIS A 112 0.53 -6.05 6.89
N VAL A 113 0.30 -5.87 5.57
CA VAL A 113 -1.05 -5.62 5.04
C VAL A 113 -1.86 -6.94 4.87
N THR A 114 -1.18 -8.11 5.02
CA THR A 114 -1.75 -9.47 5.31
C THR A 114 -0.65 -10.50 5.02
N ARG A 115 -0.62 -11.58 5.84
CA ARG A 115 0.49 -12.55 5.92
C ARG A 115 0.44 -13.65 4.82
N GLY A 116 -0.02 -13.30 3.61
CA GLY A 116 0.03 -14.21 2.45
C GLY A 116 -1.27 -14.96 2.23
N ALA A 117 -2.37 -14.19 2.11
CA ALA A 117 -3.73 -14.74 1.90
C ALA A 117 -4.20 -14.51 0.45
N VAL A 118 -5.47 -14.87 0.16
CA VAL A 118 -5.95 -15.07 -1.22
C VAL A 118 -7.06 -14.05 -1.60
N LEU A 119 -6.91 -13.49 -2.81
CA LEU A 119 -7.68 -12.31 -3.32
C LEU A 119 -8.94 -12.75 -4.06
N MET A 120 -9.73 -11.76 -4.55
CA MET A 120 -10.97 -12.02 -5.29
C MET A 120 -11.67 -10.77 -5.85
N HIS A 121 -12.58 -11.08 -6.79
CA HIS A 121 -13.73 -10.27 -7.18
C HIS A 121 -14.96 -11.04 -6.66
N LYS A 122 -15.58 -10.55 -5.57
CA LYS A 122 -16.43 -11.33 -4.63
C LYS A 122 -17.38 -12.34 -5.36
N GLY A 123 -17.16 -13.64 -5.10
CA GLY A 123 -17.80 -14.74 -5.84
C GLY A 123 -16.89 -15.38 -6.89
N LYS A 124 -15.70 -14.78 -7.09
CA LYS A 124 -14.63 -15.27 -7.98
C LYS A 124 -13.29 -15.05 -7.26
N ARG A 125 -12.61 -16.13 -6.87
CA ARG A 125 -11.42 -16.03 -5.98
C ARG A 125 -10.11 -16.27 -6.76
N ILE A 126 -9.16 -15.33 -6.60
CA ILE A 126 -7.86 -15.31 -7.29
C ILE A 126 -6.72 -15.45 -6.27
N GLU A 127 -5.78 -16.38 -6.50
CA GLU A 127 -4.60 -16.57 -5.61
C GLU A 127 -3.40 -15.71 -6.08
N PRO A 128 -2.47 -15.28 -5.14
CA PRO A 128 -1.22 -14.57 -5.51
C PRO A 128 -0.17 -15.50 -6.16
N SER A 129 1.02 -14.95 -6.49
CA SER A 129 2.11 -15.72 -7.15
C SER A 129 3.44 -15.60 -6.38
N TRP A 130 3.59 -14.55 -5.57
CA TRP A 130 4.81 -14.30 -4.78
C TRP A 130 4.44 -13.78 -3.39
N ALA A 131 5.27 -14.15 -2.39
CA ALA A 131 5.23 -13.61 -1.03
C ALA A 131 6.60 -13.82 -0.34
N ASP A 132 7.27 -12.73 0.10
CA ASP A 132 8.54 -12.81 0.88
C ASP A 132 8.45 -11.90 2.12
N VAL A 133 8.76 -12.49 3.29
CA VAL A 133 8.48 -11.89 4.60
C VAL A 133 9.51 -10.80 4.97
N LYS A 134 10.76 -11.02 4.57
CA LYS A 134 11.92 -10.25 5.05
C LYS A 134 11.94 -8.81 4.49
N LYS A 135 11.50 -8.64 3.24
CA LYS A 135 11.30 -7.31 2.63
C LYS A 135 9.89 -6.77 2.92
N ASP A 136 9.02 -7.64 3.52
CA ASP A 136 7.64 -7.27 3.92
C ASP A 136 6.81 -6.99 2.64
N LEU A 137 6.90 -7.89 1.63
CA LEU A 137 6.30 -7.65 0.28
C LEU A 137 5.74 -8.92 -0.39
N ILE A 138 4.56 -8.76 -1.04
CA ILE A 138 3.80 -9.84 -1.74
C ILE A 138 3.39 -9.31 -3.12
N SER A 139 3.41 -10.16 -4.16
CA SER A 139 2.98 -9.75 -5.51
C SER A 139 2.15 -10.80 -6.21
N TYR A 140 1.38 -10.35 -7.22
CA TYR A 140 0.68 -11.25 -8.15
C TYR A 140 0.97 -10.83 -9.60
N GLY A 141 1.04 -11.80 -10.52
CA GLY A 141 1.44 -11.58 -11.91
C GLY A 141 2.89 -11.99 -12.15
N GLY A 142 3.51 -12.55 -11.11
CA GLY A 142 4.88 -13.03 -11.13
C GLY A 142 5.57 -12.83 -9.79
N GLY A 143 6.92 -12.89 -9.79
CA GLY A 143 7.72 -12.47 -8.63
C GLY A 143 7.61 -10.97 -8.40
N TRP A 144 8.18 -10.47 -7.28
CA TRP A 144 8.16 -9.02 -6.99
C TRP A 144 8.97 -8.28 -8.08
N LYS A 145 8.38 -7.22 -8.68
CA LYS A 145 9.00 -6.50 -9.82
C LYS A 145 8.31 -5.15 -10.06
N LEU A 146 8.87 -4.40 -11.05
CA LEU A 146 8.29 -3.17 -11.62
C LEU A 146 8.26 -2.02 -10.59
N GLU A 147 9.29 -1.14 -10.69
CA GLU A 147 9.30 0.27 -10.27
C GLU A 147 10.79 0.69 -10.12
N GLY A 148 11.27 1.55 -11.04
CA GLY A 148 12.66 2.05 -11.03
C GLY A 148 12.89 3.03 -9.89
N GLU A 149 13.20 2.49 -8.70
CA GLU A 149 12.98 3.13 -7.40
C GLU A 149 13.96 4.25 -6.98
N TRP A 150 13.46 4.99 -5.96
CA TRP A 150 14.14 6.10 -5.28
C TRP A 150 15.50 5.68 -4.71
N LYS A 151 16.46 6.59 -4.80
CA LYS A 151 17.76 6.47 -4.12
C LYS A 151 18.04 7.81 -3.41
N GLU A 152 18.86 7.74 -2.33
CA GLU A 152 19.03 8.84 -1.34
C GLU A 152 19.47 10.18 -2.00
N GLY A 153 18.50 11.11 -2.10
CA GLY A 153 18.73 12.45 -2.64
C GLY A 153 17.47 13.04 -3.25
N GLU A 154 16.73 12.19 -4.01
CA GLU A 154 15.50 12.60 -4.73
C GLU A 154 14.27 12.69 -3.80
N GLU A 155 13.20 13.30 -4.32
CA GLU A 155 11.89 13.38 -3.63
C GLU A 155 10.98 12.21 -4.05
N VAL A 156 9.81 12.12 -3.41
CA VAL A 156 8.75 11.15 -3.76
C VAL A 156 7.38 11.81 -3.63
N GLN A 157 6.37 11.28 -4.35
CA GLN A 157 4.99 11.76 -4.24
C GLN A 157 4.06 10.56 -3.96
N VAL A 158 3.23 10.69 -2.92
CA VAL A 158 2.35 9.61 -2.46
C VAL A 158 0.98 9.74 -3.12
N LEU A 159 0.65 8.83 -4.03
CA LEU A 159 -0.64 8.83 -4.72
C LEU A 159 -1.70 8.26 -3.74
N ALA A 160 -2.08 9.13 -2.78
CA ALA A 160 -2.93 8.78 -1.64
C ALA A 160 -4.38 8.84 -2.05
N LEU A 161 -5.12 7.73 -1.85
CA LEU A 161 -6.51 7.60 -2.31
C LEU A 161 -7.40 8.53 -1.48
N GLU A 162 -8.09 9.47 -2.15
CA GLU A 162 -9.02 10.39 -1.48
C GLU A 162 -10.44 9.80 -1.55
N PRO A 163 -11.02 9.31 -0.39
CA PRO A 163 -12.37 8.69 -0.38
C PRO A 163 -13.47 9.62 -0.95
N GLY A 164 -14.08 9.20 -2.07
CA GLY A 164 -15.15 9.97 -2.71
C GLY A 164 -14.66 10.88 -3.84
N LYS A 165 -13.33 11.16 -3.89
CA LYS A 165 -12.70 11.97 -4.96
C LYS A 165 -11.57 11.16 -5.63
N ASN A 166 -10.81 11.86 -6.51
CA ASN A 166 -9.61 11.29 -7.16
C ASN A 166 -8.42 11.31 -6.18
N PRO A 167 -7.59 10.22 -6.16
CA PRO A 167 -6.34 10.15 -5.36
C PRO A 167 -5.40 11.35 -5.59
N ARG A 168 -4.96 11.95 -4.48
CA ARG A 168 -4.12 13.16 -4.48
C ARG A 168 -2.65 12.74 -4.31
N ALA A 169 -1.80 13.18 -5.23
CA ALA A 169 -0.35 12.88 -5.20
C ALA A 169 0.37 13.90 -4.30
N VAL A 170 0.73 13.46 -3.10
CA VAL A 170 1.30 14.30 -2.05
C VAL A 170 2.83 14.37 -2.18
N GLN A 171 3.33 15.55 -2.58
CA GLN A 171 4.76 15.78 -2.81
C GLN A 171 5.49 16.02 -1.48
N THR A 172 6.54 15.22 -1.24
CA THR A 172 7.26 15.18 0.03
C THR A 172 8.73 14.78 -0.20
N LYS A 173 9.59 15.26 0.71
CA LYS A 173 11.01 14.89 0.73
C LYS A 173 11.21 13.69 1.68
N PRO A 174 12.31 12.89 1.50
CA PRO A 174 12.65 11.75 2.40
C PRO A 174 13.11 12.21 3.81
N GLY A 175 13.26 11.23 4.69
CA GLY A 175 13.71 11.46 6.06
C GLY A 175 14.27 10.19 6.67
N LEU A 176 14.61 10.22 7.97
CA LEU A 176 15.10 9.03 8.70
C LEU A 176 14.70 9.10 10.18
N PHE A 177 14.40 7.92 10.75
CA PHE A 177 13.97 7.78 12.14
C PHE A 177 15.19 7.39 12.98
N LYS A 178 15.53 8.25 13.96
CA LYS A 178 16.67 8.05 14.85
C LYS A 178 16.18 7.46 16.19
N THR A 179 16.30 6.14 16.34
CA THR A 179 16.07 5.45 17.63
C THR A 179 17.44 5.28 18.34
N ASN A 180 17.47 4.64 19.52
CA ASN A 180 18.70 4.46 20.33
C ASN A 180 19.80 3.63 19.60
N ALA A 181 19.38 2.77 18.66
CA ALA A 181 20.30 1.89 17.89
C ALA A 181 19.83 1.76 16.42
N GLY A 182 18.51 1.69 16.23
CA GLY A 182 17.92 1.53 14.89
C GLY A 182 17.64 2.87 14.21
N THR A 183 18.28 3.12 13.07
CA THR A 183 18.05 4.33 12.26
C THR A 183 17.54 3.91 10.87
N ILE A 184 16.26 4.22 10.60
CA ILE A 184 15.55 3.72 9.40
C ILE A 184 15.44 4.85 8.36
N GLY A 185 15.72 4.54 7.09
CA GLY A 185 15.67 5.53 5.99
C GLY A 185 14.38 5.39 5.23
N ALA A 186 13.52 6.40 5.35
CA ALA A 186 12.12 6.33 4.89
C ALA A 186 11.67 7.69 4.35
N VAL A 187 10.34 7.91 4.25
CA VAL A 187 9.77 9.22 3.90
C VAL A 187 8.92 9.75 5.09
N SER A 188 9.44 10.78 5.76
CA SER A 188 8.78 11.41 6.91
C SER A 188 7.70 12.39 6.40
N LEU A 189 6.41 12.07 6.65
CA LEU A 189 5.27 12.78 6.02
C LEU A 189 4.24 13.21 7.08
N ASP A 190 3.83 14.48 7.01
CA ASP A 190 2.73 15.03 7.82
C ASP A 190 1.44 14.99 6.99
N PHE A 191 0.55 14.04 7.30
CA PHE A 191 -0.71 13.86 6.58
C PHE A 191 -1.74 13.22 7.51
N SER A 192 -3.02 13.30 7.13
CA SER A 192 -4.10 12.50 7.75
C SER A 192 -3.77 11.00 7.61
N PRO A 193 -4.23 10.13 8.56
CA PRO A 193 -3.99 8.67 8.49
C PRO A 193 -4.27 8.05 7.10
N GLY A 194 -3.20 7.92 6.30
CA GLY A 194 -3.22 7.21 5.02
C GLY A 194 -3.47 5.71 5.18
N THR A 195 -3.53 5.01 4.05
CA THR A 195 -3.98 3.61 4.04
C THR A 195 -2.86 2.64 3.62
N SER A 196 -2.90 1.43 4.22
CA SER A 196 -1.85 0.43 4.08
C SER A 196 -1.79 -0.12 2.64
N GLY A 197 -0.83 0.44 1.88
CA GLY A 197 -0.55 0.07 0.51
C GLY A 197 -0.42 1.28 -0.40
N SER A 198 -0.50 2.51 0.20
CA SER A 198 -0.36 3.78 -0.54
C SER A 198 0.97 3.84 -1.33
N PRO A 199 0.92 4.04 -2.69
CA PRO A 199 2.11 3.99 -3.57
C PRO A 199 2.97 5.27 -3.51
N ILE A 200 4.31 5.10 -3.62
CA ILE A 200 5.24 6.23 -3.77
C ILE A 200 5.86 6.20 -5.19
N ILE A 201 5.42 7.20 -5.96
CA ILE A 201 5.72 7.39 -7.38
C ILE A 201 6.20 8.83 -7.63
N ASP A 202 6.87 9.04 -8.76
CA ASP A 202 7.39 10.37 -9.18
C ASP A 202 6.32 11.11 -10.01
N LYS A 203 6.64 12.33 -10.49
CA LYS A 203 5.80 13.06 -11.49
C LYS A 203 5.62 12.26 -12.81
N LYS A 204 6.51 11.29 -13.04
CA LYS A 204 6.43 10.32 -14.15
C LYS A 204 5.26 9.30 -13.95
N GLY A 205 4.71 9.26 -12.71
CA GLY A 205 3.66 8.31 -12.33
C GLY A 205 4.21 6.99 -11.85
N LYS A 206 5.52 6.96 -11.66
CA LYS A 206 6.28 5.78 -11.25
C LYS A 206 7.59 6.20 -10.61
N VAL A 207 8.10 5.37 -9.70
CA VAL A 207 9.50 5.37 -9.28
C VAL A 207 9.70 4.25 -8.25
N VAL A 208 9.18 4.36 -7.00
CA VAL A 208 9.67 3.50 -5.91
C VAL A 208 8.87 2.21 -5.81
N GLY A 209 7.57 2.40 -5.90
CA GLY A 209 6.60 1.34 -5.62
C GLY A 209 5.57 1.81 -4.63
N LEU A 210 5.76 1.46 -3.35
CA LEU A 210 4.75 1.68 -2.31
C LEU A 210 5.40 2.00 -0.97
N TYR A 211 4.58 2.37 0.01
CA TYR A 211 5.03 2.62 1.37
C TYR A 211 5.31 1.26 2.06
N GLY A 212 6.37 1.20 2.89
CA GLY A 212 6.71 0.00 3.65
C GLY A 212 5.91 -0.13 4.92
N ASN A 213 6.52 -0.66 5.99
CA ASN A 213 5.91 -0.67 7.32
C ASN A 213 6.05 0.72 7.98
N GLY A 214 5.08 1.61 7.68
CA GLY A 214 4.94 2.91 8.35
C GLY A 214 3.67 2.97 9.19
N VAL A 215 3.36 4.15 9.77
CA VAL A 215 2.32 4.30 10.80
C VAL A 215 2.03 5.79 11.05
N VAL A 216 0.94 6.10 11.77
CA VAL A 216 0.73 7.44 12.33
C VAL A 216 1.76 7.69 13.46
N THR A 217 2.66 8.66 13.23
CA THR A 217 3.59 9.13 14.26
C THR A 217 2.88 10.08 15.21
N ARG A 218 3.56 10.41 16.33
CA ARG A 218 3.04 11.32 17.37
C ARG A 218 2.55 12.65 16.73
N SER A 219 1.38 13.13 17.22
CA SER A 219 0.53 14.21 16.61
C SER A 219 -0.44 13.62 15.55
N GLY A 220 -0.32 12.30 15.28
CA GLY A 220 -1.23 11.57 14.38
C GLY A 220 -0.90 11.74 12.91
N ALA A 221 0.40 11.94 12.60
CA ALA A 221 0.86 12.24 11.21
C ALA A 221 1.31 10.95 10.52
N TYR A 222 0.60 10.53 9.46
CA TYR A 222 0.86 9.23 8.83
C TYR A 222 2.16 9.29 8.02
N VAL A 223 3.20 8.75 8.63
CA VAL A 223 4.53 8.62 8.05
C VAL A 223 4.66 7.23 7.42
N SER A 224 5.51 7.11 6.40
CA SER A 224 5.57 5.97 5.55
C SER A 224 7.02 5.51 5.44
N ALA A 225 7.26 4.21 5.55
CA ALA A 225 8.54 3.63 5.16
C ALA A 225 8.62 3.61 3.63
N ILE A 226 9.82 3.43 3.09
CA ILE A 226 10.03 3.30 1.63
C ILE A 226 10.15 1.81 1.23
N ALA A 227 9.08 1.27 0.58
CA ALA A 227 9.08 -0.10 0.02
C ALA A 227 9.35 -0.01 -1.49
N GLN A 228 10.55 -0.43 -1.86
CA GLN A 228 11.09 -0.34 -3.21
C GLN A 228 10.87 -1.64 -3.98
N THR A 229 11.08 -1.60 -5.31
CA THR A 229 11.13 -2.81 -6.13
C THR A 229 12.53 -2.96 -6.74
N GLU A 230 13.13 -4.12 -6.53
CA GLU A 230 14.48 -4.47 -7.04
C GLU A 230 14.39 -5.54 -8.13
N LYS A 231 13.14 -5.94 -8.46
CA LYS A 231 12.85 -7.13 -9.28
C LYS A 231 13.51 -8.40 -8.71
N SER A 232 12.73 -9.12 -7.87
CA SER A 232 13.14 -10.38 -7.26
C SER A 232 13.38 -11.46 -8.34
N ILE A 233 14.64 -11.54 -8.78
CA ILE A 233 15.12 -12.53 -9.75
C ILE A 233 15.54 -13.82 -9.01
N GLU A 234 16.02 -13.62 -7.78
CA GLU A 234 16.59 -14.66 -6.94
C GLU A 234 16.58 -14.16 -5.49
N ASP A 235 16.55 -15.10 -4.55
CA ASP A 235 16.51 -14.82 -3.10
C ASP A 235 17.86 -15.24 -2.47
N ASN A 236 18.28 -16.47 -2.78
CA ASN A 236 19.50 -17.10 -2.22
C ASN A 236 20.77 -16.47 -2.85
N PRO A 237 21.72 -15.93 -2.01
CA PRO A 237 23.06 -15.53 -2.49
C PRO A 237 23.83 -16.76 -3.02
N GLU A 238 24.06 -16.77 -4.35
CA GLU A 238 24.69 -17.89 -5.06
C GLU A 238 26.10 -18.22 -4.51
N ILE A 239 26.85 -17.16 -4.17
CA ILE A 239 28.14 -17.26 -3.45
C ILE A 239 28.47 -15.86 -2.91
N GLU A 240 28.24 -14.85 -3.75
CA GLU A 240 28.28 -13.44 -3.39
C GLU A 240 26.81 -12.95 -3.25
N LYS B 3 -7.12 -5.72 5.45
CA LYS B 3 -6.51 -5.94 6.78
C LYS B 3 -7.02 -4.87 7.79
N ARG B 4 -6.16 -4.48 8.77
CA ARG B 4 -6.26 -3.16 9.46
C ARG B 4 -5.87 -2.07 8.41
N GLY A 1 -5.73 -19.85 4.43
CA GLY A 1 -5.02 -18.65 4.91
C GLY A 1 -5.61 -18.07 6.19
N SER A 2 -5.28 -16.80 6.46
CA SER A 2 -5.68 -16.06 7.68
C SER A 2 -7.18 -15.72 7.69
N ALA A 3 -7.75 -15.48 6.49
CA ALA A 3 -9.18 -15.14 6.32
C ALA A 3 -9.62 -15.33 4.86
N ALA A 4 -10.92 -15.12 4.61
CA ALA A 4 -11.56 -15.42 3.32
C ALA A 4 -12.68 -14.41 3.11
N ASP A 5 -12.37 -13.14 3.43
CA ASP A 5 -13.34 -12.02 3.47
C ASP A 5 -12.69 -10.67 3.05
N LEU A 6 -11.64 -10.69 2.19
CA LEU A 6 -10.79 -9.51 1.94
C LEU A 6 -10.93 -9.01 0.49
N GLU A 7 -11.74 -7.97 0.26
CA GLU A 7 -12.07 -7.48 -1.10
C GLU A 7 -11.38 -6.17 -1.43
N LEU A 8 -10.96 -6.04 -2.69
CA LEU A 8 -10.33 -4.79 -3.21
C LEU A 8 -11.20 -4.15 -4.30
N GLU A 9 -10.88 -2.88 -4.64
CA GLU A 9 -11.66 -2.00 -5.54
C GLU A 9 -10.73 -0.96 -6.16
N ARG A 10 -10.85 -0.66 -7.46
CA ARG A 10 -9.90 0.20 -8.17
C ARG A 10 -10.07 1.67 -7.76
N ALA A 11 -8.97 2.29 -7.32
CA ALA A 11 -8.93 3.73 -7.05
C ALA A 11 -8.58 4.47 -8.34
N ALA A 12 -7.44 4.07 -8.91
CA ALA A 12 -6.85 4.73 -10.08
C ALA A 12 -5.67 3.89 -10.60
N ASP A 13 -4.82 4.54 -11.41
CA ASP A 13 -3.59 3.96 -11.98
C ASP A 13 -2.42 4.34 -11.09
N VAL A 14 -1.30 3.59 -11.10
CA VAL A 14 -0.11 3.98 -10.32
C VAL A 14 0.73 4.96 -11.19
N LYS A 15 0.54 6.29 -10.95
CA LYS A 15 1.22 7.36 -11.72
C LYS A 15 0.94 8.73 -11.07
N TRP A 16 1.99 9.55 -10.88
CA TRP A 16 1.87 10.87 -10.22
C TRP A 16 1.51 11.97 -11.23
N GLU A 17 0.20 12.25 -11.37
CA GLU A 17 -0.30 13.51 -11.97
C GLU A 17 -1.72 13.82 -11.48
N ASP A 18 -1.89 13.94 -10.14
CA ASP A 18 -3.17 14.40 -9.53
C ASP A 18 -3.20 15.92 -9.37
N GLN A 19 -2.19 16.45 -8.66
CA GLN A 19 -2.19 17.85 -8.20
C GLN A 19 -0.75 18.43 -8.19
N ALA A 20 0.14 17.77 -8.99
CA ALA A 20 1.62 17.96 -9.03
C ALA A 20 2.20 18.87 -7.90
N GLU A 21 2.20 18.33 -6.67
CA GLU A 21 2.55 19.07 -5.43
C GLU A 21 3.73 18.39 -4.72
N ILE A 22 4.59 19.21 -4.09
CA ILE A 22 5.77 18.73 -3.32
C ILE A 22 5.56 19.04 -1.81
N SER A 23 6.01 18.13 -0.94
CA SER A 23 5.83 18.21 0.53
C SER A 23 6.98 17.47 1.27
N GLY A 24 6.78 17.23 2.59
CA GLY A 24 7.77 16.56 3.44
C GLY A 24 7.97 17.33 4.73
N SER A 25 7.74 16.66 5.89
CA SER A 25 7.84 17.30 7.21
C SER A 25 9.32 17.49 7.64
N SER A 26 9.93 16.40 8.13
CA SER A 26 11.21 16.45 8.85
C SER A 26 12.09 15.24 8.45
N PRO A 27 13.46 15.40 8.35
CA PRO A 27 14.38 14.28 8.04
C PRO A 27 14.44 13.25 9.17
N ILE A 28 14.43 13.71 10.44
CA ILE A 28 14.36 12.83 11.63
C ILE A 28 13.02 13.03 12.36
N LEU A 29 12.25 11.95 12.56
CA LEU A 29 10.98 12.01 13.27
C LEU A 29 10.82 10.72 14.10
N SER A 30 10.70 10.87 15.43
CA SER A 30 10.67 9.77 16.40
C SER A 30 9.28 9.07 16.45
N ILE A 31 9.31 7.74 16.30
CA ILE A 31 8.13 6.84 16.42
C ILE A 31 8.34 5.96 17.69
N THR A 32 7.32 5.23 18.19
CA THR A 32 7.47 4.41 19.41
C THR A 32 7.71 2.93 19.03
N ILE A 33 8.79 2.33 19.57
CA ILE A 33 9.03 0.87 19.47
C ILE A 33 8.01 0.13 20.35
N SER A 34 7.34 -0.86 19.77
CA SER A 34 6.30 -1.63 20.46
C SER A 34 6.48 -3.13 20.17
N GLU A 35 6.36 -3.94 21.24
CA GLU A 35 6.40 -5.43 21.17
C GLU A 35 7.84 -5.96 20.84
N ASP A 36 8.83 -5.04 20.82
CA ASP A 36 10.25 -5.33 20.49
C ASP A 36 10.42 -5.96 19.09
N GLY A 37 9.47 -5.67 18.20
CA GLY A 37 9.46 -6.20 16.83
C GLY A 37 8.67 -5.32 15.88
N SER A 38 7.67 -4.62 16.42
CA SER A 38 6.83 -3.69 15.65
C SER A 38 7.18 -2.23 16.02
N MET A 39 6.72 -1.29 15.19
CA MET A 39 6.90 0.14 15.40
C MET A 39 5.61 0.89 15.01
N SER A 40 5.15 1.76 15.91
CA SER A 40 3.95 2.57 15.73
C SER A 40 3.93 3.71 16.76
N ILE A 41 2.91 4.56 16.71
CA ILE A 41 2.72 5.64 17.72
C ILE A 41 1.93 5.08 18.92
N LYS A 42 2.15 5.66 20.11
CA LYS A 42 1.34 5.37 21.31
C LYS A 42 -0.13 5.76 21.02
N ASN A 43 -1.05 4.79 21.24
CA ASN A 43 -2.47 4.85 20.82
C ASN A 43 -2.60 4.72 19.29
N GLU A 44 -2.93 3.51 18.81
CA GLU A 44 -3.21 3.24 17.38
C GLU A 44 -4.72 3.02 17.21
N GLU A 45 -5.30 3.71 16.20
CA GLU A 45 -6.73 3.59 15.87
C GLU A 45 -6.89 3.15 14.41
N GLU A 46 -7.28 1.88 14.23
CA GLU A 46 -7.70 1.31 12.93
C GLU A 46 -9.20 1.65 12.67
N GLU A 47 -9.82 1.01 11.63
CA GLU A 47 -11.18 1.35 11.11
C GLU A 47 -11.12 2.68 10.31
N GLN A 48 -11.09 2.57 8.97
CA GLN A 48 -11.03 3.72 8.04
C GLN A 48 -12.11 3.53 6.95
N THR A 49 -12.42 4.60 6.20
CA THR A 49 -13.17 4.53 4.94
C THR A 49 -12.38 5.32 3.88
N LEU A 50 -12.23 4.74 2.67
CA LEU A 50 -11.53 5.42 1.54
C LEU A 50 -12.28 5.22 0.21
N GLY A 51 -13.19 4.20 0.18
CA GLY A 51 -14.05 3.94 -1.00
C GLY A 51 -14.96 5.12 -1.30
N GLY A 52 -15.77 5.54 -0.29
CA GLY A 52 -16.63 6.73 -0.39
C GLY A 52 -17.74 6.59 -1.42
N GLY A 53 -17.40 6.85 -2.69
CA GLY A 53 -18.32 6.67 -3.82
C GLY A 53 -18.45 5.20 -4.21
N GLY A 54 -17.31 4.48 -4.26
CA GLY A 54 -17.29 3.05 -4.59
C GLY A 54 -17.11 2.78 -6.09
N SER A 55 -17.17 1.49 -6.46
CA SER A 55 -17.09 1.04 -7.86
C SER A 55 -18.50 0.99 -8.46
N GLY A 56 -18.79 1.95 -9.38
CA GLY A 56 -20.11 2.08 -10.03
C GLY A 56 -21.21 2.45 -9.05
N GLY A 57 -21.79 1.42 -8.42
CA GLY A 57 -22.83 1.60 -7.40
C GLY A 57 -23.31 0.28 -6.80
N GLY A 58 -22.57 -0.82 -7.07
CA GLY A 58 -22.98 -2.16 -6.63
C GLY A 58 -22.38 -2.59 -5.30
N GLY A 59 -21.76 -1.63 -4.57
CA GLY A 59 -21.25 -1.89 -3.22
C GLY A 59 -22.38 -1.93 -2.19
N GLU A 60 -23.03 -0.77 -2.03
CA GLU A 60 -24.30 -0.59 -1.27
C GLU A 60 -24.16 -0.82 0.26
N PHE A 61 -22.91 -1.07 0.73
CA PHE A 61 -22.62 -1.58 2.10
C PHE A 61 -23.12 -3.06 2.28
N ALA A 62 -23.72 -3.63 1.21
CA ALA A 62 -24.31 -4.99 1.24
C ALA A 62 -23.22 -6.07 1.06
N GLY A 63 -21.95 -5.64 1.16
CA GLY A 63 -20.80 -6.51 1.08
C GLY A 63 -19.53 -5.77 1.46
N VAL A 64 -18.52 -5.83 0.57
CA VAL A 64 -17.19 -5.29 0.81
C VAL A 64 -16.80 -4.32 -0.37
N LEU A 65 -16.05 -4.82 -1.40
CA LEU A 65 -15.49 -3.96 -2.50
C LEU A 65 -15.42 -4.74 -3.86
N TRP A 66 -15.26 -3.98 -4.99
CA TRP A 66 -15.30 -4.53 -6.37
C TRP A 66 -14.11 -4.07 -7.30
N ASP A 67 -13.01 -4.89 -7.37
CA ASP A 67 -11.97 -4.92 -8.48
C ASP A 67 -10.80 -5.84 -8.07
N VAL A 68 -10.54 -6.96 -8.80
CA VAL A 68 -9.36 -7.85 -8.55
C VAL A 68 -8.59 -8.18 -9.84
N PRO A 69 -7.26 -8.57 -9.77
CA PRO A 69 -6.52 -9.08 -10.93
C PRO A 69 -6.74 -10.60 -11.11
N SER A 70 -7.90 -10.96 -11.69
CA SER A 70 -8.27 -12.35 -11.99
C SER A 70 -7.34 -12.92 -13.09
N PRO A 71 -6.67 -14.10 -12.85
CA PRO A 71 -5.70 -14.68 -13.81
C PRO A 71 -6.21 -14.85 -15.29
N PRO A 72 -7.49 -15.33 -15.57
CA PRO A 72 -8.05 -15.30 -16.94
C PRO A 72 -9.03 -14.10 -17.18
N PRO A 73 -8.63 -13.07 -18.00
CA PRO A 73 -9.53 -11.97 -18.38
C PRO A 73 -10.47 -12.39 -19.56
N VAL A 74 -11.58 -13.07 -19.19
CA VAL A 74 -12.51 -13.72 -20.16
C VAL A 74 -13.20 -12.70 -21.10
N GLY A 75 -13.42 -11.48 -20.61
CA GLY A 75 -13.96 -10.38 -21.40
C GLY A 75 -13.17 -9.10 -21.20
N LYS A 76 -11.86 -9.27 -20.88
CA LYS A 76 -10.90 -8.17 -20.61
C LYS A 76 -11.28 -7.35 -19.35
N ALA A 77 -12.29 -7.83 -18.61
CA ALA A 77 -12.70 -7.26 -17.32
C ALA A 77 -11.92 -7.96 -16.21
N GLU A 78 -12.00 -7.41 -14.98
CA GLU A 78 -11.40 -8.01 -13.78
C GLU A 78 -9.86 -8.13 -13.94
N LEU A 79 -9.30 -7.14 -14.63
CA LEU A 79 -7.86 -6.96 -14.80
C LEU A 79 -7.67 -5.43 -14.79
N GLU A 80 -7.53 -4.91 -13.58
CA GLU A 80 -7.66 -3.46 -13.30
C GLU A 80 -6.34 -2.74 -13.59
N ASP A 81 -5.25 -3.24 -12.99
CA ASP A 81 -3.86 -2.72 -13.10
C ASP A 81 -3.77 -1.24 -12.65
N GLY A 82 -3.29 -1.03 -11.41
CA GLY A 82 -3.19 0.28 -10.80
C GLY A 82 -3.11 0.25 -9.27
N ALA A 83 -3.56 1.35 -8.65
CA ALA A 83 -3.69 1.49 -7.19
C ALA A 83 -5.15 1.26 -6.81
N TYR A 84 -5.40 0.43 -5.78
CA TYR A 84 -6.76 -0.01 -5.41
C TYR A 84 -7.09 0.37 -3.98
N ARG A 85 -8.32 0.82 -3.76
CA ARG A 85 -8.90 0.96 -2.44
C ARG A 85 -9.25 -0.45 -1.93
N ILE A 86 -8.70 -0.84 -0.76
CA ILE A 86 -8.84 -2.22 -0.21
C ILE A 86 -9.52 -2.19 1.18
N LYS A 87 -10.32 -3.28 1.47
CA LYS A 87 -11.22 -3.43 2.68
C LYS A 87 -11.40 -4.93 3.04
N GLN A 88 -11.43 -5.27 4.36
CA GLN A 88 -11.78 -6.67 4.82
C GLN A 88 -12.97 -6.67 5.78
N LYS A 89 -13.75 -7.78 5.78
CA LYS A 89 -14.71 -8.10 6.85
C LYS A 89 -14.04 -9.18 7.74
N GLY A 90 -13.21 -8.72 8.69
CA GLY A 90 -12.32 -9.60 9.45
C GLY A 90 -11.64 -8.93 10.63
N ILE A 91 -10.87 -9.75 11.40
CA ILE A 91 -9.98 -9.32 12.48
C ILE A 91 -10.76 -8.57 13.59
N LEU A 92 -10.99 -7.26 13.39
CA LEU A 92 -11.64 -6.38 14.37
C LEU A 92 -13.01 -5.91 13.85
N GLY A 93 -13.14 -5.77 12.51
CA GLY A 93 -14.36 -5.23 11.93
C GLY A 93 -14.42 -5.35 10.41
N TYR A 94 -15.46 -4.76 9.80
CA TYR A 94 -15.73 -4.86 8.36
C TYR A 94 -15.35 -3.52 7.73
N SER A 95 -14.04 -3.20 7.62
CA SER A 95 -13.64 -1.81 7.36
C SER A 95 -12.54 -1.70 6.30
N GLN A 96 -12.53 -0.50 5.68
CA GLN A 96 -11.58 -0.10 4.64
C GLN A 96 -10.24 0.20 5.29
N ILE A 97 -9.17 -0.04 4.54
CA ILE A 97 -7.81 -0.05 5.09
C ILE A 97 -6.79 0.68 4.22
N GLY A 98 -6.80 0.50 2.87
CA GLY A 98 -5.73 1.18 2.11
C GLY A 98 -5.55 0.82 0.65
N ALA A 99 -4.33 0.38 0.27
CA ALA A 99 -3.95 0.30 -1.15
C ALA A 99 -3.37 -1.07 -1.55
N GLY A 100 -3.97 -1.65 -2.59
CA GLY A 100 -3.39 -2.78 -3.32
C GLY A 100 -2.74 -2.26 -4.59
N VAL A 101 -1.68 -2.93 -5.08
CA VAL A 101 -0.88 -2.42 -6.20
C VAL A 101 -0.58 -3.54 -7.19
N TYR A 102 -1.08 -3.44 -8.44
CA TYR A 102 -0.75 -4.40 -9.53
C TYR A 102 -0.41 -3.63 -10.79
N LYS A 103 0.64 -4.10 -11.49
CA LYS A 103 1.01 -3.58 -12.81
C LYS A 103 1.92 -4.60 -13.52
N GLU A 104 1.88 -4.61 -14.88
CA GLU A 104 2.61 -5.55 -15.75
C GLU A 104 2.11 -7.00 -15.55
N GLY A 105 2.56 -7.62 -14.45
CA GLY A 105 2.10 -8.94 -14.04
C GLY A 105 2.45 -9.24 -12.60
N THR A 106 2.72 -8.18 -11.82
CA THR A 106 3.07 -8.28 -10.40
C THR A 106 2.08 -7.44 -9.55
N PHE A 107 1.33 -8.15 -8.68
CA PHE A 107 0.55 -7.54 -7.60
C PHE A 107 1.38 -7.64 -6.34
N HIS A 108 2.00 -6.53 -5.94
CA HIS A 108 2.81 -6.51 -4.73
C HIS A 108 2.25 -5.46 -3.77
N THR A 109 1.98 -5.91 -2.55
CA THR A 109 1.42 -5.08 -1.47
C THR A 109 2.19 -5.38 -0.17
N MET A 110 1.73 -4.81 0.95
CA MET A 110 2.39 -5.00 2.26
C MET A 110 2.00 -6.33 2.90
N TRP A 111 2.82 -6.79 3.85
CA TRP A 111 2.48 -7.96 4.69
C TRP A 111 1.60 -7.51 5.87
N HIS A 112 2.02 -6.39 6.53
CA HIS A 112 1.42 -5.92 7.82
C HIS A 112 -0.08 -5.59 7.69
N VAL A 113 -0.56 -5.39 6.46
CA VAL A 113 -1.98 -5.15 6.17
C VAL A 113 -2.87 -6.36 6.52
N THR A 114 -2.24 -7.52 6.73
CA THR A 114 -2.91 -8.79 7.03
C THR A 114 -1.98 -9.68 7.90
N ARG A 115 -2.27 -11.00 7.93
CA ARG A 115 -1.40 -12.02 8.56
C ARG A 115 -1.24 -13.24 7.62
N GLY A 116 -1.51 -13.02 6.30
CA GLY A 116 -1.32 -14.04 5.26
C GLY A 116 -2.66 -14.64 4.82
N ALA A 117 -3.59 -13.77 4.42
CA ALA A 117 -4.96 -14.18 4.02
C ALA A 117 -5.11 -14.19 2.49
N VAL A 118 -6.34 -14.47 2.01
CA VAL A 118 -6.65 -14.51 0.57
C VAL A 118 -7.12 -13.11 0.12
N LEU A 119 -7.42 -12.93 -1.18
CA LEU A 119 -8.13 -11.73 -1.69
C LEU A 119 -9.39 -12.12 -2.45
N MET A 120 -10.27 -11.11 -2.71
CA MET A 120 -11.57 -11.34 -3.38
C MET A 120 -12.25 -10.04 -3.90
N HIS A 121 -13.39 -10.27 -4.60
CA HIS A 121 -14.23 -9.26 -5.28
C HIS A 121 -15.69 -9.62 -4.98
N LYS A 122 -16.28 -8.96 -3.96
CA LYS A 122 -17.49 -9.41 -3.20
C LYS A 122 -17.95 -10.85 -3.51
N GLY A 123 -17.19 -11.84 -2.97
CA GLY A 123 -17.48 -13.27 -3.15
C GLY A 123 -16.58 -14.00 -4.17
N LYS A 124 -16.03 -13.29 -5.18
CA LYS A 124 -15.12 -13.89 -6.18
C LYS A 124 -13.68 -13.92 -5.62
N ARG A 125 -13.15 -15.13 -5.35
CA ARG A 125 -11.94 -15.35 -4.52
C ARG A 125 -10.71 -15.72 -5.38
N ILE A 126 -9.56 -15.08 -5.09
CA ILE A 126 -8.24 -15.35 -5.72
C ILE A 126 -7.12 -15.20 -4.65
N GLU A 127 -6.09 -16.06 -4.72
CA GLU A 127 -5.04 -16.15 -3.67
C GLU A 127 -3.76 -15.36 -4.04
N PRO A 128 -3.06 -14.72 -3.05
CA PRO A 128 -1.68 -14.20 -3.23
C PRO A 128 -0.66 -15.36 -3.39
N SER A 129 0.30 -15.22 -4.32
CA SER A 129 1.26 -16.29 -4.67
C SER A 129 2.54 -16.25 -3.80
N TRP A 130 2.69 -15.20 -2.97
CA TRP A 130 3.87 -15.03 -2.08
C TRP A 130 3.47 -14.23 -0.82
N ALA A 131 4.14 -14.53 0.32
CA ALA A 131 4.03 -13.74 1.57
C ALA A 131 5.39 -13.77 2.32
N ASP A 132 5.95 -12.58 2.63
CA ASP A 132 7.26 -12.45 3.31
C ASP A 132 7.16 -11.49 4.49
N VAL A 133 7.42 -12.02 5.70
CA VAL A 133 7.38 -11.25 6.96
C VAL A 133 8.66 -10.40 7.16
N LYS A 134 9.79 -10.88 6.58
CA LYS A 134 11.14 -10.32 6.82
C LYS A 134 11.23 -8.85 6.35
N LYS A 135 10.92 -8.64 5.06
CA LYS A 135 10.91 -7.29 4.44
C LYS A 135 9.46 -6.73 4.41
N ASP A 136 8.52 -7.54 4.97
CA ASP A 136 7.11 -7.19 5.18
C ASP A 136 6.38 -6.88 3.86
N LEU A 137 6.44 -7.84 2.90
CA LEU A 137 5.84 -7.67 1.56
C LEU A 137 5.26 -9.00 1.00
N ILE A 138 4.14 -8.86 0.25
CA ILE A 138 3.36 -9.96 -0.35
C ILE A 138 3.30 -9.80 -1.89
N SER A 139 3.34 -10.94 -2.63
CA SER A 139 3.20 -10.92 -4.13
C SER A 139 1.98 -11.76 -4.55
N TYR A 140 1.50 -11.46 -5.76
CA TYR A 140 0.45 -12.21 -6.45
C TYR A 140 0.67 -12.06 -7.96
N GLY A 141 0.57 -13.18 -8.71
CA GLY A 141 0.80 -13.19 -10.16
C GLY A 141 2.21 -13.64 -10.50
N GLY A 142 2.94 -14.12 -9.47
CA GLY A 142 4.30 -14.62 -9.63
C GLY A 142 5.15 -14.35 -8.40
N GLY A 143 6.46 -14.64 -8.52
CA GLY A 143 7.42 -14.33 -7.46
C GLY A 143 7.79 -12.86 -7.42
N TRP A 144 8.68 -12.50 -6.48
CA TRP A 144 9.09 -11.12 -6.24
C TRP A 144 10.07 -10.65 -7.35
N LYS A 145 9.70 -9.56 -8.02
CA LYS A 145 10.46 -8.91 -9.08
C LYS A 145 9.88 -7.50 -9.29
N LEU A 146 10.75 -6.52 -9.65
CA LEU A 146 10.38 -5.09 -9.71
C LEU A 146 10.29 -4.52 -8.25
N GLU A 147 9.31 -3.62 -7.99
CA GLU A 147 9.11 -2.89 -6.70
C GLU A 147 10.29 -1.95 -6.40
N GLY A 148 10.82 -1.34 -7.48
CA GLY A 148 12.02 -0.49 -7.41
C GLY A 148 11.96 0.62 -6.37
N GLU A 149 13.11 1.25 -6.14
CA GLU A 149 13.29 2.21 -5.05
C GLU A 149 14.25 3.33 -5.49
N TRP A 150 13.81 4.59 -5.28
CA TRP A 150 14.69 5.77 -5.33
C TRP A 150 15.73 5.71 -4.19
N LYS A 151 16.91 6.31 -4.40
CA LYS A 151 17.98 6.34 -3.39
C LYS A 151 17.75 7.51 -2.41
N GLU A 152 18.18 7.31 -1.15
CA GLU A 152 18.10 8.31 -0.06
C GLU A 152 18.82 9.63 -0.45
N GLY A 153 18.03 10.57 -1.02
CA GLY A 153 18.54 11.85 -1.50
C GLY A 153 17.67 12.46 -2.59
N GLU A 154 16.84 11.62 -3.22
CA GLU A 154 15.85 12.04 -4.24
C GLU A 154 14.48 12.22 -3.56
N GLU A 155 13.64 13.09 -4.13
CA GLU A 155 12.26 13.31 -3.64
C GLU A 155 11.32 12.42 -4.47
N VAL A 156 10.68 11.43 -3.81
CA VAL A 156 9.82 10.45 -4.50
C VAL A 156 8.34 10.86 -4.40
N GLN A 157 7.51 10.25 -5.23
CA GLN A 157 6.09 10.56 -5.33
C GLN A 157 5.28 9.41 -4.68
N VAL A 158 4.12 9.74 -4.06
CA VAL A 158 3.25 8.72 -3.41
C VAL A 158 1.75 9.01 -3.70
N LEU A 159 0.95 7.93 -3.87
CA LEU A 159 -0.51 8.03 -3.97
C LEU A 159 -1.13 7.84 -2.58
N ALA A 160 -1.38 8.96 -1.89
CA ALA A 160 -2.12 8.96 -0.62
C ALA A 160 -3.62 8.95 -0.95
N LEU A 161 -4.25 7.76 -0.86
CA LEU A 161 -5.69 7.59 -1.17
C LEU A 161 -6.53 8.31 -0.09
N GLU A 162 -6.98 9.55 -0.39
CA GLU A 162 -7.69 10.41 0.58
C GLU A 162 -8.97 9.72 1.12
N PRO A 163 -9.20 9.73 2.48
CA PRO A 163 -10.36 9.05 3.09
C PRO A 163 -11.71 9.58 2.57
N GLY A 164 -12.42 8.70 1.84
CA GLY A 164 -13.73 9.02 1.28
C GLY A 164 -13.66 9.98 0.10
N LYS A 165 -12.55 9.94 -0.67
CA LYS A 165 -12.30 10.89 -1.76
C LYS A 165 -11.41 10.23 -2.84
N ASN A 166 -11.14 10.98 -3.94
CA ASN A 166 -10.15 10.61 -4.98
C ASN A 166 -8.71 10.42 -4.39
N PRO A 167 -7.78 9.70 -5.12
CA PRO A 167 -6.33 9.65 -4.77
C PRO A 167 -5.67 11.05 -4.82
N ARG A 168 -4.76 11.32 -3.86
CA ARG A 168 -3.93 12.53 -3.88
C ARG A 168 -2.47 12.13 -4.11
N ALA A 169 -1.91 12.57 -5.23
CA ALA A 169 -0.54 12.27 -5.62
C ALA A 169 0.39 13.42 -5.21
N VAL A 170 1.22 13.18 -4.16
CA VAL A 170 2.14 14.20 -3.61
C VAL A 170 3.59 13.66 -3.62
N GLN A 171 4.55 14.50 -4.03
CA GLN A 171 5.99 14.21 -3.98
C GLN A 171 6.54 14.65 -2.60
N THR A 172 7.58 13.95 -2.12
CA THR A 172 8.10 14.12 -0.77
C THR A 172 9.59 13.71 -0.71
N LYS A 173 10.33 14.39 0.17
CA LYS A 173 11.72 14.04 0.51
C LYS A 173 11.75 12.79 1.45
N PRO A 174 12.90 12.04 1.53
CA PRO A 174 13.03 10.92 2.48
C PRO A 174 12.96 11.37 3.96
N GLY A 175 12.39 10.50 4.81
CA GLY A 175 12.27 10.75 6.28
C GLY A 175 12.39 9.47 7.16
N LEU A 176 13.24 9.53 8.19
CA LEU A 176 13.61 8.37 9.01
C LEU A 176 13.41 8.61 10.51
N PHE A 177 13.10 7.52 11.21
CA PHE A 177 12.97 7.46 12.66
C PHE A 177 14.33 7.07 13.27
N LYS A 178 14.83 7.93 14.16
CA LYS A 178 16.08 7.68 14.90
C LYS A 178 15.71 6.92 16.19
N THR A 179 16.01 5.63 16.23
CA THR A 179 15.70 4.75 17.36
C THR A 179 16.77 4.88 18.46
N ASN A 180 16.40 4.51 19.70
CA ASN A 180 17.35 4.33 20.81
C ASN A 180 17.98 2.92 20.72
N ALA A 181 18.61 2.67 19.54
CA ALA A 181 19.27 1.42 19.16
C ALA A 181 19.93 1.63 17.80
N GLY A 182 19.14 2.11 16.81
CA GLY A 182 19.62 2.42 15.47
C GLY A 182 18.77 3.49 14.80
N THR A 183 18.35 3.23 13.55
CA THR A 183 17.50 4.13 12.78
C THR A 183 16.84 3.37 11.61
N ILE A 184 15.51 3.53 11.44
CA ILE A 184 14.75 2.94 10.31
C ILE A 184 13.75 3.98 9.78
N GLY A 185 13.64 4.06 8.44
CA GLY A 185 12.71 5.01 7.79
C GLY A 185 13.32 5.67 6.57
N ALA A 186 12.45 6.24 5.71
CA ALA A 186 12.85 7.12 4.60
C ALA A 186 11.59 7.68 3.86
N VAL A 187 10.55 8.08 4.63
CA VAL A 187 9.42 8.88 4.13
C VAL A 187 8.60 9.47 5.31
N SER A 188 8.77 10.78 5.56
CA SER A 188 8.05 11.51 6.64
C SER A 188 7.42 12.79 6.06
N LEU A 189 6.07 12.77 5.91
CA LEU A 189 5.29 13.96 5.47
C LEU A 189 4.06 14.19 6.36
N ASP A 190 3.54 15.43 6.36
CA ASP A 190 2.28 15.78 7.06
C ASP A 190 1.09 15.76 6.06
N PHE A 191 0.30 14.68 6.16
CA PHE A 191 -0.97 14.50 5.42
C PHE A 191 -1.82 13.47 6.17
N SER A 192 -2.97 13.13 5.57
CA SER A 192 -3.82 12.02 5.98
C SER A 192 -2.98 10.75 6.29
N PRO A 193 -3.31 9.96 7.36
CA PRO A 193 -2.58 8.70 7.68
C PRO A 193 -2.44 7.81 6.44
N GLY A 194 -1.18 7.57 6.01
CA GLY A 194 -0.88 6.82 4.79
C GLY A 194 -1.60 5.47 4.77
N THR A 195 -2.56 5.36 3.83
CA THR A 195 -3.46 4.21 3.69
C THR A 195 -2.67 2.91 3.64
N SER A 196 -3.00 1.95 4.55
CA SER A 196 -2.21 0.72 4.73
C SER A 196 -2.09 -0.04 3.36
N GLY A 197 -0.92 0.18 2.70
CA GLY A 197 -0.57 -0.42 1.41
C GLY A 197 -0.14 0.61 0.35
N SER A 198 -0.02 1.92 0.75
CA SER A 198 0.22 3.07 -0.20
C SER A 198 1.41 2.83 -1.17
N PRO A 199 1.21 3.05 -2.52
CA PRO A 199 2.28 2.87 -3.52
C PRO A 199 3.19 4.12 -3.66
N ILE A 200 4.51 3.85 -3.69
CA ILE A 200 5.56 4.86 -3.83
C ILE A 200 6.16 4.78 -5.26
N ILE A 201 5.89 5.82 -6.04
CA ILE A 201 6.14 5.88 -7.50
C ILE A 201 6.86 7.16 -7.93
N ASP A 202 7.02 7.28 -9.25
CA ASP A 202 7.47 8.49 -9.93
C ASP A 202 6.31 9.02 -10.83
N LYS A 203 6.52 10.19 -11.47
CA LYS A 203 5.58 10.74 -12.48
C LYS A 203 5.40 9.79 -13.68
N LYS A 204 6.45 9.01 -14.03
CA LYS A 204 6.38 8.02 -15.11
C LYS A 204 5.80 6.67 -14.64
N GLY A 205 5.46 6.58 -13.35
CA GLY A 205 5.13 5.28 -12.72
C GLY A 205 6.39 4.41 -12.54
N LYS A 206 7.55 5.07 -12.49
CA LYS A 206 8.85 4.46 -12.09
C LYS A 206 8.89 4.28 -10.55
N VAL A 207 9.85 3.46 -10.06
CA VAL A 207 10.03 3.15 -8.63
C VAL A 207 9.04 2.03 -8.26
N VAL A 208 7.79 2.37 -7.83
CA VAL A 208 6.68 1.40 -7.53
C VAL A 208 7.04 0.57 -6.28
N GLY A 209 7.79 1.23 -5.39
CA GLY A 209 8.02 0.74 -4.04
C GLY A 209 6.76 0.86 -3.21
N LEU A 210 6.83 0.57 -1.91
CA LEU A 210 5.61 0.51 -1.06
C LEU A 210 5.85 1.17 0.28
N TYR A 211 4.75 1.64 0.89
CA TYR A 211 4.75 2.22 2.23
C TYR A 211 5.05 1.10 3.23
N GLY A 212 6.19 1.20 3.93
CA GLY A 212 6.61 0.14 4.85
C GLY A 212 5.76 0.06 6.12
N ASN A 213 6.29 -0.62 7.15
CA ASN A 213 5.63 -0.68 8.46
C ASN A 213 5.73 0.69 9.17
N GLY A 214 4.78 1.58 8.82
CA GLY A 214 4.68 2.91 9.40
C GLY A 214 3.29 3.18 9.93
N VAL A 215 3.09 4.43 10.38
CA VAL A 215 1.91 4.83 11.16
C VAL A 215 1.74 6.36 11.08
N VAL A 216 0.66 6.87 11.68
CA VAL A 216 0.46 8.30 11.88
C VAL A 216 1.22 8.74 13.17
N THR A 217 2.24 9.60 13.00
CA THR A 217 3.12 10.09 14.10
C THR A 217 3.22 11.64 14.04
N ARG A 218 3.59 12.28 15.16
CA ARG A 218 3.78 13.75 15.28
C ARG A 218 2.44 14.49 15.05
N SER A 219 1.57 14.46 16.08
CA SER A 219 0.27 15.17 16.14
C SER A 219 -0.63 14.97 14.89
N GLY A 220 -0.41 13.88 14.14
CA GLY A 220 -1.19 13.57 12.95
C GLY A 220 -0.46 13.85 11.64
N ALA A 221 0.68 13.17 11.44
CA ALA A 221 1.44 13.21 10.17
C ALA A 221 1.77 11.78 9.73
N TYR A 222 1.93 11.54 8.42
CA TYR A 222 2.27 10.20 7.89
C TYR A 222 3.80 9.96 7.96
N VAL A 223 4.24 8.93 8.71
CA VAL A 223 5.67 8.58 8.86
C VAL A 223 5.85 7.06 8.70
N SER A 224 6.59 6.62 7.67
CA SER A 224 6.82 5.18 7.40
C SER A 224 8.31 4.82 7.15
N ALA A 225 8.61 3.52 7.39
CA ALA A 225 9.92 2.90 7.10
C ALA A 225 9.81 2.07 5.81
N ILE A 226 10.15 2.72 4.67
CA ILE A 226 9.77 2.29 3.30
C ILE A 226 10.13 0.82 2.95
N ALA A 227 9.20 0.19 2.22
CA ALA A 227 9.37 -1.13 1.62
C ALA A 227 9.95 -0.98 0.19
N GLN A 228 10.91 -1.86 -0.14
CA GLN A 228 11.77 -1.73 -1.33
C GLN A 228 11.82 -3.03 -2.16
N THR A 229 12.44 -2.90 -3.34
CA THR A 229 12.84 -4.05 -4.18
C THR A 229 13.95 -4.88 -3.53
N GLU A 230 13.93 -6.17 -3.83
CA GLU A 230 15.11 -7.03 -3.78
C GLU A 230 15.28 -7.74 -5.14
N LYS A 231 14.19 -7.68 -6.00
CA LYS A 231 14.09 -8.35 -7.32
C LYS A 231 14.85 -9.70 -7.38
N SER A 232 14.15 -10.78 -7.00
CA SER A 232 14.74 -12.14 -6.87
C SER A 232 15.47 -12.57 -8.17
N ILE A 233 16.82 -12.41 -8.14
CA ILE A 233 17.74 -12.66 -9.28
C ILE A 233 17.55 -11.62 -10.41
N GLU A 234 18.66 -11.28 -11.10
CA GLU A 234 18.69 -10.29 -12.19
C GLU A 234 18.29 -10.93 -13.54
N ASP A 235 17.06 -11.45 -13.61
CA ASP A 235 16.48 -12.06 -14.83
C ASP A 235 16.05 -10.97 -15.84
N ASN A 236 15.67 -9.80 -15.29
CA ASN A 236 15.12 -8.67 -16.05
C ASN A 236 16.07 -8.24 -17.19
N PRO A 237 15.67 -8.40 -18.50
CA PRO A 237 16.52 -8.00 -19.65
C PRO A 237 16.72 -6.48 -19.66
N GLU A 238 17.98 -6.05 -19.56
CA GLU A 238 18.37 -4.65 -19.36
C GLU A 238 17.82 -4.17 -18.00
N ILE A 239 18.39 -4.77 -16.94
CA ILE A 239 18.02 -4.48 -15.54
C ILE A 239 18.50 -3.08 -15.12
N GLU A 240 19.62 -2.65 -15.71
CA GLU A 240 20.22 -1.34 -15.48
C GLU A 240 19.57 -0.30 -16.41
N LYS B 3 -8.03 -5.00 6.30
CA LYS B 3 -8.49 -4.59 7.66
C LYS B 3 -7.40 -3.92 8.54
N ARG B 4 -6.33 -4.67 8.87
CA ARG B 4 -5.35 -4.34 9.95
C ARG B 4 -4.89 -2.85 9.99
N GLY A 1 -2.77 -17.40 5.11
CA GLY A 1 -2.68 -16.49 6.26
C GLY A 1 -3.98 -16.38 7.02
N SER A 2 -4.12 -15.30 7.78
CA SER A 2 -5.32 -15.03 8.58
C SER A 2 -6.11 -13.88 7.93
N ALA A 3 -7.05 -14.25 7.03
CA ALA A 3 -8.02 -13.34 6.40
C ALA A 3 -8.94 -14.19 5.50
N ALA A 4 -8.40 -14.53 4.30
CA ALA A 4 -9.05 -15.41 3.31
C ALA A 4 -10.33 -14.76 2.76
N ASP A 5 -10.34 -13.42 2.80
CA ASP A 5 -11.45 -12.56 2.37
C ASP A 5 -10.85 -11.20 1.98
N LEU A 6 -9.68 -11.25 1.31
CA LEU A 6 -8.99 -10.05 0.83
C LEU A 6 -9.64 -9.58 -0.50
N GLU A 7 -10.59 -8.66 -0.37
CA GLU A 7 -11.43 -8.16 -1.49
C GLU A 7 -10.88 -6.82 -1.99
N LEU A 8 -10.60 -6.67 -3.30
CA LEU A 8 -10.00 -5.37 -3.81
C LEU A 8 -10.91 -4.61 -4.81
N GLU A 9 -10.62 -3.30 -5.02
CA GLU A 9 -11.30 -2.43 -6.01
C GLU A 9 -10.33 -1.37 -6.57
N ARG A 10 -10.68 -0.78 -7.71
CA ARG A 10 -9.92 0.32 -8.33
C ARG A 10 -9.99 1.61 -7.47
N ALA A 11 -8.96 2.46 -7.58
CA ALA A 11 -8.93 3.80 -6.98
C ALA A 11 -8.63 4.86 -8.07
N ALA A 12 -7.53 4.60 -8.80
CA ALA A 12 -6.99 5.49 -9.83
C ALA A 12 -5.89 4.75 -10.61
N ASP A 13 -5.09 5.47 -11.41
CA ASP A 13 -3.93 4.89 -12.10
C ASP A 13 -2.65 5.13 -11.28
N VAL A 14 -1.64 4.25 -11.43
CA VAL A 14 -0.31 4.47 -10.84
C VAL A 14 0.36 5.57 -11.66
N LYS A 15 0.31 6.80 -11.13
CA LYS A 15 0.68 8.02 -11.87
C LYS A 15 0.92 9.14 -10.87
N TRP A 16 1.83 10.08 -11.21
CA TRP A 16 1.93 11.34 -10.47
C TRP A 16 0.66 12.17 -10.73
N GLU A 17 -0.16 12.34 -9.69
CA GLU A 17 -1.43 13.07 -9.78
C GLU A 17 -1.16 14.60 -9.84
N ASP A 18 -1.99 15.30 -10.62
CA ASP A 18 -1.89 16.75 -10.87
C ASP A 18 -2.19 17.59 -9.61
N GLN A 19 -2.88 17.00 -8.62
CA GLN A 19 -3.30 17.73 -7.39
C GLN A 19 -2.19 17.60 -6.31
N ALA A 20 -0.95 17.89 -6.75
CA ALA A 20 0.23 17.87 -5.89
C ALA A 20 0.50 19.25 -5.29
N GLU A 21 0.39 19.36 -3.94
CA GLU A 21 0.90 20.54 -3.21
C GLU A 21 1.04 20.18 -1.72
N ILE A 22 2.18 19.55 -1.39
CA ILE A 22 2.61 19.21 -0.02
C ILE A 22 4.18 19.24 -0.04
N SER A 23 4.79 19.31 1.15
CA SER A 23 6.23 19.46 1.35
C SER A 23 6.55 19.06 2.80
N GLY A 24 7.07 17.83 2.98
CA GLY A 24 7.39 17.30 4.31
C GLY A 24 8.81 17.59 4.76
N SER A 25 9.65 16.54 4.76
CA SER A 25 11.06 16.60 5.22
C SER A 25 11.10 16.95 6.71
N SER A 26 10.19 16.32 7.47
CA SER A 26 10.10 16.46 8.93
C SER A 26 11.37 15.87 9.59
N PRO A 27 11.86 16.48 10.75
CA PRO A 27 13.12 16.06 11.45
C PRO A 27 13.20 14.55 11.81
N ILE A 28 14.34 14.15 12.40
CA ILE A 28 14.56 12.76 12.83
C ILE A 28 13.57 12.44 13.97
N LEU A 29 12.58 11.60 13.65
CA LEU A 29 11.42 11.37 14.55
C LEU A 29 11.68 10.14 15.45
N SER A 30 10.97 10.05 16.60
CA SER A 30 11.15 8.96 17.58
C SER A 30 9.97 7.96 17.49
N ILE A 31 10.28 6.68 17.16
CA ILE A 31 9.28 5.59 17.08
C ILE A 31 9.75 4.41 17.96
N THR A 32 8.80 3.62 18.51
CA THR A 32 9.14 2.48 19.38
C THR A 32 9.12 1.19 18.57
N ILE A 33 10.30 0.56 18.39
CA ILE A 33 10.45 -0.67 17.60
C ILE A 33 9.69 -1.83 18.27
N SER A 34 9.38 -2.87 17.50
CA SER A 34 8.60 -4.02 17.96
C SER A 34 9.26 -5.32 17.46
N GLU A 35 9.64 -6.16 18.45
CA GLU A 35 10.31 -7.46 18.26
C GLU A 35 11.74 -7.27 17.71
N ASP A 36 11.83 -6.93 16.41
CA ASP A 36 13.11 -6.70 15.72
C ASP A 36 12.87 -5.84 14.47
N GLY A 37 11.99 -6.34 13.58
CA GLY A 37 11.72 -5.72 12.29
C GLY A 37 10.40 -4.96 12.24
N SER A 38 9.51 -5.13 13.24
CA SER A 38 8.19 -4.46 13.22
C SER A 38 8.30 -3.11 13.94
N MET A 39 7.35 -2.20 13.68
CA MET A 39 7.40 -0.82 14.23
C MET A 39 6.04 -0.43 14.82
N SER A 40 6.04 0.32 15.94
CA SER A 40 4.82 0.81 16.59
C SER A 40 5.05 2.22 17.17
N ILE A 41 3.97 2.98 17.29
CA ILE A 41 3.99 4.28 17.95
C ILE A 41 3.53 4.11 19.42
N LYS A 42 4.11 4.91 20.34
CA LYS A 42 3.76 4.91 21.77
C LYS A 42 2.42 5.67 22.03
N ASN A 43 1.81 6.16 20.95
CA ASN A 43 0.45 6.75 20.94
C ASN A 43 -0.55 5.72 20.40
N GLU A 44 -1.82 6.11 20.35
CA GLU A 44 -2.92 5.26 19.87
C GLU A 44 -3.91 6.11 19.05
N GLU A 45 -4.47 5.52 17.99
CA GLU A 45 -5.44 6.18 17.11
C GLU A 45 -6.20 5.13 16.29
N GLU A 46 -7.51 5.34 16.08
CA GLU A 46 -8.34 4.53 15.18
C GLU A 46 -8.12 5.03 13.74
N GLU A 47 -7.41 4.24 12.92
CA GLU A 47 -7.14 4.53 11.50
C GLU A 47 -8.44 4.40 10.65
N GLN A 48 -8.56 3.34 9.81
CA GLN A 48 -9.79 2.99 9.06
C GLN A 48 -10.21 4.03 8.00
N THR A 49 -11.39 3.75 7.36
CA THR A 49 -12.09 4.61 6.39
C THR A 49 -11.32 4.85 5.07
N LEU A 50 -11.83 4.30 3.96
CA LEU A 50 -11.39 4.66 2.61
C LEU A 50 -12.51 4.35 1.59
N GLY A 51 -12.65 3.04 1.26
CA GLY A 51 -13.47 2.61 0.13
C GLY A 51 -14.97 2.84 0.31
N GLY A 52 -15.42 2.88 1.58
CA GLY A 52 -16.84 3.03 1.93
C GLY A 52 -17.30 4.48 1.94
N GLY A 53 -17.12 5.16 0.80
CA GLY A 53 -17.68 6.49 0.55
C GLY A 53 -18.31 6.57 -0.84
N GLY A 54 -18.32 5.42 -1.56
CA GLY A 54 -18.93 5.32 -2.89
C GLY A 54 -20.16 4.42 -2.88
N SER A 55 -20.86 4.33 -4.03
CA SER A 55 -22.13 3.60 -4.14
C SER A 55 -22.10 2.65 -5.36
N GLY A 56 -22.62 1.42 -5.16
CA GLY A 56 -22.74 0.42 -6.23
C GLY A 56 -23.99 0.64 -7.09
N GLY A 57 -25.05 1.21 -6.47
CA GLY A 57 -26.28 1.56 -7.16
C GLY A 57 -27.33 0.45 -7.11
N GLY A 58 -27.21 -0.54 -8.01
CA GLY A 58 -28.21 -1.60 -8.15
C GLY A 58 -27.57 -2.96 -8.43
N GLY A 59 -27.94 -3.96 -7.62
CA GLY A 59 -27.44 -5.32 -7.76
C GLY A 59 -28.17 -6.26 -6.81
N GLU A 60 -27.41 -6.98 -5.97
CA GLU A 60 -27.98 -7.88 -4.95
C GLU A 60 -28.09 -7.12 -3.62
N PHE A 61 -26.92 -6.72 -3.09
CA PHE A 61 -26.80 -5.96 -1.84
C PHE A 61 -26.28 -4.55 -2.16
N ALA A 62 -25.02 -4.53 -2.65
CA ALA A 62 -24.29 -3.29 -2.95
C ALA A 62 -22.92 -3.65 -3.57
N GLY A 63 -22.29 -4.70 -2.99
CA GLY A 63 -20.94 -5.11 -3.37
C GLY A 63 -19.90 -4.33 -2.58
N VAL A 64 -19.14 -5.02 -1.72
CA VAL A 64 -18.15 -4.35 -0.84
C VAL A 64 -16.81 -4.10 -1.58
N LEU A 65 -16.84 -3.06 -2.45
CA LEU A 65 -15.69 -2.54 -3.23
C LEU A 65 -15.50 -3.31 -4.55
N TRP A 66 -16.18 -2.89 -5.65
CA TRP A 66 -16.16 -3.62 -6.96
C TRP A 66 -15.23 -2.99 -8.03
N ASP A 67 -14.09 -3.65 -8.25
CA ASP A 67 -13.28 -3.61 -9.50
C ASP A 67 -12.02 -4.46 -9.32
N VAL A 68 -12.05 -5.68 -9.84
CA VAL A 68 -11.00 -6.68 -9.63
C VAL A 68 -10.51 -7.25 -10.98
N PRO A 69 -9.19 -7.63 -11.11
CA PRO A 69 -8.73 -8.60 -12.13
C PRO A 69 -9.52 -9.93 -12.01
N SER A 70 -10.75 -9.92 -12.55
CA SER A 70 -11.76 -10.97 -12.36
C SER A 70 -11.30 -12.33 -12.98
N PRO A 71 -11.35 -13.45 -12.18
CA PRO A 71 -10.94 -14.79 -12.66
C PRO A 71 -11.55 -15.25 -14.02
N PRO A 72 -12.91 -15.11 -14.29
CA PRO A 72 -13.50 -15.50 -15.61
C PRO A 72 -12.88 -14.72 -16.81
N PRO A 73 -12.34 -15.44 -17.84
CA PRO A 73 -11.71 -14.82 -19.04
C PRO A 73 -12.76 -14.49 -20.14
N VAL A 74 -13.86 -13.82 -19.73
CA VAL A 74 -15.00 -13.49 -20.61
C VAL A 74 -14.68 -12.33 -21.60
N GLY A 75 -13.43 -11.82 -21.55
CA GLY A 75 -12.96 -10.80 -22.48
C GLY A 75 -13.15 -9.40 -21.94
N LYS A 76 -14.41 -9.05 -21.63
CA LYS A 76 -14.78 -7.71 -21.16
C LYS A 76 -14.54 -7.61 -19.63
N ALA A 77 -15.53 -8.08 -18.82
CA ALA A 77 -15.40 -8.18 -17.35
C ALA A 77 -15.06 -6.83 -16.67
N GLU A 78 -14.50 -6.89 -15.44
CA GLU A 78 -13.95 -5.72 -14.73
C GLU A 78 -12.55 -5.41 -15.31
N LEU A 79 -11.52 -6.09 -14.75
CA LEU A 79 -10.11 -6.08 -15.19
C LEU A 79 -9.63 -4.67 -15.61
N GLU A 80 -9.16 -3.90 -14.63
CA GLU A 80 -8.48 -2.61 -14.86
C GLU A 80 -7.05 -2.70 -14.32
N ASP A 81 -6.35 -1.55 -14.24
CA ASP A 81 -4.97 -1.48 -13.71
C ASP A 81 -4.70 -0.08 -13.16
N GLY A 82 -3.96 0.00 -12.06
CA GLY A 82 -3.59 1.27 -11.45
C GLY A 82 -3.49 1.19 -9.95
N ALA A 83 -3.70 2.33 -9.27
CA ALA A 83 -3.82 2.39 -7.82
C ALA A 83 -5.17 1.79 -7.40
N TYR A 84 -5.19 0.98 -6.34
CA TYR A 84 -6.39 0.23 -5.92
C TYR A 84 -6.79 0.55 -4.46
N ARG A 85 -8.11 0.68 -4.24
CA ARG A 85 -8.71 0.82 -2.89
C ARG A 85 -9.07 -0.58 -2.40
N ILE A 86 -8.62 -0.97 -1.20
CA ILE A 86 -8.68 -2.39 -0.80
C ILE A 86 -9.31 -2.60 0.62
N LYS A 87 -10.08 -3.74 0.74
CA LYS A 87 -10.92 -4.12 1.92
C LYS A 87 -10.83 -5.62 2.24
N GLN A 88 -10.74 -6.03 3.52
CA GLN A 88 -10.86 -7.48 3.87
C GLN A 88 -11.80 -7.78 5.03
N LYS A 89 -12.36 -9.03 5.01
CA LYS A 89 -13.14 -9.59 6.14
C LYS A 89 -12.27 -10.66 6.83
N GLY A 90 -11.48 -10.23 7.80
CA GLY A 90 -10.50 -11.09 8.47
C GLY A 90 -9.95 -10.41 9.70
N ILE A 91 -9.07 -11.09 10.45
CA ILE A 91 -8.21 -10.44 11.51
C ILE A 91 -9.10 -9.75 12.61
N LEU A 92 -10.36 -10.22 12.75
CA LEU A 92 -11.39 -9.68 13.67
C LEU A 92 -11.90 -8.29 13.22
N GLY A 93 -12.14 -8.13 11.88
CA GLY A 93 -12.70 -6.88 11.34
C GLY A 93 -13.07 -6.97 9.86
N TYR A 94 -14.00 -6.10 9.42
CA TYR A 94 -14.54 -6.07 8.04
C TYR A 94 -14.23 -4.69 7.43
N SER A 95 -12.94 -4.41 7.16
CA SER A 95 -12.45 -3.01 7.00
C SER A 95 -11.98 -2.70 5.57
N GLN A 96 -12.58 -1.63 5.00
CA GLN A 96 -12.16 -1.00 3.72
C GLN A 96 -11.24 0.19 4.03
N ILE A 97 -9.92 0.02 3.82
CA ILE A 97 -8.91 0.92 4.44
C ILE A 97 -7.75 1.38 3.52
N GLY A 98 -7.22 0.50 2.62
CA GLY A 98 -5.81 0.69 2.17
C GLY A 98 -5.61 0.90 0.70
N ALA A 99 -4.33 0.83 0.29
CA ALA A 99 -3.90 1.15 -1.08
C ALA A 99 -3.10 -0.03 -1.69
N GLY A 100 -3.36 -0.33 -2.97
CA GLY A 100 -2.61 -1.32 -3.73
C GLY A 100 -2.22 -0.79 -5.10
N VAL A 101 -1.59 -1.64 -5.91
CA VAL A 101 -1.12 -1.29 -7.26
C VAL A 101 -1.10 -2.54 -8.13
N TYR A 102 -2.02 -2.60 -9.10
CA TYR A 102 -2.06 -3.69 -10.11
C TYR A 102 -1.59 -3.13 -11.46
N LYS A 103 -0.74 -3.91 -12.15
CA LYS A 103 -0.20 -3.58 -13.48
C LYS A 103 0.01 -4.88 -14.26
N GLU A 104 -0.82 -5.06 -15.32
CA GLU A 104 -0.67 -6.10 -16.37
C GLU A 104 -0.33 -7.49 -15.80
N GLY A 105 -1.31 -8.09 -15.11
CA GLY A 105 -1.17 -9.43 -14.53
C GLY A 105 -0.62 -9.43 -13.11
N THR A 106 0.22 -8.43 -12.76
CA THR A 106 0.94 -8.41 -11.48
C THR A 106 0.32 -7.38 -10.50
N PHE A 107 -0.21 -7.88 -9.37
CA PHE A 107 -0.69 -7.02 -8.26
C PHE A 107 0.45 -6.86 -7.23
N HIS A 108 0.56 -5.67 -6.61
CA HIS A 108 1.68 -5.33 -5.70
C HIS A 108 1.11 -4.71 -4.40
N THR A 109 1.42 -5.30 -3.23
CA THR A 109 1.04 -4.76 -1.91
C THR A 109 2.16 -4.98 -0.85
N MET A 110 1.92 -4.52 0.41
CA MET A 110 2.84 -4.71 1.56
C MET A 110 2.50 -6.03 2.28
N TRP A 111 3.33 -6.44 3.28
CA TRP A 111 3.03 -7.63 4.11
C TRP A 111 2.11 -7.28 5.30
N HIS A 112 2.59 -6.35 6.18
CA HIS A 112 1.98 -6.04 7.52
C HIS A 112 0.48 -5.68 7.47
N VAL A 113 0.07 -5.14 6.32
CA VAL A 113 -1.31 -4.76 6.04
C VAL A 113 -2.32 -5.93 6.21
N THR A 114 -1.83 -7.18 6.06
CA THR A 114 -2.61 -8.40 6.39
C THR A 114 -1.65 -9.45 7.01
N ARG A 115 -2.09 -10.71 7.12
CA ARG A 115 -1.27 -11.79 7.71
C ARG A 115 -0.85 -12.84 6.63
N GLY A 116 -0.61 -12.35 5.40
CA GLY A 116 -0.13 -13.18 4.29
C GLY A 116 -1.19 -14.15 3.76
N ALA A 117 -2.32 -13.60 3.31
CA ALA A 117 -3.53 -14.37 2.95
C ALA A 117 -3.84 -14.30 1.44
N VAL A 118 -5.01 -14.85 1.05
CA VAL A 118 -5.43 -15.01 -0.36
C VAL A 118 -6.43 -13.90 -0.79
N LEU A 119 -6.40 -13.53 -2.09
CA LEU A 119 -7.14 -12.37 -2.66
C LEU A 119 -8.52 -12.81 -3.18
N MET A 120 -9.39 -11.81 -3.51
CA MET A 120 -10.76 -12.07 -4.01
C MET A 120 -11.52 -10.81 -4.50
N HIS A 121 -12.60 -11.14 -5.26
CA HIS A 121 -13.72 -10.26 -5.54
C HIS A 121 -14.93 -10.76 -4.74
N LYS A 122 -15.16 -10.18 -3.54
CA LYS A 122 -16.44 -10.29 -2.79
C LYS A 122 -16.93 -11.77 -2.68
N GLY A 123 -16.00 -12.67 -2.27
CA GLY A 123 -16.28 -14.11 -2.13
C GLY A 123 -15.78 -14.98 -3.28
N LYS A 124 -15.29 -14.37 -4.38
CA LYS A 124 -14.73 -15.09 -5.54
C LYS A 124 -13.19 -15.06 -5.45
N ARG A 125 -12.56 -16.22 -5.18
CA ARG A 125 -11.17 -16.28 -4.69
C ARG A 125 -10.12 -16.18 -5.83
N ILE A 126 -8.93 -15.63 -5.48
CA ILE A 126 -7.78 -15.39 -6.38
C ILE A 126 -6.48 -15.68 -5.60
N GLU A 127 -5.66 -16.62 -6.10
CA GLU A 127 -4.43 -17.06 -5.42
C GLU A 127 -3.29 -16.02 -5.61
N PRO A 128 -2.59 -15.59 -4.51
CA PRO A 128 -1.32 -14.82 -4.62
C PRO A 128 -0.15 -15.75 -5.00
N SER A 129 1.00 -15.14 -5.32
CA SER A 129 2.18 -15.85 -5.85
C SER A 129 3.43 -15.60 -5.01
N TRP A 130 3.50 -14.42 -4.39
CA TRP A 130 4.66 -13.96 -3.61
C TRP A 130 4.20 -13.44 -2.24
N ALA A 131 5.01 -13.70 -1.21
CA ALA A 131 4.87 -13.12 0.13
C ALA A 131 6.25 -13.16 0.83
N ASP A 132 6.78 -11.99 1.25
CA ASP A 132 8.11 -11.90 1.90
C ASP A 132 8.06 -10.87 3.04
N VAL A 133 8.35 -11.35 4.26
CA VAL A 133 8.28 -10.56 5.50
C VAL A 133 9.49 -9.60 5.67
N LYS A 134 10.63 -9.92 5.02
CA LYS A 134 11.91 -9.19 5.23
C LYS A 134 11.85 -7.80 4.59
N LYS A 135 11.31 -7.75 3.37
CA LYS A 135 11.09 -6.50 2.62
C LYS A 135 9.66 -5.98 2.84
N ASP A 136 8.83 -6.82 3.50
CA ASP A 136 7.43 -6.51 3.86
C ASP A 136 6.59 -6.23 2.59
N LEU A 137 6.56 -7.22 1.67
CA LEU A 137 5.90 -7.10 0.34
C LEU A 137 5.26 -8.44 -0.09
N ILE A 138 4.03 -8.35 -0.64
CA ILE A 138 3.24 -9.49 -1.17
C ILE A 138 2.79 -9.15 -2.60
N SER A 139 2.80 -10.12 -3.54
CA SER A 139 2.33 -9.87 -4.93
C SER A 139 1.59 -11.06 -5.53
N TYR A 140 0.83 -10.74 -6.59
CA TYR A 140 0.09 -11.69 -7.44
C TYR A 140 0.67 -11.59 -8.86
N GLY A 141 0.75 -12.73 -9.58
CA GLY A 141 1.20 -12.75 -11.00
C GLY A 141 2.61 -13.31 -11.17
N GLY A 142 3.35 -13.44 -10.05
CA GLY A 142 4.70 -14.00 -10.06
C GLY A 142 5.51 -13.51 -8.88
N GLY A 143 6.85 -13.43 -9.05
CA GLY A 143 7.72 -12.81 -8.07
C GLY A 143 7.54 -11.30 -8.04
N TRP A 144 8.19 -10.62 -7.08
CA TRP A 144 8.10 -9.16 -6.97
C TRP A 144 8.83 -8.52 -8.17
N LYS A 145 8.06 -7.93 -9.09
CA LYS A 145 8.61 -7.32 -10.32
C LYS A 145 7.75 -6.12 -10.75
N LEU A 146 8.43 -5.03 -11.18
CA LEU A 146 7.77 -3.83 -11.70
C LEU A 146 8.77 -2.99 -12.52
N GLU A 147 9.49 -2.02 -11.89
CA GLU A 147 10.57 -1.26 -12.58
C GLU A 147 11.31 -0.38 -11.56
N GLY A 148 10.59 0.63 -11.07
CA GLY A 148 11.19 1.80 -10.42
C GLY A 148 11.95 1.51 -9.14
N GLU A 149 12.93 2.37 -8.86
CA GLU A 149 13.83 2.24 -7.71
C GLU A 149 14.14 3.64 -7.16
N TRP A 150 13.93 3.83 -5.85
CA TRP A 150 14.26 5.08 -5.17
C TRP A 150 15.68 5.05 -4.60
N LYS A 151 16.38 6.18 -4.79
CA LYS A 151 17.66 6.49 -4.14
C LYS A 151 17.56 7.95 -3.65
N GLU A 152 17.85 8.17 -2.36
CA GLU A 152 17.63 9.46 -1.68
C GLU A 152 18.42 10.63 -2.32
N GLY A 153 17.70 11.70 -2.68
CA GLY A 153 18.30 12.90 -3.27
C GLY A 153 17.25 13.96 -3.53
N GLU A 154 16.39 13.69 -4.52
CA GLU A 154 15.21 14.52 -4.84
C GLU A 154 14.05 14.17 -3.88
N GLU A 155 12.90 14.81 -4.07
CA GLU A 155 11.68 14.53 -3.27
C GLU A 155 10.68 13.70 -4.08
N VAL A 156 9.93 12.84 -3.37
CA VAL A 156 8.95 11.91 -3.97
C VAL A 156 7.52 12.34 -3.64
N GLN A 157 6.55 11.69 -4.29
CA GLN A 157 5.12 11.89 -4.07
C GLN A 157 4.47 10.52 -3.81
N VAL A 158 3.42 10.52 -2.98
CA VAL A 158 2.63 9.32 -2.69
C VAL A 158 1.15 9.58 -3.04
N LEU A 159 0.49 8.57 -3.63
CA LEU A 159 -0.95 8.62 -3.93
C LEU A 159 -1.74 8.29 -2.66
N ALA A 160 -1.99 9.32 -1.84
CA ALA A 160 -2.79 9.18 -0.62
C ALA A 160 -4.27 9.10 -1.01
N LEU A 161 -4.81 7.87 -1.03
CA LEU A 161 -6.20 7.62 -1.47
C LEU A 161 -7.18 8.21 -0.45
N GLU A 162 -7.80 9.33 -0.82
CA GLU A 162 -8.74 10.05 0.04
C GLU A 162 -10.03 9.21 0.26
N PRO A 163 -10.53 9.09 1.53
CA PRO A 163 -11.77 8.34 1.84
C PRO A 163 -12.97 8.87 1.03
N GLY A 164 -13.46 8.01 0.11
CA GLY A 164 -14.59 8.33 -0.76
C GLY A 164 -14.33 9.42 -1.80
N LYS A 165 -13.04 9.68 -2.11
CA LYS A 165 -12.62 10.71 -3.10
C LYS A 165 -11.46 10.15 -3.97
N ASN A 166 -10.90 11.03 -4.85
CA ASN A 166 -9.69 10.72 -5.65
C ASN A 166 -8.41 10.93 -4.81
N PRO A 167 -7.29 10.19 -5.13
CA PRO A 167 -6.00 10.33 -4.39
C PRO A 167 -5.38 11.73 -4.50
N ARG A 168 -4.87 12.23 -3.38
CA ARG A 168 -3.99 13.40 -3.36
C ARG A 168 -2.56 12.96 -3.71
N ALA A 169 -1.92 13.74 -4.58
CA ALA A 169 -0.49 13.67 -4.79
C ALA A 169 0.21 14.45 -3.67
N VAL A 170 0.80 13.72 -2.72
CA VAL A 170 1.34 14.30 -1.48
C VAL A 170 2.87 14.17 -1.49
N GLN A 171 3.58 15.31 -1.49
CA GLN A 171 5.02 15.35 -1.81
C GLN A 171 5.85 15.63 -0.55
N THR A 172 6.97 14.89 -0.41
CA THR A 172 7.89 15.04 0.72
C THR A 172 9.31 14.59 0.30
N LYS A 173 10.32 15.25 0.89
CA LYS A 173 11.74 14.85 0.74
C LYS A 173 12.03 13.55 1.54
N PRO A 174 13.17 12.84 1.25
CA PRO A 174 13.58 11.64 2.01
C PRO A 174 13.74 11.96 3.52
N GLY A 175 13.16 11.12 4.37
CA GLY A 175 13.15 11.37 5.83
C GLY A 175 13.18 10.11 6.70
N LEU A 176 13.77 10.23 7.90
CA LEU A 176 14.06 9.08 8.75
C LEU A 176 13.78 9.39 10.21
N PHE A 177 13.78 8.31 10.97
CA PHE A 177 13.36 8.30 12.36
C PHE A 177 14.30 7.39 13.15
N LYS A 178 14.70 7.87 14.33
CA LYS A 178 15.59 7.16 15.23
C LYS A 178 14.82 6.06 15.97
N THR A 179 15.52 4.96 16.20
CA THR A 179 14.98 3.75 16.82
C THR A 179 15.48 3.70 18.30
N ASN A 180 15.07 2.65 19.04
CA ASN A 180 15.53 2.44 20.44
C ASN A 180 17.03 2.08 20.50
N ALA A 181 17.59 1.64 19.35
CA ALA A 181 19.04 1.40 19.19
C ALA A 181 19.57 2.22 17.99
N GLY A 182 19.14 1.84 16.77
CA GLY A 182 19.66 2.43 15.53
C GLY A 182 18.81 3.61 15.01
N THR A 183 18.67 3.69 13.67
CA THR A 183 17.81 4.68 12.99
C THR A 183 17.58 4.22 11.53
N ILE A 184 16.32 4.30 11.04
CA ILE A 184 15.95 3.88 9.67
C ILE A 184 14.94 4.88 9.08
N GLY A 185 14.73 4.82 7.75
CA GLY A 185 13.70 5.63 7.08
C GLY A 185 14.19 6.31 5.82
N ALA A 186 13.23 6.86 5.04
CA ALA A 186 13.53 7.68 3.85
C ALA A 186 12.22 8.34 3.29
N VAL A 187 11.31 8.71 4.22
CA VAL A 187 10.17 9.65 4.01
C VAL A 187 9.65 10.04 5.42
N SER A 188 9.74 11.33 5.76
CA SER A 188 9.21 11.86 7.03
C SER A 188 8.35 13.08 6.71
N LEU A 189 7.07 13.01 7.10
CA LEU A 189 6.05 14.03 6.80
C LEU A 189 5.09 14.19 7.99
N ASP A 190 4.52 15.40 8.14
CA ASP A 190 3.44 15.67 9.09
C ASP A 190 2.11 15.74 8.31
N PHE A 191 1.29 14.68 8.42
CA PHE A 191 0.07 14.50 7.60
C PHE A 191 -0.85 13.47 8.31
N SER A 192 -2.14 13.48 7.91
CA SER A 192 -3.14 12.50 8.39
C SER A 192 -2.73 11.04 8.04
N PRO A 193 -3.29 10.00 8.77
CA PRO A 193 -3.03 8.57 8.47
C PRO A 193 -3.10 8.24 6.96
N GLY A 194 -1.91 7.98 6.37
CA GLY A 194 -1.79 7.65 4.96
C GLY A 194 -2.31 6.25 4.66
N THR A 195 -2.65 6.01 3.40
CA THR A 195 -3.18 4.72 2.95
C THR A 195 -2.01 3.76 2.64
N SER A 196 -1.80 2.79 3.56
CA SER A 196 -0.72 1.82 3.46
C SER A 196 -0.80 1.05 2.12
N GLY A 197 0.18 1.36 1.27
CA GLY A 197 0.29 0.84 -0.07
C GLY A 197 0.23 1.96 -1.11
N SER A 198 0.36 3.23 -0.64
CA SER A 198 0.47 4.42 -1.53
C SER A 198 1.67 4.27 -2.51
N PRO A 199 1.41 4.21 -3.85
CA PRO A 199 2.48 4.18 -4.88
C PRO A 199 3.41 5.41 -4.80
N ILE A 200 4.67 5.16 -4.41
CA ILE A 200 5.71 6.19 -4.26
C ILE A 200 6.28 6.53 -5.64
N ILE A 201 5.74 7.59 -6.23
CA ILE A 201 6.12 8.07 -7.57
C ILE A 201 6.66 9.49 -7.43
N ASP A 202 7.78 9.82 -8.07
CA ASP A 202 8.34 11.19 -8.01
C ASP A 202 7.70 12.04 -9.13
N LYS A 203 8.11 13.32 -9.21
CA LYS A 203 7.55 14.28 -10.18
C LYS A 203 7.84 13.88 -11.65
N LYS A 204 8.92 13.11 -11.89
CA LYS A 204 9.30 12.64 -13.23
C LYS A 204 8.41 11.48 -13.70
N GLY A 205 7.75 10.80 -12.74
CA GLY A 205 6.85 9.69 -13.03
C GLY A 205 7.54 8.33 -12.91
N LYS A 206 8.46 8.23 -11.95
CA LYS A 206 9.31 7.04 -11.73
C LYS A 206 9.27 6.62 -10.25
N VAL A 207 9.78 5.39 -9.98
CA VAL A 207 9.97 4.77 -8.65
C VAL A 207 8.83 3.82 -8.36
N VAL A 208 7.58 4.36 -8.33
CA VAL A 208 6.31 3.56 -8.26
C VAL A 208 6.35 2.50 -7.14
N GLY A 209 7.07 2.85 -6.07
CA GLY A 209 7.27 1.97 -4.91
C GLY A 209 6.05 1.91 -4.01
N LEU A 210 6.25 1.55 -2.73
CA LEU A 210 5.13 1.34 -1.79
C LEU A 210 5.43 1.89 -0.39
N TYR A 211 4.52 2.75 0.06
CA TYR A 211 4.43 3.15 1.46
C TYR A 211 3.81 1.98 2.26
N GLY A 212 4.50 1.53 3.29
CA GLY A 212 3.87 0.80 4.37
C GLY A 212 4.93 0.36 5.33
N ASN A 213 5.51 1.37 5.96
CA ASN A 213 6.66 1.24 6.85
C ASN A 213 6.61 2.42 7.81
N GLY A 214 7.47 2.43 8.84
CA GLY A 214 7.41 3.46 9.86
C GLY A 214 6.13 3.34 10.67
N VAL A 215 5.28 4.39 10.64
CA VAL A 215 3.96 4.38 11.30
C VAL A 215 3.25 5.75 11.10
N VAL A 216 1.95 5.78 11.44
CA VAL A 216 1.25 7.04 11.72
C VAL A 216 1.57 7.41 13.18
N THR A 217 2.29 8.50 13.35
CA THR A 217 2.96 8.86 14.61
C THR A 217 2.45 10.19 15.14
N ARG A 218 2.63 10.40 16.47
CA ARG A 218 2.18 11.62 17.18
C ARG A 218 0.65 11.81 17.07
N SER A 219 -0.01 10.71 16.67
CA SER A 219 -1.43 10.65 16.31
C SER A 219 -1.81 11.71 15.22
N GLY A 220 -0.84 12.09 14.35
CA GLY A 220 -1.12 13.05 13.26
C GLY A 220 0.08 13.38 12.39
N ALA A 221 1.01 12.43 12.22
CA ALA A 221 2.16 12.58 11.33
C ALA A 221 2.36 11.29 10.51
N TYR A 222 2.79 11.47 9.27
CA TYR A 222 2.98 10.39 8.28
C TYR A 222 4.47 10.08 8.13
N VAL A 223 4.98 9.00 8.74
CA VAL A 223 6.41 8.64 8.57
C VAL A 223 6.54 7.22 8.02
N SER A 224 7.51 7.06 7.13
CA SER A 224 7.64 5.88 6.27
C SER A 224 9.13 5.53 6.05
N ALA A 225 9.49 4.25 6.26
CA ALA A 225 10.85 3.73 5.93
C ALA A 225 10.94 3.38 4.43
N ILE A 226 9.73 3.27 3.82
CA ILE A 226 9.45 3.10 2.38
C ILE A 226 10.10 1.90 1.68
N ALA A 227 9.32 1.29 0.78
CA ALA A 227 9.76 0.25 -0.13
C ALA A 227 9.84 0.84 -1.54
N GLN A 228 10.76 0.31 -2.34
CA GLN A 228 10.89 0.60 -3.78
C GLN A 228 10.85 -0.74 -4.52
N THR A 229 10.21 -0.78 -5.70
CA THR A 229 9.93 -2.05 -6.36
C THR A 229 11.19 -2.63 -7.01
N GLU A 230 11.75 -3.65 -6.35
CA GLU A 230 12.93 -4.38 -6.79
C GLU A 230 12.48 -5.62 -7.57
N LYS A 231 12.65 -5.58 -8.90
CA LYS A 231 12.42 -6.71 -9.79
C LYS A 231 13.29 -7.96 -9.38
N SER A 232 12.80 -8.69 -8.36
CA SER A 232 13.44 -9.90 -7.85
C SER A 232 13.32 -11.03 -8.89
N ILE A 233 14.36 -11.15 -9.72
CA ILE A 233 14.46 -12.16 -10.79
C ILE A 233 15.28 -13.37 -10.30
N GLU A 234 15.49 -13.43 -8.97
CA GLU A 234 16.23 -14.52 -8.31
C GLU A 234 15.47 -15.85 -8.46
N ASP A 235 15.82 -16.61 -9.52
CA ASP A 235 15.31 -17.99 -9.72
C ASP A 235 15.82 -18.88 -8.57
N ASN A 236 17.08 -18.63 -8.20
CA ASN A 236 17.74 -19.23 -7.03
C ASN A 236 16.93 -18.97 -5.73
N PRO A 237 16.68 -20.01 -4.88
CA PRO A 237 15.95 -19.85 -3.59
C PRO A 237 16.57 -18.77 -2.66
N GLU A 238 17.88 -18.85 -2.39
CA GLU A 238 18.62 -17.85 -1.56
C GLU A 238 19.95 -17.46 -2.23
N ILE A 239 20.96 -18.35 -2.12
CA ILE A 239 22.32 -18.17 -2.71
C ILE A 239 22.93 -16.78 -2.37
N GLU A 240 23.52 -16.70 -1.17
CA GLU A 240 24.16 -15.47 -0.65
C GLU A 240 25.18 -15.83 0.46
N LYS B 3 -6.15 -4.68 5.72
CA LYS B 3 -6.72 -4.48 7.09
C LYS B 3 -6.06 -3.27 7.77
N ARG B 4 -4.74 -3.19 7.76
CA ARG B 4 -4.01 -2.10 8.42
C ARG B 4 -3.49 -1.10 7.40
#